data_2VXZ
# 
_entry.id   2VXZ 
# 
_audit_conform.dict_name       mmcif_pdbx.dic 
_audit_conform.dict_version    5.398 
_audit_conform.dict_location   http://mmcif.pdb.org/dictionaries/ascii/mmcif_pdbx.dic 
# 
loop_
_database_2.database_id 
_database_2.database_code 
_database_2.pdbx_database_accession 
_database_2.pdbx_DOI 
PDB   2VXZ         pdb_00002vxz 10.2210/pdb2vxz/pdb 
PDBE  EBI-36868    ?            ?                   
WWPDB D_1290036868 ?            ?                   
# 
loop_
_pdbx_audit_revision_history.ordinal 
_pdbx_audit_revision_history.data_content_type 
_pdbx_audit_revision_history.major_revision 
_pdbx_audit_revision_history.minor_revision 
_pdbx_audit_revision_history.revision_date 
1 'Structure model' 1 0 2009-11-17 
2 'Structure model' 1 1 2011-07-13 
3 'Structure model' 1 2 2011-09-28 
4 'Structure model' 1 3 2018-01-24 
5 'Structure model' 1 4 2024-11-06 
# 
_pdbx_audit_revision_details.ordinal             1 
_pdbx_audit_revision_details.revision_ordinal    1 
_pdbx_audit_revision_details.data_content_type   'Structure model' 
_pdbx_audit_revision_details.provider            repository 
_pdbx_audit_revision_details.type                'Initial release' 
_pdbx_audit_revision_details.description         ? 
_pdbx_audit_revision_details.details             ? 
# 
loop_
_pdbx_audit_revision_group.ordinal 
_pdbx_audit_revision_group.revision_ordinal 
_pdbx_audit_revision_group.data_content_type 
_pdbx_audit_revision_group.group 
1  2 'Structure model' Advisory                    
2  2 'Structure model' 'Version format compliance' 
3  3 'Structure model' 'Database references'       
4  3 'Structure model' 'Non-polymer description'   
5  3 'Structure model' 'Structure summary'         
6  4 'Structure model' 'Source and taxonomy'       
7  5 'Structure model' 'Data collection'           
8  5 'Structure model' 'Database references'       
9  5 'Structure model' 'Derived calculations'      
10 5 'Structure model' Other                       
11 5 'Structure model' 'Structure summary'         
# 
loop_
_pdbx_audit_revision_category.ordinal 
_pdbx_audit_revision_category.revision_ordinal 
_pdbx_audit_revision_category.data_content_type 
_pdbx_audit_revision_category.category 
1 4 'Structure model' entity_src_gen            
2 5 'Structure model' chem_comp_atom            
3 5 'Structure model' chem_comp_bond            
4 5 'Structure model' database_2                
5 5 'Structure model' pdbx_database_status      
6 5 'Structure model' pdbx_entry_details        
7 5 'Structure model' pdbx_modification_feature 
8 5 'Structure model' struct_conn               
9 5 'Structure model' struct_site               
# 
loop_
_pdbx_audit_revision_item.ordinal 
_pdbx_audit_revision_item.revision_ordinal 
_pdbx_audit_revision_item.data_content_type 
_pdbx_audit_revision_item.item 
1  4 'Structure model' '_entity_src_gen.pdbx_host_org_ncbi_taxonomy_id' 
2  4 'Structure model' '_entity_src_gen.pdbx_host_org_scientific_name'  
3  4 'Structure model' '_entity_src_gen.pdbx_host_org_variant'          
4  5 'Structure model' '_database_2.pdbx_DOI'                           
5  5 'Structure model' '_database_2.pdbx_database_accession'            
6  5 'Structure model' '_pdbx_database_status.status_code_sf'           
7  5 'Structure model' '_struct_conn.pdbx_leaving_atom_flag'            
8  5 'Structure model' '_struct_site.pdbx_auth_asym_id'                 
9  5 'Structure model' '_struct_site.pdbx_auth_comp_id'                 
10 5 'Structure model' '_struct_site.pdbx_auth_seq_id'                  
# 
_pdbx_database_status.status_code                     REL 
_pdbx_database_status.entry_id                        2VXZ 
_pdbx_database_status.deposit_site                    PDBE 
_pdbx_database_status.process_site                    PDBE 
_pdbx_database_status.SG_entry                        . 
_pdbx_database_status.recvd_initial_deposition_date   2008-07-15 
_pdbx_database_status.pdb_format_compatible           Y 
_pdbx_database_status.status_code_sf                  REL 
_pdbx_database_status.status_code_mr                  ? 
_pdbx_database_status.status_code_cs                  ? 
_pdbx_database_status.methods_development_category    ? 
_pdbx_database_status.status_code_nmr_data            ? 
# 
loop_
_audit_author.name 
_audit_author.pdbx_ordinal 
'Carter, L.G.'   1 
'Johnson, K.A.'  2 
'Liu, H.'        3 
'Mcmahon, S.A.'  4 
'Oke, M.'        5 
'Naismith, J.H.' 6 
'White, M.F.'    7 
# 
_citation.id                        primary 
_citation.title                     'The Scottish Structural Proteomics Facility: Targets, Methods and Outputs.' 
_citation.journal_abbrev            J.Struct.Funct.Genomics 
_citation.journal_volume            11 
_citation.page_first                167 
_citation.page_last                 ? 
_citation.year                      2010 
_citation.journal_id_ASTM           ? 
_citation.country                   NE 
_citation.journal_id_ISSN           1345-711X 
_citation.journal_id_CSD            ? 
_citation.book_publisher            ? 
_citation.pdbx_database_id_PubMed   20419351 
_citation.pdbx_database_id_DOI      10.1007/S10969-010-9090-Y 
# 
loop_
_citation_author.citation_id 
_citation_author.name 
_citation_author.ordinal 
_citation_author.identifier_ORCID 
primary 'Oke, M.'             1  ? 
primary 'Carter, L.G.'        2  ? 
primary 'Johnson, K.A.'       3  ? 
primary 'Liu, H.'             4  ? 
primary 'Mcmahon, S.A.'       5  ? 
primary 'Yan, X.'             6  ? 
primary 'Kerou, M.'           7  ? 
primary 'Weikart, N.D.'       8  ? 
primary 'Kadi, N.'            9  ? 
primary 'Sheikh, M.A.'        10 ? 
primary 'Schmelz, S.'         11 ? 
primary 'Dorward, M.'         12 ? 
primary 'Zawadzki, M.'        13 ? 
primary 'Cozens, C.'          14 ? 
primary 'Falconer, H.'        15 ? 
primary 'Powers, H.'          16 ? 
primary 'Overton, I.M.'       17 ? 
primary 'Van Niekerk, C.A.J.' 18 ? 
primary 'Peng, X.'            19 ? 
primary 'Patel, P.'           20 ? 
primary 'Garrett, R.A.'       21 ? 
primary 'Prangishvili, D.'    22 ? 
primary 'Botting, C.H.'       23 ? 
primary 'Coote, P.J.'         24 ? 
primary 'Dryden, D.T.F.'      25 ? 
primary 'Barton, G.J.'        26 ? 
primary 'Schwarz-Linek, U.'   27 ? 
primary 'Challis, G.L.'       28 ? 
primary 'Taylor, G.L.'        29 ? 
primary 'White, M.F.'         30 ? 
primary 'Naismith, J.H.'      31 ? 
# 
loop_
_entity.id 
_entity.type 
_entity.src_method 
_entity.pdbx_description 
_entity.formula_weight 
_entity.pdbx_number_of_molecules 
_entity.pdbx_ec 
_entity.pdbx_mutation 
_entity.pdbx_fragment 
_entity.details 
1 polymer     man PYRSV_GP04     18971.852 1   ? ? ? ? 
2 non-polymer syn 'CHLORIDE ION' 35.453    1   ? ? ? ? 
3 non-polymer syn GLYCEROL       92.094    1   ? ? ? ? 
4 water       nat water          18.015    179 ? ? ? ? 
# 
_entity_poly.entity_id                      1 
_entity_poly.type                           'polypeptide(L)' 
_entity_poly.nstd_linkage                   no 
_entity_poly.nstd_monomer                   yes 
_entity_poly.pdbx_seq_one_letter_code       
;(MSE)PIGHSREVLVRLRDILALLADGCKTTSLIQQRLGLSHGRAKALIYVLEKEGRVTRVAFGNVALVCLS(MSE)DQY
RQLVDG(MSE)IREVERLVTTNKLKFISPPRLHDLIIKDPQARKFFSSIIPIAHRTAIILSFLNHLLK(MSE)IYGEPYV
KTDETVYLTANRKVHIEPPAK
;
_entity_poly.pdbx_seq_one_letter_code_can   
;MPIGHSREVLVRLRDILALLADGCKTTSLIQQRLGLSHGRAKALIYVLEKEGRVTRVAFGNVALVCLSMDQYRQLVDGMI
REVERLVTTNKLKFISPPRLHDLIIKDPQARKFFSSIIPIAHRTAIILSFLNHLLKMIYGEPYVKTDETVYLTANRKVHI
EPPAK
;
_entity_poly.pdbx_strand_id                 A 
_entity_poly.pdbx_target_identifier         ? 
# 
loop_
_pdbx_entity_nonpoly.entity_id 
_pdbx_entity_nonpoly.name 
_pdbx_entity_nonpoly.comp_id 
2 'CHLORIDE ION' CL  
3 GLYCEROL       GOL 
4 water          HOH 
# 
loop_
_entity_poly_seq.entity_id 
_entity_poly_seq.num 
_entity_poly_seq.mon_id 
_entity_poly_seq.hetero 
1 1   MSE n 
1 2   PRO n 
1 3   ILE n 
1 4   GLY n 
1 5   HIS n 
1 6   SER n 
1 7   ARG n 
1 8   GLU n 
1 9   VAL n 
1 10  LEU n 
1 11  VAL n 
1 12  ARG n 
1 13  LEU n 
1 14  ARG n 
1 15  ASP n 
1 16  ILE n 
1 17  LEU n 
1 18  ALA n 
1 19  LEU n 
1 20  LEU n 
1 21  ALA n 
1 22  ASP n 
1 23  GLY n 
1 24  CYS n 
1 25  LYS n 
1 26  THR n 
1 27  THR n 
1 28  SER n 
1 29  LEU n 
1 30  ILE n 
1 31  GLN n 
1 32  GLN n 
1 33  ARG n 
1 34  LEU n 
1 35  GLY n 
1 36  LEU n 
1 37  SER n 
1 38  HIS n 
1 39  GLY n 
1 40  ARG n 
1 41  ALA n 
1 42  LYS n 
1 43  ALA n 
1 44  LEU n 
1 45  ILE n 
1 46  TYR n 
1 47  VAL n 
1 48  LEU n 
1 49  GLU n 
1 50  LYS n 
1 51  GLU n 
1 52  GLY n 
1 53  ARG n 
1 54  VAL n 
1 55  THR n 
1 56  ARG n 
1 57  VAL n 
1 58  ALA n 
1 59  PHE n 
1 60  GLY n 
1 61  ASN n 
1 62  VAL n 
1 63  ALA n 
1 64  LEU n 
1 65  VAL n 
1 66  CYS n 
1 67  LEU n 
1 68  SER n 
1 69  MSE n 
1 70  ASP n 
1 71  GLN n 
1 72  TYR n 
1 73  ARG n 
1 74  GLN n 
1 75  LEU n 
1 76  VAL n 
1 77  ASP n 
1 78  GLY n 
1 79  MSE n 
1 80  ILE n 
1 81  ARG n 
1 82  GLU n 
1 83  VAL n 
1 84  GLU n 
1 85  ARG n 
1 86  LEU n 
1 87  VAL n 
1 88  THR n 
1 89  THR n 
1 90  ASN n 
1 91  LYS n 
1 92  LEU n 
1 93  LYS n 
1 94  PHE n 
1 95  ILE n 
1 96  SER n 
1 97  PRO n 
1 98  PRO n 
1 99  ARG n 
1 100 LEU n 
1 101 HIS n 
1 102 ASP n 
1 103 LEU n 
1 104 ILE n 
1 105 ILE n 
1 106 LYS n 
1 107 ASP n 
1 108 PRO n 
1 109 GLN n 
1 110 ALA n 
1 111 ARG n 
1 112 LYS n 
1 113 PHE n 
1 114 PHE n 
1 115 SER n 
1 116 SER n 
1 117 ILE n 
1 118 ILE n 
1 119 PRO n 
1 120 ILE n 
1 121 ALA n 
1 122 HIS n 
1 123 ARG n 
1 124 THR n 
1 125 ALA n 
1 126 ILE n 
1 127 ILE n 
1 128 LEU n 
1 129 SER n 
1 130 PHE n 
1 131 LEU n 
1 132 ASN n 
1 133 HIS n 
1 134 LEU n 
1 135 LEU n 
1 136 LYS n 
1 137 MSE n 
1 138 ILE n 
1 139 TYR n 
1 140 GLY n 
1 141 GLU n 
1 142 PRO n 
1 143 TYR n 
1 144 VAL n 
1 145 LYS n 
1 146 THR n 
1 147 ASP n 
1 148 GLU n 
1 149 THR n 
1 150 VAL n 
1 151 TYR n 
1 152 LEU n 
1 153 THR n 
1 154 ALA n 
1 155 ASN n 
1 156 ARG n 
1 157 LYS n 
1 158 VAL n 
1 159 HIS n 
1 160 ILE n 
1 161 GLU n 
1 162 PRO n 
1 163 PRO n 
1 164 ALA n 
1 165 LYS n 
# 
_entity_src_gen.entity_id                          1 
_entity_src_gen.pdbx_src_id                        1 
_entity_src_gen.pdbx_alt_source_flag               sample 
_entity_src_gen.pdbx_seq_type                      ? 
_entity_src_gen.pdbx_beg_seq_num                   ? 
_entity_src_gen.pdbx_end_seq_num                   ? 
_entity_src_gen.gene_src_common_name               ? 
_entity_src_gen.gene_src_genus                     ? 
_entity_src_gen.pdbx_gene_src_gene                 ? 
_entity_src_gen.gene_src_species                   ? 
_entity_src_gen.gene_src_strain                    ? 
_entity_src_gen.gene_src_tissue                    ? 
_entity_src_gen.gene_src_tissue_fraction           ? 
_entity_src_gen.gene_src_details                   ? 
_entity_src_gen.pdbx_gene_src_fragment             ? 
_entity_src_gen.pdbx_gene_src_scientific_name      'PYROBACULUM SPHERICAL VIRUS' 
_entity_src_gen.pdbx_gene_src_ncbi_taxonomy_id     270161 
_entity_src_gen.pdbx_gene_src_variant              ? 
_entity_src_gen.pdbx_gene_src_cell_line            ? 
_entity_src_gen.pdbx_gene_src_atcc                 ? 
_entity_src_gen.pdbx_gene_src_organ                ? 
_entity_src_gen.pdbx_gene_src_organelle            ? 
_entity_src_gen.pdbx_gene_src_cell                 ? 
_entity_src_gen.pdbx_gene_src_cellular_location    ? 
_entity_src_gen.host_org_common_name               ? 
_entity_src_gen.pdbx_host_org_scientific_name      'ESCHERICHIA COLI BL21(DE3)' 
_entity_src_gen.pdbx_host_org_ncbi_taxonomy_id     469008 
_entity_src_gen.host_org_genus                     ? 
_entity_src_gen.pdbx_host_org_gene                 ? 
_entity_src_gen.pdbx_host_org_organ                ? 
_entity_src_gen.host_org_species                   ? 
_entity_src_gen.pdbx_host_org_tissue               ? 
_entity_src_gen.pdbx_host_org_tissue_fraction      ? 
_entity_src_gen.pdbx_host_org_strain               ? 
_entity_src_gen.pdbx_host_org_variant              C43 
_entity_src_gen.pdbx_host_org_cell_line            ? 
_entity_src_gen.pdbx_host_org_atcc                 ? 
_entity_src_gen.pdbx_host_org_culture_collection   ? 
_entity_src_gen.pdbx_host_org_cell                 ? 
_entity_src_gen.pdbx_host_org_organelle            ? 
_entity_src_gen.pdbx_host_org_cellular_location    ? 
_entity_src_gen.pdbx_host_org_vector_type          ? 
_entity_src_gen.pdbx_host_org_vector               ? 
_entity_src_gen.host_org_details                   ? 
_entity_src_gen.expression_system_id               ? 
_entity_src_gen.plasmid_name                       PDEST14 
_entity_src_gen.plasmid_details                    ? 
_entity_src_gen.pdbx_description                   ? 
# 
loop_
_chem_comp.id 
_chem_comp.type 
_chem_comp.mon_nstd_flag 
_chem_comp.name 
_chem_comp.pdbx_synonyms 
_chem_comp.formula 
_chem_comp.formula_weight 
ALA 'L-peptide linking' y ALANINE          ?                               'C3 H7 N O2'     89.093  
ARG 'L-peptide linking' y ARGININE         ?                               'C6 H15 N4 O2 1' 175.209 
ASN 'L-peptide linking' y ASPARAGINE       ?                               'C4 H8 N2 O3'    132.118 
ASP 'L-peptide linking' y 'ASPARTIC ACID'  ?                               'C4 H7 N O4'     133.103 
CL  non-polymer         . 'CHLORIDE ION'   ?                               'Cl -1'          35.453  
CYS 'L-peptide linking' y CYSTEINE         ?                               'C3 H7 N O2 S'   121.158 
GLN 'L-peptide linking' y GLUTAMINE        ?                               'C5 H10 N2 O3'   146.144 
GLU 'L-peptide linking' y 'GLUTAMIC ACID'  ?                               'C5 H9 N O4'     147.129 
GLY 'peptide linking'   y GLYCINE          ?                               'C2 H5 N O2'     75.067  
GOL non-polymer         . GLYCEROL         'GLYCERIN; PROPANE-1,2,3-TRIOL' 'C3 H8 O3'       92.094  
HIS 'L-peptide linking' y HISTIDINE        ?                               'C6 H10 N3 O2 1' 156.162 
HOH non-polymer         . WATER            ?                               'H2 O'           18.015  
ILE 'L-peptide linking' y ISOLEUCINE       ?                               'C6 H13 N O2'    131.173 
LEU 'L-peptide linking' y LEUCINE          ?                               'C6 H13 N O2'    131.173 
LYS 'L-peptide linking' y LYSINE           ?                               'C6 H15 N2 O2 1' 147.195 
MSE 'L-peptide linking' n SELENOMETHIONINE ?                               'C5 H11 N O2 Se' 196.106 
PHE 'L-peptide linking' y PHENYLALANINE    ?                               'C9 H11 N O2'    165.189 
PRO 'L-peptide linking' y PROLINE          ?                               'C5 H9 N O2'     115.130 
SER 'L-peptide linking' y SERINE           ?                               'C3 H7 N O3'     105.093 
THR 'L-peptide linking' y THREONINE        ?                               'C4 H9 N O3'     119.119 
TYR 'L-peptide linking' y TYROSINE         ?                               'C9 H11 N O3'    181.189 
VAL 'L-peptide linking' y VALINE           ?                               'C5 H11 N O2'    117.146 
# 
loop_
_pdbx_poly_seq_scheme.asym_id 
_pdbx_poly_seq_scheme.entity_id 
_pdbx_poly_seq_scheme.seq_id 
_pdbx_poly_seq_scheme.mon_id 
_pdbx_poly_seq_scheme.ndb_seq_num 
_pdbx_poly_seq_scheme.pdb_seq_num 
_pdbx_poly_seq_scheme.auth_seq_num 
_pdbx_poly_seq_scheme.pdb_mon_id 
_pdbx_poly_seq_scheme.auth_mon_id 
_pdbx_poly_seq_scheme.pdb_strand_id 
_pdbx_poly_seq_scheme.pdb_ins_code 
_pdbx_poly_seq_scheme.hetero 
A 1 1   MSE 1   1   ?   ?   ?   A . n 
A 1 2   PRO 2   2   ?   ?   ?   A . n 
A 1 3   ILE 3   3   ?   ?   ?   A . n 
A 1 4   GLY 4   4   ?   ?   ?   A . n 
A 1 5   HIS 5   5   5   HIS HIS A . n 
A 1 6   SER 6   6   6   SER SER A . n 
A 1 7   ARG 7   7   7   ARG ARG A . n 
A 1 8   GLU 8   8   8   GLU GLU A . n 
A 1 9   VAL 9   9   9   VAL VAL A . n 
A 1 10  LEU 10  10  10  LEU LEU A . n 
A 1 11  VAL 11  11  11  VAL VAL A . n 
A 1 12  ARG 12  12  12  ARG ARG A . n 
A 1 13  LEU 13  13  13  LEU LEU A . n 
A 1 14  ARG 14  14  14  ARG ARG A . n 
A 1 15  ASP 15  15  15  ASP ASP A . n 
A 1 16  ILE 16  16  16  ILE ILE A . n 
A 1 17  LEU 17  17  17  LEU LEU A . n 
A 1 18  ALA 18  18  18  ALA ALA A . n 
A 1 19  LEU 19  19  19  LEU LEU A . n 
A 1 20  LEU 20  20  20  LEU LEU A . n 
A 1 21  ALA 21  21  21  ALA ALA A . n 
A 1 22  ASP 22  22  22  ASP ASP A . n 
A 1 23  GLY 23  23  23  GLY GLY A . n 
A 1 24  CYS 24  24  24  CYS CYS A . n 
A 1 25  LYS 25  25  25  LYS LYS A . n 
A 1 26  THR 26  26  26  THR THR A . n 
A 1 27  THR 27  27  27  THR THR A . n 
A 1 28  SER 28  28  28  SER SER A . n 
A 1 29  LEU 29  29  29  LEU LEU A . n 
A 1 30  ILE 30  30  30  ILE ILE A . n 
A 1 31  GLN 31  31  31  GLN GLN A . n 
A 1 32  GLN 32  32  32  GLN GLN A . n 
A 1 33  ARG 33  33  33  ARG ARG A . n 
A 1 34  LEU 34  34  34  LEU LEU A . n 
A 1 35  GLY 35  35  35  GLY GLY A . n 
A 1 36  LEU 36  36  36  LEU LEU A . n 
A 1 37  SER 37  37  37  SER SER A . n 
A 1 38  HIS 38  38  38  HIS HIS A . n 
A 1 39  GLY 39  39  39  GLY GLY A . n 
A 1 40  ARG 40  40  40  ARG ARG A . n 
A 1 41  ALA 41  41  41  ALA ALA A . n 
A 1 42  LYS 42  42  42  LYS LYS A . n 
A 1 43  ALA 43  43  43  ALA ALA A . n 
A 1 44  LEU 44  44  44  LEU LEU A . n 
A 1 45  ILE 45  45  45  ILE ILE A . n 
A 1 46  TYR 46  46  46  TYR TYR A . n 
A 1 47  VAL 47  47  47  VAL VAL A . n 
A 1 48  LEU 48  48  48  LEU LEU A . n 
A 1 49  GLU 49  49  49  GLU GLU A . n 
A 1 50  LYS 50  50  50  LYS LYS A . n 
A 1 51  GLU 51  51  51  GLU GLU A . n 
A 1 52  GLY 52  52  52  GLY GLY A . n 
A 1 53  ARG 53  53  53  ARG ARG A . n 
A 1 54  VAL 54  54  54  VAL VAL A . n 
A 1 55  THR 55  55  55  THR THR A . n 
A 1 56  ARG 56  56  56  ARG ARG A . n 
A 1 57  VAL 57  57  57  VAL VAL A . n 
A 1 58  ALA 58  58  58  ALA ALA A . n 
A 1 59  PHE 59  59  59  PHE PHE A . n 
A 1 60  GLY 60  60  60  GLY GLY A . n 
A 1 61  ASN 61  61  61  ASN ASN A . n 
A 1 62  VAL 62  62  62  VAL VAL A . n 
A 1 63  ALA 63  63  63  ALA ALA A . n 
A 1 64  LEU 64  64  64  LEU LEU A . n 
A 1 65  VAL 65  65  65  VAL VAL A . n 
A 1 66  CYS 66  66  66  CYS CYS A . n 
A 1 67  LEU 67  67  67  LEU LEU A . n 
A 1 68  SER 68  68  68  SER SER A . n 
A 1 69  MSE 69  69  69  MSE MSE A . n 
A 1 70  ASP 70  70  70  ASP ASP A . n 
A 1 71  GLN 71  71  71  GLN GLN A . n 
A 1 72  TYR 72  72  72  TYR TYR A . n 
A 1 73  ARG 73  73  73  ARG ARG A . n 
A 1 74  GLN 74  74  74  GLN GLN A . n 
A 1 75  LEU 75  75  75  LEU LEU A . n 
A 1 76  VAL 76  76  76  VAL VAL A . n 
A 1 77  ASP 77  77  77  ASP ASP A . n 
A 1 78  GLY 78  78  78  GLY GLY A . n 
A 1 79  MSE 79  79  79  MSE MSE A . n 
A 1 80  ILE 80  80  80  ILE ILE A . n 
A 1 81  ARG 81  81  81  ARG ARG A . n 
A 1 82  GLU 82  82  82  GLU GLU A . n 
A 1 83  VAL 83  83  83  VAL VAL A . n 
A 1 84  GLU 84  84  84  GLU GLU A . n 
A 1 85  ARG 85  85  85  ARG ARG A . n 
A 1 86  LEU 86  86  86  LEU LEU A . n 
A 1 87  VAL 87  87  87  VAL VAL A . n 
A 1 88  THR 88  88  88  THR THR A . n 
A 1 89  THR 89  89  89  THR THR A . n 
A 1 90  ASN 90  90  90  ASN ASN A . n 
A 1 91  LYS 91  91  91  LYS LYS A . n 
A 1 92  LEU 92  92  92  LEU LEU A . n 
A 1 93  LYS 93  93  93  LYS LYS A . n 
A 1 94  PHE 94  94  94  PHE PHE A . n 
A 1 95  ILE 95  95  95  ILE ILE A . n 
A 1 96  SER 96  96  96  SER SER A . n 
A 1 97  PRO 97  97  97  PRO PRO A . n 
A 1 98  PRO 98  98  98  PRO PRO A . n 
A 1 99  ARG 99  99  99  ARG ARG A . n 
A 1 100 LEU 100 100 100 LEU LEU A . n 
A 1 101 HIS 101 101 101 HIS HIS A . n 
A 1 102 ASP 102 102 102 ASP ASP A . n 
A 1 103 LEU 103 103 103 LEU LEU A . n 
A 1 104 ILE 104 104 104 ILE ILE A . n 
A 1 105 ILE 105 105 105 ILE ILE A . n 
A 1 106 LYS 106 106 106 LYS LYS A . n 
A 1 107 ASP 107 107 107 ASP ASP A . n 
A 1 108 PRO 108 108 108 PRO PRO A . n 
A 1 109 GLN 109 109 109 GLN GLN A . n 
A 1 110 ALA 110 110 110 ALA ALA A . n 
A 1 111 ARG 111 111 111 ARG ARG A . n 
A 1 112 LYS 112 112 112 LYS LYS A . n 
A 1 113 PHE 113 113 113 PHE PHE A . n 
A 1 114 PHE 114 114 114 PHE PHE A . n 
A 1 115 SER 115 115 115 SER SER A . n 
A 1 116 SER 116 116 116 SER SER A . n 
A 1 117 ILE 117 117 117 ILE ILE A . n 
A 1 118 ILE 118 118 118 ILE ILE A . n 
A 1 119 PRO 119 119 119 PRO PRO A . n 
A 1 120 ILE 120 120 120 ILE ILE A . n 
A 1 121 ALA 121 121 121 ALA ALA A . n 
A 1 122 HIS 122 122 122 HIS HIS A . n 
A 1 123 ARG 123 123 123 ARG ARG A . n 
A 1 124 THR 124 124 124 THR THR A . n 
A 1 125 ALA 125 125 125 ALA ALA A . n 
A 1 126 ILE 126 126 126 ILE ILE A . n 
A 1 127 ILE 127 127 127 ILE ILE A . n 
A 1 128 LEU 128 128 128 LEU LEU A . n 
A 1 129 SER 129 129 129 SER SER A . n 
A 1 130 PHE 130 130 130 PHE PHE A . n 
A 1 131 LEU 131 131 131 LEU LEU A . n 
A 1 132 ASN 132 132 132 ASN ASN A . n 
A 1 133 HIS 133 133 133 HIS HIS A . n 
A 1 134 LEU 134 134 134 LEU LEU A . n 
A 1 135 LEU 135 135 135 LEU LEU A . n 
A 1 136 LYS 136 136 136 LYS LYS A . n 
A 1 137 MSE 137 137 137 MSE MSE A . n 
A 1 138 ILE 138 138 138 ILE ILE A . n 
A 1 139 TYR 139 139 139 TYR TYR A . n 
A 1 140 GLY 140 140 140 GLY GLY A . n 
A 1 141 GLU 141 141 141 GLU GLU A . n 
A 1 142 PRO 142 142 142 PRO PRO A . n 
A 1 143 TYR 143 143 143 TYR TYR A . n 
A 1 144 VAL 144 144 144 VAL VAL A . n 
A 1 145 LYS 145 145 145 LYS LYS A . n 
A 1 146 THR 146 146 146 THR THR A . n 
A 1 147 ASP 147 147 147 ASP ASP A . n 
A 1 148 GLU 148 148 148 GLU GLU A . n 
A 1 149 THR 149 149 149 THR THR A . n 
A 1 150 VAL 150 150 150 VAL VAL A . n 
A 1 151 TYR 151 151 151 TYR TYR A . n 
A 1 152 LEU 152 152 152 LEU LEU A . n 
A 1 153 THR 153 153 153 THR THR A . n 
A 1 154 ALA 154 154 154 ALA ALA A . n 
A 1 155 ASN 155 155 155 ASN ASN A . n 
A 1 156 ARG 156 156 156 ARG ARG A . n 
A 1 157 LYS 157 157 157 LYS LYS A . n 
A 1 158 VAL 158 158 ?   ?   ?   A . n 
A 1 159 HIS 159 159 ?   ?   ?   A . n 
A 1 160 ILE 160 160 ?   ?   ?   A . n 
A 1 161 GLU 161 161 ?   ?   ?   A . n 
A 1 162 PRO 162 162 ?   ?   ?   A . n 
A 1 163 PRO 163 163 ?   ?   ?   A . n 
A 1 164 ALA 164 164 ?   ?   ?   A . n 
A 1 165 LYS 165 165 ?   ?   ?   A . n 
# 
loop_
_pdbx_nonpoly_scheme.asym_id 
_pdbx_nonpoly_scheme.entity_id 
_pdbx_nonpoly_scheme.mon_id 
_pdbx_nonpoly_scheme.ndb_seq_num 
_pdbx_nonpoly_scheme.pdb_seq_num 
_pdbx_nonpoly_scheme.auth_seq_num 
_pdbx_nonpoly_scheme.pdb_mon_id 
_pdbx_nonpoly_scheme.auth_mon_id 
_pdbx_nonpoly_scheme.pdb_strand_id 
_pdbx_nonpoly_scheme.pdb_ins_code 
B 2 CL  1   1158 1158 CL  CL  A . 
C 3 GOL 1   1159 1159 GOL GOL A . 
D 4 HOH 1   2001 2001 HOH HOH A . 
D 4 HOH 2   2002 2002 HOH HOH A . 
D 4 HOH 3   2003 2003 HOH HOH A . 
D 4 HOH 4   2004 2004 HOH HOH A . 
D 4 HOH 5   2005 2005 HOH HOH A . 
D 4 HOH 6   2006 2006 HOH HOH A . 
D 4 HOH 7   2007 2007 HOH HOH A . 
D 4 HOH 8   2008 2008 HOH HOH A . 
D 4 HOH 9   2009 2009 HOH HOH A . 
D 4 HOH 10  2010 2010 HOH HOH A . 
D 4 HOH 11  2011 2011 HOH HOH A . 
D 4 HOH 12  2012 2012 HOH HOH A . 
D 4 HOH 13  2013 2013 HOH HOH A . 
D 4 HOH 14  2014 2014 HOH HOH A . 
D 4 HOH 15  2015 2015 HOH HOH A . 
D 4 HOH 16  2016 2016 HOH HOH A . 
D 4 HOH 17  2017 2017 HOH HOH A . 
D 4 HOH 18  2018 2018 HOH HOH A . 
D 4 HOH 19  2019 2019 HOH HOH A . 
D 4 HOH 20  2020 2020 HOH HOH A . 
D 4 HOH 21  2021 2021 HOH HOH A . 
D 4 HOH 22  2022 2022 HOH HOH A . 
D 4 HOH 23  2023 2023 HOH HOH A . 
D 4 HOH 24  2024 2024 HOH HOH A . 
D 4 HOH 25  2025 2025 HOH HOH A . 
D 4 HOH 26  2026 2026 HOH HOH A . 
D 4 HOH 27  2027 2027 HOH HOH A . 
D 4 HOH 28  2028 2028 HOH HOH A . 
D 4 HOH 29  2029 2029 HOH HOH A . 
D 4 HOH 30  2030 2030 HOH HOH A . 
D 4 HOH 31  2031 2031 HOH HOH A . 
D 4 HOH 32  2032 2032 HOH HOH A . 
D 4 HOH 33  2033 2033 HOH HOH A . 
D 4 HOH 34  2034 2034 HOH HOH A . 
D 4 HOH 35  2035 2035 HOH HOH A . 
D 4 HOH 36  2036 2036 HOH HOH A . 
D 4 HOH 37  2037 2037 HOH HOH A . 
D 4 HOH 38  2038 2038 HOH HOH A . 
D 4 HOH 39  2039 2039 HOH HOH A . 
D 4 HOH 40  2040 2040 HOH HOH A . 
D 4 HOH 41  2041 2041 HOH HOH A . 
D 4 HOH 42  2042 2042 HOH HOH A . 
D 4 HOH 43  2043 2043 HOH HOH A . 
D 4 HOH 44  2044 2044 HOH HOH A . 
D 4 HOH 45  2045 2045 HOH HOH A . 
D 4 HOH 46  2046 2046 HOH HOH A . 
D 4 HOH 47  2047 2047 HOH HOH A . 
D 4 HOH 48  2048 2048 HOH HOH A . 
D 4 HOH 49  2049 2049 HOH HOH A . 
D 4 HOH 50  2050 2050 HOH HOH A . 
D 4 HOH 51  2051 2051 HOH HOH A . 
D 4 HOH 52  2052 2052 HOH HOH A . 
D 4 HOH 53  2053 2053 HOH HOH A . 
D 4 HOH 54  2054 2054 HOH HOH A . 
D 4 HOH 55  2055 2055 HOH HOH A . 
D 4 HOH 56  2056 2056 HOH HOH A . 
D 4 HOH 57  2057 2057 HOH HOH A . 
D 4 HOH 58  2058 2058 HOH HOH A . 
D 4 HOH 59  2059 2059 HOH HOH A . 
D 4 HOH 60  2060 2060 HOH HOH A . 
D 4 HOH 61  2061 2061 HOH HOH A . 
D 4 HOH 62  2062 2062 HOH HOH A . 
D 4 HOH 63  2063 2063 HOH HOH A . 
D 4 HOH 64  2064 2064 HOH HOH A . 
D 4 HOH 65  2065 2065 HOH HOH A . 
D 4 HOH 66  2066 2066 HOH HOH A . 
D 4 HOH 67  2067 2067 HOH HOH A . 
D 4 HOH 68  2068 2068 HOH HOH A . 
D 4 HOH 69  2069 2069 HOH HOH A . 
D 4 HOH 70  2070 2070 HOH HOH A . 
D 4 HOH 71  2071 2071 HOH HOH A . 
D 4 HOH 72  2072 2072 HOH HOH A . 
D 4 HOH 73  2073 2073 HOH HOH A . 
D 4 HOH 74  2074 2074 HOH HOH A . 
D 4 HOH 75  2075 2075 HOH HOH A . 
D 4 HOH 76  2076 2076 HOH HOH A . 
D 4 HOH 77  2077 2077 HOH HOH A . 
D 4 HOH 78  2078 2078 HOH HOH A . 
D 4 HOH 79  2079 2079 HOH HOH A . 
D 4 HOH 80  2080 2080 HOH HOH A . 
D 4 HOH 81  2081 2081 HOH HOH A . 
D 4 HOH 82  2082 2082 HOH HOH A . 
D 4 HOH 83  2083 2083 HOH HOH A . 
D 4 HOH 84  2084 2084 HOH HOH A . 
D 4 HOH 85  2085 2085 HOH HOH A . 
D 4 HOH 86  2086 2086 HOH HOH A . 
D 4 HOH 87  2087 2087 HOH HOH A . 
D 4 HOH 88  2088 2088 HOH HOH A . 
D 4 HOH 89  2089 2089 HOH HOH A . 
D 4 HOH 90  2090 2090 HOH HOH A . 
D 4 HOH 91  2091 2091 HOH HOH A . 
D 4 HOH 92  2092 2092 HOH HOH A . 
D 4 HOH 93  2093 2093 HOH HOH A . 
D 4 HOH 94  2094 2094 HOH HOH A . 
D 4 HOH 95  2095 2095 HOH HOH A . 
D 4 HOH 96  2096 2096 HOH HOH A . 
D 4 HOH 97  2097 2097 HOH HOH A . 
D 4 HOH 98  2098 2098 HOH HOH A . 
D 4 HOH 99  2099 2099 HOH HOH A . 
D 4 HOH 100 2100 2100 HOH HOH A . 
D 4 HOH 101 2101 2101 HOH HOH A . 
D 4 HOH 102 2102 2102 HOH HOH A . 
D 4 HOH 103 2103 2103 HOH HOH A . 
D 4 HOH 104 2104 2104 HOH HOH A . 
D 4 HOH 105 2105 2105 HOH HOH A . 
D 4 HOH 106 2106 2106 HOH HOH A . 
D 4 HOH 107 2107 2107 HOH HOH A . 
D 4 HOH 108 2108 2108 HOH HOH A . 
D 4 HOH 109 2109 2109 HOH HOH A . 
D 4 HOH 110 2110 2110 HOH HOH A . 
D 4 HOH 111 2111 2111 HOH HOH A . 
D 4 HOH 112 2112 2112 HOH HOH A . 
D 4 HOH 113 2113 2113 HOH HOH A . 
D 4 HOH 114 2114 2114 HOH HOH A . 
D 4 HOH 115 2115 2115 HOH HOH A . 
D 4 HOH 116 2116 2116 HOH HOH A . 
D 4 HOH 117 2117 2117 HOH HOH A . 
D 4 HOH 118 2118 2118 HOH HOH A . 
D 4 HOH 119 2119 2119 HOH HOH A . 
D 4 HOH 120 2120 2120 HOH HOH A . 
D 4 HOH 121 2121 2121 HOH HOH A . 
D 4 HOH 122 2122 2122 HOH HOH A . 
D 4 HOH 123 2123 2123 HOH HOH A . 
D 4 HOH 124 2124 2124 HOH HOH A . 
D 4 HOH 125 2125 2125 HOH HOH A . 
D 4 HOH 126 2126 2126 HOH HOH A . 
D 4 HOH 127 2127 2127 HOH HOH A . 
D 4 HOH 128 2128 2128 HOH HOH A . 
D 4 HOH 129 2129 2129 HOH HOH A . 
D 4 HOH 130 2130 2130 HOH HOH A . 
D 4 HOH 131 2131 2131 HOH HOH A . 
D 4 HOH 132 2132 2132 HOH HOH A . 
D 4 HOH 133 2133 2133 HOH HOH A . 
D 4 HOH 134 2134 2134 HOH HOH A . 
D 4 HOH 135 2135 2135 HOH HOH A . 
D 4 HOH 136 2136 2136 HOH HOH A . 
D 4 HOH 137 2137 2137 HOH HOH A . 
D 4 HOH 138 2138 2138 HOH HOH A . 
D 4 HOH 139 2139 2139 HOH HOH A . 
D 4 HOH 140 2140 2140 HOH HOH A . 
D 4 HOH 141 2141 2141 HOH HOH A . 
D 4 HOH 142 2142 2142 HOH HOH A . 
D 4 HOH 143 2143 2143 HOH HOH A . 
D 4 HOH 144 2144 2144 HOH HOH A . 
D 4 HOH 145 2145 2145 HOH HOH A . 
D 4 HOH 146 2146 2146 HOH HOH A . 
D 4 HOH 147 2147 2147 HOH HOH A . 
D 4 HOH 148 2148 2148 HOH HOH A . 
D 4 HOH 149 2149 2149 HOH HOH A . 
D 4 HOH 150 2150 2150 HOH HOH A . 
D 4 HOH 151 2151 2151 HOH HOH A . 
D 4 HOH 152 2152 2152 HOH HOH A . 
D 4 HOH 153 2153 2153 HOH HOH A . 
D 4 HOH 154 2154 2154 HOH HOH A . 
D 4 HOH 155 2155 2155 HOH HOH A . 
D 4 HOH 156 2156 2156 HOH HOH A . 
D 4 HOH 157 2157 2157 HOH HOH A . 
D 4 HOH 158 2158 2158 HOH HOH A . 
D 4 HOH 159 2159 2159 HOH HOH A . 
D 4 HOH 160 2160 2160 HOH HOH A . 
D 4 HOH 161 2161 2161 HOH HOH A . 
D 4 HOH 162 2162 2162 HOH HOH A . 
D 4 HOH 163 2163 2163 HOH HOH A . 
D 4 HOH 164 2164 2164 HOH HOH A . 
D 4 HOH 165 2165 2165 HOH HOH A . 
D 4 HOH 166 2166 2166 HOH HOH A . 
D 4 HOH 167 2167 2167 HOH HOH A . 
D 4 HOH 168 2168 2168 HOH HOH A . 
D 4 HOH 169 2169 2169 HOH HOH A . 
D 4 HOH 170 2170 2170 HOH HOH A . 
D 4 HOH 171 2171 2171 HOH HOH A . 
D 4 HOH 172 2172 2172 HOH HOH A . 
D 4 HOH 173 2173 2173 HOH HOH A . 
D 4 HOH 174 2174 2174 HOH HOH A . 
D 4 HOH 175 2175 2175 HOH HOH A . 
D 4 HOH 176 2176 2176 HOH HOH A . 
D 4 HOH 177 2177 2177 HOH HOH A . 
D 4 HOH 178 2178 2178 HOH HOH A . 
D 4 HOH 179 2179 2179 HOH HOH A . 
# 
loop_
_software.name 
_software.classification 
_software.version 
_software.citation_id 
_software.pdbx_ordinal 
REFMAC refinement       5.2.0019 ? 1 
XDS    'data reduction' .        ? 2 
XSCALE 'data scaling'   .        ? 3 
SHELX  phasing          .        ? 4 
# 
_cell.entry_id           2VXZ 
_cell.length_a           39.753 
_cell.length_b           46.654 
_cell.length_c           81.363 
_cell.angle_alpha        90.00 
_cell.angle_beta         90.00 
_cell.angle_gamma        90.00 
_cell.Z_PDB              4 
_cell.pdbx_unique_axis   ? 
# 
_symmetry.entry_id                         2VXZ 
_symmetry.space_group_name_H-M             'P 21 21 21' 
_symmetry.pdbx_full_space_group_name_H-M   ? 
_symmetry.cell_setting                     ? 
_symmetry.Int_Tables_number                19 
# 
_exptl.entry_id          2VXZ 
_exptl.method            'X-RAY DIFFRACTION' 
_exptl.crystals_number   1 
# 
_exptl_crystal.id                    1 
_exptl_crystal.density_meas          ? 
_exptl_crystal.density_Matthews      1.93 
_exptl_crystal.density_percent_sol   36 
_exptl_crystal.description           'PEAK COLLECTED ON BM14.' 
# 
_exptl_crystal_grow.crystal_id      1 
_exptl_crystal_grow.method          ? 
_exptl_crystal_grow.temp            ? 
_exptl_crystal_grow.temp_details    ? 
_exptl_crystal_grow.pH              6.5 
_exptl_crystal_grow.pdbx_pH_range   ? 
_exptl_crystal_grow.pdbx_details    '1.8M NACL, 0.112M KH2PI, 0.112M NAH2PI, 0.1M MES, PH6.5' 
# 
_diffrn.id                     1 
_diffrn.ambient_temp           100 
_diffrn.ambient_temp_details   ? 
_diffrn.crystal_id             1 
# 
_diffrn_detector.diffrn_id              1 
_diffrn_detector.detector               CCD 
_diffrn_detector.type                   'ADSC Q4R' 
_diffrn_detector.pdbx_collection_date   2007-04-30 
_diffrn_detector.details                MIRROR 
# 
_diffrn_radiation.diffrn_id                        1 
_diffrn_radiation.wavelength_id                    1 
_diffrn_radiation.pdbx_monochromatic_or_laue_m_l   M 
_diffrn_radiation.monochromator                    'DIAMOND (111), GE(220)' 
_diffrn_radiation.pdbx_diffrn_protocol             MAD 
_diffrn_radiation.pdbx_scattering_type             x-ray 
# 
_diffrn_radiation_wavelength.id           1 
_diffrn_radiation_wavelength.wavelength   0.931 
_diffrn_radiation_wavelength.wt           1.0 
# 
_diffrn_source.diffrn_id                   1 
_diffrn_source.source                      SYNCHROTRON 
_diffrn_source.type                        'ESRF BEAMLINE ID14-3' 
_diffrn_source.pdbx_synchrotron_site       ESRF 
_diffrn_source.pdbx_synchrotron_beamline   ID14-3 
_diffrn_source.pdbx_wavelength             0.931 
_diffrn_source.pdbx_wavelength_list        ? 
# 
_reflns.pdbx_diffrn_id               1 
_reflns.pdbx_ordinal                 1 
_reflns.entry_id                     2VXZ 
_reflns.observed_criterion_sigma_I   3.0 
_reflns.observed_criterion_sigma_F   ? 
_reflns.d_resolution_low             30.00 
_reflns.d_resolution_high            1.70 
_reflns.number_obs                   16318 
_reflns.number_all                   ? 
_reflns.percent_possible_obs         99.1 
_reflns.pdbx_Rmerge_I_obs            0.76 
_reflns.pdbx_Rsym_value              ? 
_reflns.pdbx_netI_over_sigmaI        11.57 
_reflns.B_iso_Wilson_estimate        ? 
_reflns.pdbx_redundancy              2.76 
# 
_reflns_shell.pdbx_diffrn_id         1 
_reflns_shell.pdbx_ordinal           1 
_reflns_shell.d_res_high             1.70 
_reflns_shell.d_res_low              1.80 
_reflns_shell.percent_possible_all   99.1 
_reflns_shell.Rmerge_I_obs           0.51 
_reflns_shell.pdbx_Rsym_value        ? 
_reflns_shell.meanI_over_sigI_obs    2.26 
_reflns_shell.pdbx_redundancy        2.71 
# 
_refine.pdbx_refine_id                           'X-RAY DIFFRACTION' 
_refine.entry_id                                 2VXZ 
_refine.pdbx_diffrn_id                           1 
_refine.pdbx_TLS_residual_ADP_flag               'LIKELY RESIDUAL' 
_refine.ls_number_reflns_obs                     16318 
_refine.ls_number_reflns_all                     ? 
_refine.pdbx_ls_sigma_I                          ? 
_refine.pdbx_ls_sigma_F                          ? 
_refine.pdbx_data_cutoff_high_absF               ? 
_refine.pdbx_data_cutoff_low_absF                ? 
_refine.pdbx_data_cutoff_high_rms_absF           ? 
_refine.ls_d_res_low                             28.43 
_refine.ls_d_res_high                            1.70 
_refine.ls_percent_reflns_obs                    99.6 
_refine.ls_R_factor_obs                          0.185 
_refine.ls_R_factor_all                          ? 
_refine.ls_R_factor_R_work                       0.183 
_refine.ls_R_factor_R_free                       0.227 
_refine.ls_R_factor_R_free_error                 ? 
_refine.ls_R_factor_R_free_error_details         ? 
_refine.ls_percent_reflns_R_free                 5.100 
_refine.ls_number_reflns_R_free                  871 
_refine.ls_number_parameters                     ? 
_refine.ls_number_restraints                     ? 
_refine.occupancy_min                            ? 
_refine.occupancy_max                            ? 
_refine.correlation_coeff_Fo_to_Fc               0.953 
_refine.correlation_coeff_Fo_to_Fc_free          0.942 
_refine.B_iso_mean                               19.65 
_refine.aniso_B[1][1]                            0.07000 
_refine.aniso_B[2][2]                            -0.14000 
_refine.aniso_B[3][3]                            0.07000 
_refine.aniso_B[1][2]                            0.00000 
_refine.aniso_B[1][3]                            0.00000 
_refine.aniso_B[2][3]                            0.00000 
_refine.solvent_model_details                    'BABINET MODEL WITH MASK' 
_refine.solvent_model_param_ksol                 ? 
_refine.solvent_model_param_bsol                 ? 
_refine.pdbx_solvent_vdw_probe_radii             1.40 
_refine.pdbx_solvent_ion_probe_radii             0.80 
_refine.pdbx_solvent_shrinkage_radii             0.80 
_refine.pdbx_ls_cross_valid_method               THROUGHOUT 
_refine.details                                  'HYDROGENS HAVE BEEN ADDED IN THE RIDING POSITIONS.' 
_refine.pdbx_starting_model                      NONE 
_refine.pdbx_method_to_determine_struct          MAD 
_refine.pdbx_isotropic_thermal_model             ? 
_refine.pdbx_stereochemistry_target_values       'MAXIMUM LIKELIHOOD' 
_refine.pdbx_stereochem_target_val_spec_case     ? 
_refine.pdbx_R_Free_selection_details            RANDOM 
_refine.pdbx_overall_ESU_R                       0.116 
_refine.pdbx_overall_ESU_R_Free                  0.116 
_refine.overall_SU_ML                            0.081 
_refine.pdbx_overall_phase_error                 ? 
_refine.overall_SU_B                             4.804 
_refine.overall_SU_R_Cruickshank_DPI             ? 
_refine.pdbx_overall_SU_R_free_Cruickshank_DPI   ? 
_refine.pdbx_overall_SU_R_Blow_DPI               ? 
_refine.pdbx_overall_SU_R_free_Blow_DPI          ? 
# 
_refine_hist.pdbx_refine_id                   'X-RAY DIFFRACTION' 
_refine_hist.cycle_id                         LAST 
_refine_hist.pdbx_number_atoms_protein        1229 
_refine_hist.pdbx_number_atoms_nucleic_acid   0 
_refine_hist.pdbx_number_atoms_ligand         7 
_refine_hist.number_atoms_solvent             179 
_refine_hist.number_atoms_total               1415 
_refine_hist.d_res_high                       1.70 
_refine_hist.d_res_low                        28.43 
# 
loop_
_refine_ls_restr.type 
_refine_ls_restr.dev_ideal 
_refine_ls_restr.dev_ideal_target 
_refine_ls_restr.weight 
_refine_ls_restr.number 
_refine_ls_restr.pdbx_refine_id 
_refine_ls_restr.pdbx_restraint_function 
r_bond_refined_d             0.009  0.022  ? 1267 'X-RAY DIFFRACTION' ? 
r_bond_other_d               0.001  0.020  ? 900  'X-RAY DIFFRACTION' ? 
r_angle_refined_deg          1.131  1.988  ? 1713 'X-RAY DIFFRACTION' ? 
r_angle_other_deg            0.845  3.002  ? 2188 'X-RAY DIFFRACTION' ? 
r_dihedral_angle_1_deg       4.491  5.000  ? 158  'X-RAY DIFFRACTION' ? 
r_dihedral_angle_2_deg       32.786 21.731 ? 52   'X-RAY DIFFRACTION' ? 
r_dihedral_angle_3_deg       13.049 15.000 ? 245  'X-RAY DIFFRACTION' ? 
r_dihedral_angle_4_deg       18.669 15.000 ? 14   'X-RAY DIFFRACTION' ? 
r_chiral_restr               0.062  0.200  ? 206  'X-RAY DIFFRACTION' ? 
r_gen_planes_refined         0.004  0.020  ? 1357 'X-RAY DIFFRACTION' ? 
r_gen_planes_other           0.001  0.020  ? 261  'X-RAY DIFFRACTION' ? 
r_nbd_refined                0.207  0.200  ? 280  'X-RAY DIFFRACTION' ? 
r_nbd_other                  0.183  0.200  ? 902  'X-RAY DIFFRACTION' ? 
r_nbtor_refined              0.177  0.200  ? 613  'X-RAY DIFFRACTION' ? 
r_nbtor_other                0.082  0.200  ? 678  'X-RAY DIFFRACTION' ? 
r_xyhbond_nbd_refined        0.148  0.200  ? 109  'X-RAY DIFFRACTION' ? 
r_xyhbond_nbd_other          ?      ?      ? ?    'X-RAY DIFFRACTION' ? 
r_metal_ion_refined          ?      ?      ? ?    'X-RAY DIFFRACTION' ? 
r_metal_ion_other            ?      ?      ? ?    'X-RAY DIFFRACTION' ? 
r_symmetry_vdw_refined       0.177  0.200  ? 11   'X-RAY DIFFRACTION' ? 
r_symmetry_vdw_other         0.219  0.200  ? 57   'X-RAY DIFFRACTION' ? 
r_symmetry_hbond_refined     0.189  0.200  ? 22   'X-RAY DIFFRACTION' ? 
r_symmetry_hbond_other       ?      ?      ? ?    'X-RAY DIFFRACTION' ? 
r_symmetry_metal_ion_refined ?      ?      ? ?    'X-RAY DIFFRACTION' ? 
r_symmetry_metal_ion_other   ?      ?      ? ?    'X-RAY DIFFRACTION' ? 
r_mcbond_it                  1.036  1.500  ? 966  'X-RAY DIFFRACTION' ? 
r_mcbond_other               ?      ?      ? ?    'X-RAY DIFFRACTION' ? 
r_mcangle_it                 1.130  2.000  ? 1258 'X-RAY DIFFRACTION' ? 
r_mcangle_other              ?      ?      ? ?    'X-RAY DIFFRACTION' ? 
r_scbond_it                  2.222  3.000  ? 532  'X-RAY DIFFRACTION' ? 
r_scbond_other               ?      ?      ? ?    'X-RAY DIFFRACTION' ? 
r_scangle_it                 3.071  4.500  ? 452  'X-RAY DIFFRACTION' ? 
r_scangle_other              ?      ?      ? ?    'X-RAY DIFFRACTION' ? 
r_long_range_B_refined       ?      ?      ? ?    'X-RAY DIFFRACTION' ? 
r_long_range_B_other         ?      ?      ? ?    'X-RAY DIFFRACTION' ? 
r_rigid_bond_restr           ?      ?      ? ?    'X-RAY DIFFRACTION' ? 
r_sphericity_free            ?      ?      ? ?    'X-RAY DIFFRACTION' ? 
r_sphericity_bonded          ?      ?      ? ?    'X-RAY DIFFRACTION' ? 
# 
_refine_ls_shell.pdbx_refine_id                   'X-RAY DIFFRACTION' 
_refine_ls_shell.pdbx_total_number_of_bins_used   20 
_refine_ls_shell.d_res_high                       1.70 
_refine_ls_shell.d_res_low                        1.74 
_refine_ls_shell.number_reflns_R_work             1178 
_refine_ls_shell.R_factor_R_work                  0.2390 
_refine_ls_shell.percent_reflns_obs               ? 
_refine_ls_shell.R_factor_R_free                  0.3060 
_refine_ls_shell.R_factor_R_free_error            ? 
_refine_ls_shell.percent_reflns_R_free            ? 
_refine_ls_shell.number_reflns_R_free             64 
_refine_ls_shell.number_reflns_all                ? 
_refine_ls_shell.R_factor_all                     ? 
# 
_struct.entry_id                  2VXZ 
_struct.title                     'Crystal Structure of hypothetical protein PyrSV_gp04 from Pyrobaculum spherical virus' 
_struct.pdbx_model_details        ? 
_struct.pdbx_CASP_flag            ? 
_struct.pdbx_model_type_details   ? 
# 
_struct_keywords.entry_id        2VXZ 
_struct_keywords.pdbx_keywords   'VIRAL PROTEIN' 
_struct_keywords.text            'VIRAL PROTEIN, SSPF, ORF165A' 
# 
loop_
_struct_asym.id 
_struct_asym.pdbx_blank_PDB_chainid_flag 
_struct_asym.pdbx_modified 
_struct_asym.entity_id 
_struct_asym.details 
A N N 1 ? 
B N N 2 ? 
C N N 3 ? 
D N N 4 ? 
# 
_struct_ref.id                         1 
_struct_ref.db_name                    UNP 
_struct_ref.db_code                    Q6ZYJ9_PSV 
_struct_ref.entity_id                  1 
_struct_ref.pdbx_seq_one_letter_code   ? 
_struct_ref.pdbx_align_begin           ? 
_struct_ref.pdbx_db_accession          Q6ZYJ9 
_struct_ref.pdbx_db_isoform            ? 
# 
_struct_ref_seq.align_id                      1 
_struct_ref_seq.ref_id                        1 
_struct_ref_seq.pdbx_PDB_id_code              2VXZ 
_struct_ref_seq.pdbx_strand_id                A 
_struct_ref_seq.seq_align_beg                 1 
_struct_ref_seq.pdbx_seq_align_beg_ins_code   ? 
_struct_ref_seq.seq_align_end                 165 
_struct_ref_seq.pdbx_seq_align_end_ins_code   ? 
_struct_ref_seq.pdbx_db_accession             Q6ZYJ9 
_struct_ref_seq.db_align_beg                  1 
_struct_ref_seq.pdbx_db_align_beg_ins_code    ? 
_struct_ref_seq.db_align_end                  165 
_struct_ref_seq.pdbx_db_align_end_ins_code    ? 
_struct_ref_seq.pdbx_auth_seq_align_beg       1 
_struct_ref_seq.pdbx_auth_seq_align_end       165 
# 
_pdbx_struct_assembly.id                   1 
_pdbx_struct_assembly.details              author_and_software_defined_assembly 
_pdbx_struct_assembly.method_details       PISA 
_pdbx_struct_assembly.oligomeric_details   monomeric 
_pdbx_struct_assembly.oligomeric_count     1 
# 
_pdbx_struct_assembly_gen.assembly_id       1 
_pdbx_struct_assembly_gen.oper_expression   1 
_pdbx_struct_assembly_gen.asym_id_list      A,B,C,D 
# 
_pdbx_struct_oper_list.id                   1 
_pdbx_struct_oper_list.type                 'identity operation' 
_pdbx_struct_oper_list.name                 1_555 
_pdbx_struct_oper_list.symmetry_operation   x,y,z 
_pdbx_struct_oper_list.matrix[1][1]         1.0000000000 
_pdbx_struct_oper_list.matrix[1][2]         0.0000000000 
_pdbx_struct_oper_list.matrix[1][3]         0.0000000000 
_pdbx_struct_oper_list.vector[1]            0.0000000000 
_pdbx_struct_oper_list.matrix[2][1]         0.0000000000 
_pdbx_struct_oper_list.matrix[2][2]         1.0000000000 
_pdbx_struct_oper_list.matrix[2][3]         0.0000000000 
_pdbx_struct_oper_list.vector[2]            0.0000000000 
_pdbx_struct_oper_list.matrix[3][1]         0.0000000000 
_pdbx_struct_oper_list.matrix[3][2]         0.0000000000 
_pdbx_struct_oper_list.matrix[3][3]         1.0000000000 
_pdbx_struct_oper_list.vector[3]            0.0000000000 
# 
loop_
_struct_conf.conf_type_id 
_struct_conf.id 
_struct_conf.pdbx_PDB_helix_id 
_struct_conf.beg_label_comp_id 
_struct_conf.beg_label_asym_id 
_struct_conf.beg_label_seq_id 
_struct_conf.pdbx_beg_PDB_ins_code 
_struct_conf.end_label_comp_id 
_struct_conf.end_label_asym_id 
_struct_conf.end_label_seq_id 
_struct_conf.pdbx_end_PDB_ins_code 
_struct_conf.beg_auth_comp_id 
_struct_conf.beg_auth_asym_id 
_struct_conf.beg_auth_seq_id 
_struct_conf.end_auth_comp_id 
_struct_conf.end_auth_asym_id 
_struct_conf.end_auth_seq_id 
_struct_conf.pdbx_PDB_helix_class 
_struct_conf.details 
_struct_conf.pdbx_PDB_helix_length 
HELX_P HELX_P1 1 SER A 6   ? ALA A 21  ? SER A 6   ALA A 21  1 ? 16 
HELX_P HELX_P2 2 THR A 27  ? GLY A 35  ? THR A 27  GLY A 35  1 ? 9  
HELX_P HELX_P3 3 SER A 37  ? GLU A 51  ? SER A 37  GLU A 51  1 ? 15 
HELX_P HELX_P4 4 SER A 68  ? ASN A 90  ? SER A 68  ASN A 90  1 ? 23 
HELX_P HELX_P5 5 SER A 96  ? ASP A 107 ? SER A 96  ASP A 107 1 ? 12 
HELX_P HELX_P6 6 ASP A 107 ? SER A 116 ? ASP A 107 SER A 116 1 ? 10 
HELX_P HELX_P7 7 THR A 124 ? GLY A 140 ? THR A 124 GLY A 140 1 ? 17 
HELX_P HELX_P8 8 ALA A 154 ? ARG A 156 ? ALA A 154 ARG A 156 5 ? 3  
# 
_struct_conf_type.id          HELX_P 
_struct_conf_type.criteria    ? 
_struct_conf_type.reference   ? 
# 
loop_
_struct_conn.id 
_struct_conn.conn_type_id 
_struct_conn.pdbx_leaving_atom_flag 
_struct_conn.pdbx_PDB_id 
_struct_conn.ptnr1_label_asym_id 
_struct_conn.ptnr1_label_comp_id 
_struct_conn.ptnr1_label_seq_id 
_struct_conn.ptnr1_label_atom_id 
_struct_conn.pdbx_ptnr1_label_alt_id 
_struct_conn.pdbx_ptnr1_PDB_ins_code 
_struct_conn.pdbx_ptnr1_standard_comp_id 
_struct_conn.ptnr1_symmetry 
_struct_conn.ptnr2_label_asym_id 
_struct_conn.ptnr2_label_comp_id 
_struct_conn.ptnr2_label_seq_id 
_struct_conn.ptnr2_label_atom_id 
_struct_conn.pdbx_ptnr2_label_alt_id 
_struct_conn.pdbx_ptnr2_PDB_ins_code 
_struct_conn.ptnr1_auth_asym_id 
_struct_conn.ptnr1_auth_comp_id 
_struct_conn.ptnr1_auth_seq_id 
_struct_conn.ptnr2_auth_asym_id 
_struct_conn.ptnr2_auth_comp_id 
_struct_conn.ptnr2_auth_seq_id 
_struct_conn.ptnr2_symmetry 
_struct_conn.pdbx_ptnr3_label_atom_id 
_struct_conn.pdbx_ptnr3_label_seq_id 
_struct_conn.pdbx_ptnr3_label_comp_id 
_struct_conn.pdbx_ptnr3_label_asym_id 
_struct_conn.pdbx_ptnr3_label_alt_id 
_struct_conn.pdbx_ptnr3_PDB_ins_code 
_struct_conn.details 
_struct_conn.pdbx_dist_value 
_struct_conn.pdbx_value_order 
_struct_conn.pdbx_role 
disulf1 disulf ?    ? A CYS 24  SG B ? ? 1_555 A CYS 66  SG B ? A CYS 24  A CYS 66  1_555 ? ? ? ? ? ? ? 2.045 ? ? 
covale1 covale both ? A SER 68  C  ? ? ? 1_555 A MSE 69  N  ? ? A SER 68  A MSE 69  1_555 ? ? ? ? ? ? ? 1.330 ? ? 
covale2 covale both ? A MSE 69  C  ? ? ? 1_555 A ASP 70  N  ? ? A MSE 69  A ASP 70  1_555 ? ? ? ? ? ? ? 1.332 ? ? 
covale3 covale both ? A GLY 78  C  ? ? ? 1_555 A MSE 79  N  ? ? A GLY 78  A MSE 79  1_555 ? ? ? ? ? ? ? 1.334 ? ? 
covale4 covale both ? A MSE 79  C  ? ? ? 1_555 A ILE 80  N  ? ? A MSE 79  A ILE 80  1_555 ? ? ? ? ? ? ? 1.324 ? ? 
covale5 covale both ? A LYS 136 C  ? ? ? 1_555 A MSE 137 N  ? ? A LYS 136 A MSE 137 1_555 ? ? ? ? ? ? ? 1.332 ? ? 
covale6 covale both ? A MSE 137 C  ? ? ? 1_555 A ILE 138 N  ? ? A MSE 137 A ILE 138 1_555 ? ? ? ? ? ? ? 1.336 ? ? 
# 
loop_
_struct_conn_type.id 
_struct_conn_type.criteria 
_struct_conn_type.reference 
disulf ? ? 
covale ? ? 
# 
loop_
_pdbx_modification_feature.ordinal 
_pdbx_modification_feature.label_comp_id 
_pdbx_modification_feature.label_asym_id 
_pdbx_modification_feature.label_seq_id 
_pdbx_modification_feature.label_alt_id 
_pdbx_modification_feature.modified_residue_label_comp_id 
_pdbx_modification_feature.modified_residue_label_asym_id 
_pdbx_modification_feature.modified_residue_label_seq_id 
_pdbx_modification_feature.modified_residue_label_alt_id 
_pdbx_modification_feature.auth_comp_id 
_pdbx_modification_feature.auth_asym_id 
_pdbx_modification_feature.auth_seq_id 
_pdbx_modification_feature.PDB_ins_code 
_pdbx_modification_feature.symmetry 
_pdbx_modification_feature.modified_residue_auth_comp_id 
_pdbx_modification_feature.modified_residue_auth_asym_id 
_pdbx_modification_feature.modified_residue_auth_seq_id 
_pdbx_modification_feature.modified_residue_PDB_ins_code 
_pdbx_modification_feature.modified_residue_symmetry 
_pdbx_modification_feature.comp_id_linking_atom 
_pdbx_modification_feature.modified_residue_id_linking_atom 
_pdbx_modification_feature.modified_residue_id 
_pdbx_modification_feature.ref_pcm_id 
_pdbx_modification_feature.ref_comp_id 
_pdbx_modification_feature.type 
_pdbx_modification_feature.category 
1 MSE A 69  ? .   . .  . MSE A 69  ? 1_555 .   . .  . .     .  .  MET 1 MSE Selenomethionine 'Named protein modification' 
2 MSE A 79  ? .   . .  . MSE A 79  ? 1_555 .   . .  . .     .  .  MET 1 MSE Selenomethionine 'Named protein modification' 
3 MSE A 137 ? .   . .  . MSE A 137 ? 1_555 .   . .  . .     .  .  MET 1 MSE Selenomethionine 'Named protein modification' 
4 CYS A 24  B CYS A 66 B CYS A 24  ? 1_555 CYS A 66 ? 1_555 SG SG .   . .   None             'Disulfide bridge'           
# 
loop_
_struct_sheet.id 
_struct_sheet.type 
_struct_sheet.number_strands 
_struct_sheet.details 
AA ? 3 ? 
AB ? 2 ? 
# 
loop_
_struct_sheet_order.sheet_id 
_struct_sheet_order.range_id_1 
_struct_sheet_order.range_id_2 
_struct_sheet_order.offset 
_struct_sheet_order.sense 
AA 1 2 ? anti-parallel 
AA 2 3 ? anti-parallel 
AB 1 2 ? anti-parallel 
# 
loop_
_struct_sheet_range.sheet_id 
_struct_sheet_range.id 
_struct_sheet_range.beg_label_comp_id 
_struct_sheet_range.beg_label_asym_id 
_struct_sheet_range.beg_label_seq_id 
_struct_sheet_range.pdbx_beg_PDB_ins_code 
_struct_sheet_range.end_label_comp_id 
_struct_sheet_range.end_label_asym_id 
_struct_sheet_range.end_label_seq_id 
_struct_sheet_range.pdbx_end_PDB_ins_code 
_struct_sheet_range.beg_auth_comp_id 
_struct_sheet_range.beg_auth_asym_id 
_struct_sheet_range.beg_auth_seq_id 
_struct_sheet_range.end_auth_comp_id 
_struct_sheet_range.end_auth_asym_id 
_struct_sheet_range.end_auth_seq_id 
AA 1 LYS A 25  ? THR A 26  ? LYS A 25  THR A 26  
AA 2 VAL A 62  ? CYS A 66  ? VAL A 62  CYS A 66  
AA 3 THR A 55  ? PHE A 59  ? THR A 55  PHE A 59  
AB 1 PHE A 94  ? ILE A 95  ? PHE A 94  ILE A 95  
AB 2 TYR A 151 ? LEU A 152 ? TYR A 151 LEU A 152 
# 
loop_
_pdbx_struct_sheet_hbond.sheet_id 
_pdbx_struct_sheet_hbond.range_id_1 
_pdbx_struct_sheet_hbond.range_id_2 
_pdbx_struct_sheet_hbond.range_1_label_atom_id 
_pdbx_struct_sheet_hbond.range_1_label_comp_id 
_pdbx_struct_sheet_hbond.range_1_label_asym_id 
_pdbx_struct_sheet_hbond.range_1_label_seq_id 
_pdbx_struct_sheet_hbond.range_1_PDB_ins_code 
_pdbx_struct_sheet_hbond.range_1_auth_atom_id 
_pdbx_struct_sheet_hbond.range_1_auth_comp_id 
_pdbx_struct_sheet_hbond.range_1_auth_asym_id 
_pdbx_struct_sheet_hbond.range_1_auth_seq_id 
_pdbx_struct_sheet_hbond.range_2_label_atom_id 
_pdbx_struct_sheet_hbond.range_2_label_comp_id 
_pdbx_struct_sheet_hbond.range_2_label_asym_id 
_pdbx_struct_sheet_hbond.range_2_label_seq_id 
_pdbx_struct_sheet_hbond.range_2_PDB_ins_code 
_pdbx_struct_sheet_hbond.range_2_auth_atom_id 
_pdbx_struct_sheet_hbond.range_2_auth_comp_id 
_pdbx_struct_sheet_hbond.range_2_auth_asym_id 
_pdbx_struct_sheet_hbond.range_2_auth_seq_id 
AA 1 2 N LYS A 25 ? N LYS A 25 O VAL A 65  ? O VAL A 65  
AA 2 3 N CYS A 66 ? N CYS A 66 O THR A 55  ? O THR A 55  
AB 1 2 N ILE A 95 ? N ILE A 95 O TYR A 151 ? O TYR A 151 
# 
loop_
_struct_site.id 
_struct_site.pdbx_evidence_code 
_struct_site.pdbx_auth_asym_id 
_struct_site.pdbx_auth_comp_id 
_struct_site.pdbx_auth_seq_id 
_struct_site.pdbx_auth_ins_code 
_struct_site.pdbx_num_residues 
_struct_site.details 
AC1 Software A CL  1158 ? 4  'BINDING SITE FOR RESIDUE CL A 1158'  
AC2 Software A GOL 1159 ? 10 'BINDING SITE FOR RESIDUE GOL A 1159' 
# 
loop_
_struct_site_gen.id 
_struct_site_gen.site_id 
_struct_site_gen.pdbx_num_res 
_struct_site_gen.label_comp_id 
_struct_site_gen.label_asym_id 
_struct_site_gen.label_seq_id 
_struct_site_gen.pdbx_auth_ins_code 
_struct_site_gen.auth_comp_id 
_struct_site_gen.auth_asym_id 
_struct_site_gen.auth_seq_id 
_struct_site_gen.label_atom_id 
_struct_site_gen.label_alt_id 
_struct_site_gen.symmetry 
_struct_site_gen.details 
1  AC1 4  HIS A 5   ? HIS A 5    . ? 1_555 ? 
2  AC1 4  SER A 6   ? SER A 6    . ? 1_555 ? 
3  AC1 4  LYS A 145 ? LYS A 145  . ? 2_674 ? 
4  AC1 4  HOH D .   ? HOH A 2163 . ? 2_674 ? 
5  AC2 10 GLU A 49  ? GLU A 49   . ? 1_555 ? 
6  AC2 10 LYS A 50  ? LYS A 50   . ? 1_555 ? 
7  AC2 10 GLU A 141 ? GLU A 141  . ? 4_476 ? 
8  AC2 10 PRO A 142 ? PRO A 142  . ? 4_476 ? 
9  AC2 10 TYR A 143 ? TYR A 143  . ? 4_476 ? 
10 AC2 10 LYS A 145 ? LYS A 145  . ? 4_476 ? 
11 AC2 10 ASN A 155 ? ASN A 155  . ? 4_476 ? 
12 AC2 10 HOH D .   ? HOH A 2067 . ? 3_655 ? 
13 AC2 10 HOH D .   ? HOH A 2177 . ? 1_555 ? 
14 AC2 10 HOH D .   ? HOH A 2179 . ? 1_555 ? 
# 
_pdbx_entry_details.entry_id                   2VXZ 
_pdbx_entry_details.compound_details           ? 
_pdbx_entry_details.source_details             ? 
_pdbx_entry_details.nonpolymer_details         ? 
_pdbx_entry_details.sequence_details           ? 
_pdbx_entry_details.has_ligand_of_interest     ? 
_pdbx_entry_details.has_protein_modification   Y 
# 
_pdbx_validate_torsion.id              1 
_pdbx_validate_torsion.PDB_model_num   1 
_pdbx_validate_torsion.auth_comp_id    ASP 
_pdbx_validate_torsion.auth_asym_id    A 
_pdbx_validate_torsion.auth_seq_id     147 
_pdbx_validate_torsion.PDB_ins_code    ? 
_pdbx_validate_torsion.label_alt_id    ? 
_pdbx_validate_torsion.phi             68.80 
_pdbx_validate_torsion.psi             -110.09 
# 
loop_
_pdbx_struct_mod_residue.id 
_pdbx_struct_mod_residue.label_asym_id 
_pdbx_struct_mod_residue.label_comp_id 
_pdbx_struct_mod_residue.label_seq_id 
_pdbx_struct_mod_residue.auth_asym_id 
_pdbx_struct_mod_residue.auth_comp_id 
_pdbx_struct_mod_residue.auth_seq_id 
_pdbx_struct_mod_residue.PDB_ins_code 
_pdbx_struct_mod_residue.parent_comp_id 
_pdbx_struct_mod_residue.details 
1 A MSE 69  A MSE 69  ? MET SELENOMETHIONINE 
2 A MSE 79  A MSE 79  ? MET SELENOMETHIONINE 
3 A MSE 137 A MSE 137 ? MET SELENOMETHIONINE 
# 
_pdbx_refine_tls.pdbx_refine_id   'X-RAY DIFFRACTION' 
_pdbx_refine_tls.id               1 
_pdbx_refine_tls.details          ? 
_pdbx_refine_tls.method           refined 
_pdbx_refine_tls.origin_x         -0.1296 
_pdbx_refine_tls.origin_y         -0.0518 
_pdbx_refine_tls.origin_z         0.0055 
_pdbx_refine_tls.T[1][1]          -0.1279 
_pdbx_refine_tls.T[2][2]          -0.1326 
_pdbx_refine_tls.T[3][3]          -0.1300 
_pdbx_refine_tls.T[1][2]          0.0039 
_pdbx_refine_tls.T[1][3]          0.0004 
_pdbx_refine_tls.T[2][3]          -0.0069 
_pdbx_refine_tls.L[1][1]          2.0835 
_pdbx_refine_tls.L[2][2]          1.2547 
_pdbx_refine_tls.L[3][3]          0.2918 
_pdbx_refine_tls.L[1][2]          1.3173 
_pdbx_refine_tls.L[1][3]          -0.5084 
_pdbx_refine_tls.L[2][3]          -0.5840 
_pdbx_refine_tls.S[1][1]          0.0450 
_pdbx_refine_tls.S[1][2]          -0.0724 
_pdbx_refine_tls.S[1][3]          0.1820 
_pdbx_refine_tls.S[2][1]          0.0429 
_pdbx_refine_tls.S[2][2]          -0.0103 
_pdbx_refine_tls.S[2][3]          0.1068 
_pdbx_refine_tls.S[3][1]          -0.0466 
_pdbx_refine_tls.S[3][2]          0.0580 
_pdbx_refine_tls.S[3][3]          -0.0348 
# 
_pdbx_refine_tls_group.pdbx_refine_id      'X-RAY DIFFRACTION' 
_pdbx_refine_tls_group.id                  1 
_pdbx_refine_tls_group.refine_tls_id       1 
_pdbx_refine_tls_group.beg_auth_asym_id    A 
_pdbx_refine_tls_group.beg_auth_seq_id     5 
_pdbx_refine_tls_group.beg_label_asym_id   ? 
_pdbx_refine_tls_group.beg_label_seq_id    ? 
_pdbx_refine_tls_group.end_auth_asym_id    A 
_pdbx_refine_tls_group.end_auth_seq_id     157 
_pdbx_refine_tls_group.end_label_asym_id   ? 
_pdbx_refine_tls_group.end_label_seq_id    ? 
_pdbx_refine_tls_group.selection           ? 
_pdbx_refine_tls_group.selection_details   ? 
# 
_pdbx_distant_solvent_atoms.id                                1 
_pdbx_distant_solvent_atoms.PDB_model_num                     1 
_pdbx_distant_solvent_atoms.auth_atom_id                      O 
_pdbx_distant_solvent_atoms.label_alt_id                      ? 
_pdbx_distant_solvent_atoms.auth_asym_id                      A 
_pdbx_distant_solvent_atoms.auth_comp_id                      HOH 
_pdbx_distant_solvent_atoms.auth_seq_id                       2006 
_pdbx_distant_solvent_atoms.PDB_ins_code                      ? 
_pdbx_distant_solvent_atoms.neighbor_macromolecule_distance   6.92 
_pdbx_distant_solvent_atoms.neighbor_ligand_distance          . 
# 
loop_
_pdbx_unobs_or_zero_occ_residues.id 
_pdbx_unobs_or_zero_occ_residues.PDB_model_num 
_pdbx_unobs_or_zero_occ_residues.polymer_flag 
_pdbx_unobs_or_zero_occ_residues.occupancy_flag 
_pdbx_unobs_or_zero_occ_residues.auth_asym_id 
_pdbx_unobs_or_zero_occ_residues.auth_comp_id 
_pdbx_unobs_or_zero_occ_residues.auth_seq_id 
_pdbx_unobs_or_zero_occ_residues.PDB_ins_code 
_pdbx_unobs_or_zero_occ_residues.label_asym_id 
_pdbx_unobs_or_zero_occ_residues.label_comp_id 
_pdbx_unobs_or_zero_occ_residues.label_seq_id 
1  1 Y 1 A MSE 1   ? A MSE 1   
2  1 Y 1 A PRO 2   ? A PRO 2   
3  1 Y 1 A ILE 3   ? A ILE 3   
4  1 Y 1 A GLY 4   ? A GLY 4   
5  1 Y 1 A VAL 158 ? A VAL 158 
6  1 Y 1 A HIS 159 ? A HIS 159 
7  1 Y 1 A ILE 160 ? A ILE 160 
8  1 Y 1 A GLU 161 ? A GLU 161 
9  1 Y 1 A PRO 162 ? A PRO 162 
10 1 Y 1 A PRO 163 ? A PRO 163 
11 1 Y 1 A ALA 164 ? A ALA 164 
12 1 Y 1 A LYS 165 ? A LYS 165 
# 
loop_
_chem_comp_atom.comp_id 
_chem_comp_atom.atom_id 
_chem_comp_atom.type_symbol 
_chem_comp_atom.pdbx_aromatic_flag 
_chem_comp_atom.pdbx_stereo_config 
_chem_comp_atom.pdbx_ordinal 
ALA N    N  N N 1   
ALA CA   C  N S 2   
ALA C    C  N N 3   
ALA O    O  N N 4   
ALA CB   C  N N 5   
ALA OXT  O  N N 6   
ALA H    H  N N 7   
ALA H2   H  N N 8   
ALA HA   H  N N 9   
ALA HB1  H  N N 10  
ALA HB2  H  N N 11  
ALA HB3  H  N N 12  
ALA HXT  H  N N 13  
ARG N    N  N N 14  
ARG CA   C  N S 15  
ARG C    C  N N 16  
ARG O    O  N N 17  
ARG CB   C  N N 18  
ARG CG   C  N N 19  
ARG CD   C  N N 20  
ARG NE   N  N N 21  
ARG CZ   C  N N 22  
ARG NH1  N  N N 23  
ARG NH2  N  N N 24  
ARG OXT  O  N N 25  
ARG H    H  N N 26  
ARG H2   H  N N 27  
ARG HA   H  N N 28  
ARG HB2  H  N N 29  
ARG HB3  H  N N 30  
ARG HG2  H  N N 31  
ARG HG3  H  N N 32  
ARG HD2  H  N N 33  
ARG HD3  H  N N 34  
ARG HE   H  N N 35  
ARG HH11 H  N N 36  
ARG HH12 H  N N 37  
ARG HH21 H  N N 38  
ARG HH22 H  N N 39  
ARG HXT  H  N N 40  
ASN N    N  N N 41  
ASN CA   C  N S 42  
ASN C    C  N N 43  
ASN O    O  N N 44  
ASN CB   C  N N 45  
ASN CG   C  N N 46  
ASN OD1  O  N N 47  
ASN ND2  N  N N 48  
ASN OXT  O  N N 49  
ASN H    H  N N 50  
ASN H2   H  N N 51  
ASN HA   H  N N 52  
ASN HB2  H  N N 53  
ASN HB3  H  N N 54  
ASN HD21 H  N N 55  
ASN HD22 H  N N 56  
ASN HXT  H  N N 57  
ASP N    N  N N 58  
ASP CA   C  N S 59  
ASP C    C  N N 60  
ASP O    O  N N 61  
ASP CB   C  N N 62  
ASP CG   C  N N 63  
ASP OD1  O  N N 64  
ASP OD2  O  N N 65  
ASP OXT  O  N N 66  
ASP H    H  N N 67  
ASP H2   H  N N 68  
ASP HA   H  N N 69  
ASP HB2  H  N N 70  
ASP HB3  H  N N 71  
ASP HD2  H  N N 72  
ASP HXT  H  N N 73  
CL  CL   CL N N 74  
CYS N    N  N N 75  
CYS CA   C  N R 76  
CYS C    C  N N 77  
CYS O    O  N N 78  
CYS CB   C  N N 79  
CYS SG   S  N N 80  
CYS OXT  O  N N 81  
CYS H    H  N N 82  
CYS H2   H  N N 83  
CYS HA   H  N N 84  
CYS HB2  H  N N 85  
CYS HB3  H  N N 86  
CYS HG   H  N N 87  
CYS HXT  H  N N 88  
GLN N    N  N N 89  
GLN CA   C  N S 90  
GLN C    C  N N 91  
GLN O    O  N N 92  
GLN CB   C  N N 93  
GLN CG   C  N N 94  
GLN CD   C  N N 95  
GLN OE1  O  N N 96  
GLN NE2  N  N N 97  
GLN OXT  O  N N 98  
GLN H    H  N N 99  
GLN H2   H  N N 100 
GLN HA   H  N N 101 
GLN HB2  H  N N 102 
GLN HB3  H  N N 103 
GLN HG2  H  N N 104 
GLN HG3  H  N N 105 
GLN HE21 H  N N 106 
GLN HE22 H  N N 107 
GLN HXT  H  N N 108 
GLU N    N  N N 109 
GLU CA   C  N S 110 
GLU C    C  N N 111 
GLU O    O  N N 112 
GLU CB   C  N N 113 
GLU CG   C  N N 114 
GLU CD   C  N N 115 
GLU OE1  O  N N 116 
GLU OE2  O  N N 117 
GLU OXT  O  N N 118 
GLU H    H  N N 119 
GLU H2   H  N N 120 
GLU HA   H  N N 121 
GLU HB2  H  N N 122 
GLU HB3  H  N N 123 
GLU HG2  H  N N 124 
GLU HG3  H  N N 125 
GLU HE2  H  N N 126 
GLU HXT  H  N N 127 
GLY N    N  N N 128 
GLY CA   C  N N 129 
GLY C    C  N N 130 
GLY O    O  N N 131 
GLY OXT  O  N N 132 
GLY H    H  N N 133 
GLY H2   H  N N 134 
GLY HA2  H  N N 135 
GLY HA3  H  N N 136 
GLY HXT  H  N N 137 
GOL C1   C  N N 138 
GOL O1   O  N N 139 
GOL C2   C  N N 140 
GOL O2   O  N N 141 
GOL C3   C  N N 142 
GOL O3   O  N N 143 
GOL H11  H  N N 144 
GOL H12  H  N N 145 
GOL HO1  H  N N 146 
GOL H2   H  N N 147 
GOL HO2  H  N N 148 
GOL H31  H  N N 149 
GOL H32  H  N N 150 
GOL HO3  H  N N 151 
HIS N    N  N N 152 
HIS CA   C  N S 153 
HIS C    C  N N 154 
HIS O    O  N N 155 
HIS CB   C  N N 156 
HIS CG   C  Y N 157 
HIS ND1  N  Y N 158 
HIS CD2  C  Y N 159 
HIS CE1  C  Y N 160 
HIS NE2  N  Y N 161 
HIS OXT  O  N N 162 
HIS H    H  N N 163 
HIS H2   H  N N 164 
HIS HA   H  N N 165 
HIS HB2  H  N N 166 
HIS HB3  H  N N 167 
HIS HD1  H  N N 168 
HIS HD2  H  N N 169 
HIS HE1  H  N N 170 
HIS HE2  H  N N 171 
HIS HXT  H  N N 172 
HOH O    O  N N 173 
HOH H1   H  N N 174 
HOH H2   H  N N 175 
ILE N    N  N N 176 
ILE CA   C  N S 177 
ILE C    C  N N 178 
ILE O    O  N N 179 
ILE CB   C  N S 180 
ILE CG1  C  N N 181 
ILE CG2  C  N N 182 
ILE CD1  C  N N 183 
ILE OXT  O  N N 184 
ILE H    H  N N 185 
ILE H2   H  N N 186 
ILE HA   H  N N 187 
ILE HB   H  N N 188 
ILE HG12 H  N N 189 
ILE HG13 H  N N 190 
ILE HG21 H  N N 191 
ILE HG22 H  N N 192 
ILE HG23 H  N N 193 
ILE HD11 H  N N 194 
ILE HD12 H  N N 195 
ILE HD13 H  N N 196 
ILE HXT  H  N N 197 
LEU N    N  N N 198 
LEU CA   C  N S 199 
LEU C    C  N N 200 
LEU O    O  N N 201 
LEU CB   C  N N 202 
LEU CG   C  N N 203 
LEU CD1  C  N N 204 
LEU CD2  C  N N 205 
LEU OXT  O  N N 206 
LEU H    H  N N 207 
LEU H2   H  N N 208 
LEU HA   H  N N 209 
LEU HB2  H  N N 210 
LEU HB3  H  N N 211 
LEU HG   H  N N 212 
LEU HD11 H  N N 213 
LEU HD12 H  N N 214 
LEU HD13 H  N N 215 
LEU HD21 H  N N 216 
LEU HD22 H  N N 217 
LEU HD23 H  N N 218 
LEU HXT  H  N N 219 
LYS N    N  N N 220 
LYS CA   C  N S 221 
LYS C    C  N N 222 
LYS O    O  N N 223 
LYS CB   C  N N 224 
LYS CG   C  N N 225 
LYS CD   C  N N 226 
LYS CE   C  N N 227 
LYS NZ   N  N N 228 
LYS OXT  O  N N 229 
LYS H    H  N N 230 
LYS H2   H  N N 231 
LYS HA   H  N N 232 
LYS HB2  H  N N 233 
LYS HB3  H  N N 234 
LYS HG2  H  N N 235 
LYS HG3  H  N N 236 
LYS HD2  H  N N 237 
LYS HD3  H  N N 238 
LYS HE2  H  N N 239 
LYS HE3  H  N N 240 
LYS HZ1  H  N N 241 
LYS HZ2  H  N N 242 
LYS HZ3  H  N N 243 
LYS HXT  H  N N 244 
MSE N    N  N N 245 
MSE CA   C  N S 246 
MSE C    C  N N 247 
MSE O    O  N N 248 
MSE OXT  O  N N 249 
MSE CB   C  N N 250 
MSE CG   C  N N 251 
MSE SE   SE N N 252 
MSE CE   C  N N 253 
MSE H    H  N N 254 
MSE H2   H  N N 255 
MSE HA   H  N N 256 
MSE HXT  H  N N 257 
MSE HB2  H  N N 258 
MSE HB3  H  N N 259 
MSE HG2  H  N N 260 
MSE HG3  H  N N 261 
MSE HE1  H  N N 262 
MSE HE2  H  N N 263 
MSE HE3  H  N N 264 
PHE N    N  N N 265 
PHE CA   C  N S 266 
PHE C    C  N N 267 
PHE O    O  N N 268 
PHE CB   C  N N 269 
PHE CG   C  Y N 270 
PHE CD1  C  Y N 271 
PHE CD2  C  Y N 272 
PHE CE1  C  Y N 273 
PHE CE2  C  Y N 274 
PHE CZ   C  Y N 275 
PHE OXT  O  N N 276 
PHE H    H  N N 277 
PHE H2   H  N N 278 
PHE HA   H  N N 279 
PHE HB2  H  N N 280 
PHE HB3  H  N N 281 
PHE HD1  H  N N 282 
PHE HD2  H  N N 283 
PHE HE1  H  N N 284 
PHE HE2  H  N N 285 
PHE HZ   H  N N 286 
PHE HXT  H  N N 287 
PRO N    N  N N 288 
PRO CA   C  N S 289 
PRO C    C  N N 290 
PRO O    O  N N 291 
PRO CB   C  N N 292 
PRO CG   C  N N 293 
PRO CD   C  N N 294 
PRO OXT  O  N N 295 
PRO H    H  N N 296 
PRO HA   H  N N 297 
PRO HB2  H  N N 298 
PRO HB3  H  N N 299 
PRO HG2  H  N N 300 
PRO HG3  H  N N 301 
PRO HD2  H  N N 302 
PRO HD3  H  N N 303 
PRO HXT  H  N N 304 
SER N    N  N N 305 
SER CA   C  N S 306 
SER C    C  N N 307 
SER O    O  N N 308 
SER CB   C  N N 309 
SER OG   O  N N 310 
SER OXT  O  N N 311 
SER H    H  N N 312 
SER H2   H  N N 313 
SER HA   H  N N 314 
SER HB2  H  N N 315 
SER HB3  H  N N 316 
SER HG   H  N N 317 
SER HXT  H  N N 318 
THR N    N  N N 319 
THR CA   C  N S 320 
THR C    C  N N 321 
THR O    O  N N 322 
THR CB   C  N R 323 
THR OG1  O  N N 324 
THR CG2  C  N N 325 
THR OXT  O  N N 326 
THR H    H  N N 327 
THR H2   H  N N 328 
THR HA   H  N N 329 
THR HB   H  N N 330 
THR HG1  H  N N 331 
THR HG21 H  N N 332 
THR HG22 H  N N 333 
THR HG23 H  N N 334 
THR HXT  H  N N 335 
TYR N    N  N N 336 
TYR CA   C  N S 337 
TYR C    C  N N 338 
TYR O    O  N N 339 
TYR CB   C  N N 340 
TYR CG   C  Y N 341 
TYR CD1  C  Y N 342 
TYR CD2  C  Y N 343 
TYR CE1  C  Y N 344 
TYR CE2  C  Y N 345 
TYR CZ   C  Y N 346 
TYR OH   O  N N 347 
TYR OXT  O  N N 348 
TYR H    H  N N 349 
TYR H2   H  N N 350 
TYR HA   H  N N 351 
TYR HB2  H  N N 352 
TYR HB3  H  N N 353 
TYR HD1  H  N N 354 
TYR HD2  H  N N 355 
TYR HE1  H  N N 356 
TYR HE2  H  N N 357 
TYR HH   H  N N 358 
TYR HXT  H  N N 359 
VAL N    N  N N 360 
VAL CA   C  N S 361 
VAL C    C  N N 362 
VAL O    O  N N 363 
VAL CB   C  N N 364 
VAL CG1  C  N N 365 
VAL CG2  C  N N 366 
VAL OXT  O  N N 367 
VAL H    H  N N 368 
VAL H2   H  N N 369 
VAL HA   H  N N 370 
VAL HB   H  N N 371 
VAL HG11 H  N N 372 
VAL HG12 H  N N 373 
VAL HG13 H  N N 374 
VAL HG21 H  N N 375 
VAL HG22 H  N N 376 
VAL HG23 H  N N 377 
VAL HXT  H  N N 378 
# 
loop_
_chem_comp_bond.comp_id 
_chem_comp_bond.atom_id_1 
_chem_comp_bond.atom_id_2 
_chem_comp_bond.value_order 
_chem_comp_bond.pdbx_aromatic_flag 
_chem_comp_bond.pdbx_stereo_config 
_chem_comp_bond.pdbx_ordinal 
ALA N   CA   sing N N 1   
ALA N   H    sing N N 2   
ALA N   H2   sing N N 3   
ALA CA  C    sing N N 4   
ALA CA  CB   sing N N 5   
ALA CA  HA   sing N N 6   
ALA C   O    doub N N 7   
ALA C   OXT  sing N N 8   
ALA CB  HB1  sing N N 9   
ALA CB  HB2  sing N N 10  
ALA CB  HB3  sing N N 11  
ALA OXT HXT  sing N N 12  
ARG N   CA   sing N N 13  
ARG N   H    sing N N 14  
ARG N   H2   sing N N 15  
ARG CA  C    sing N N 16  
ARG CA  CB   sing N N 17  
ARG CA  HA   sing N N 18  
ARG C   O    doub N N 19  
ARG C   OXT  sing N N 20  
ARG CB  CG   sing N N 21  
ARG CB  HB2  sing N N 22  
ARG CB  HB3  sing N N 23  
ARG CG  CD   sing N N 24  
ARG CG  HG2  sing N N 25  
ARG CG  HG3  sing N N 26  
ARG CD  NE   sing N N 27  
ARG CD  HD2  sing N N 28  
ARG CD  HD3  sing N N 29  
ARG NE  CZ   sing N N 30  
ARG NE  HE   sing N N 31  
ARG CZ  NH1  sing N N 32  
ARG CZ  NH2  doub N N 33  
ARG NH1 HH11 sing N N 34  
ARG NH1 HH12 sing N N 35  
ARG NH2 HH21 sing N N 36  
ARG NH2 HH22 sing N N 37  
ARG OXT HXT  sing N N 38  
ASN N   CA   sing N N 39  
ASN N   H    sing N N 40  
ASN N   H2   sing N N 41  
ASN CA  C    sing N N 42  
ASN CA  CB   sing N N 43  
ASN CA  HA   sing N N 44  
ASN C   O    doub N N 45  
ASN C   OXT  sing N N 46  
ASN CB  CG   sing N N 47  
ASN CB  HB2  sing N N 48  
ASN CB  HB3  sing N N 49  
ASN CG  OD1  doub N N 50  
ASN CG  ND2  sing N N 51  
ASN ND2 HD21 sing N N 52  
ASN ND2 HD22 sing N N 53  
ASN OXT HXT  sing N N 54  
ASP N   CA   sing N N 55  
ASP N   H    sing N N 56  
ASP N   H2   sing N N 57  
ASP CA  C    sing N N 58  
ASP CA  CB   sing N N 59  
ASP CA  HA   sing N N 60  
ASP C   O    doub N N 61  
ASP C   OXT  sing N N 62  
ASP CB  CG   sing N N 63  
ASP CB  HB2  sing N N 64  
ASP CB  HB3  sing N N 65  
ASP CG  OD1  doub N N 66  
ASP CG  OD2  sing N N 67  
ASP OD2 HD2  sing N N 68  
ASP OXT HXT  sing N N 69  
CYS N   CA   sing N N 70  
CYS N   H    sing N N 71  
CYS N   H2   sing N N 72  
CYS CA  C    sing N N 73  
CYS CA  CB   sing N N 74  
CYS CA  HA   sing N N 75  
CYS C   O    doub N N 76  
CYS C   OXT  sing N N 77  
CYS CB  SG   sing N N 78  
CYS CB  HB2  sing N N 79  
CYS CB  HB3  sing N N 80  
CYS SG  HG   sing N N 81  
CYS OXT HXT  sing N N 82  
GLN N   CA   sing N N 83  
GLN N   H    sing N N 84  
GLN N   H2   sing N N 85  
GLN CA  C    sing N N 86  
GLN CA  CB   sing N N 87  
GLN CA  HA   sing N N 88  
GLN C   O    doub N N 89  
GLN C   OXT  sing N N 90  
GLN CB  CG   sing N N 91  
GLN CB  HB2  sing N N 92  
GLN CB  HB3  sing N N 93  
GLN CG  CD   sing N N 94  
GLN CG  HG2  sing N N 95  
GLN CG  HG3  sing N N 96  
GLN CD  OE1  doub N N 97  
GLN CD  NE2  sing N N 98  
GLN NE2 HE21 sing N N 99  
GLN NE2 HE22 sing N N 100 
GLN OXT HXT  sing N N 101 
GLU N   CA   sing N N 102 
GLU N   H    sing N N 103 
GLU N   H2   sing N N 104 
GLU CA  C    sing N N 105 
GLU CA  CB   sing N N 106 
GLU CA  HA   sing N N 107 
GLU C   O    doub N N 108 
GLU C   OXT  sing N N 109 
GLU CB  CG   sing N N 110 
GLU CB  HB2  sing N N 111 
GLU CB  HB3  sing N N 112 
GLU CG  CD   sing N N 113 
GLU CG  HG2  sing N N 114 
GLU CG  HG3  sing N N 115 
GLU CD  OE1  doub N N 116 
GLU CD  OE2  sing N N 117 
GLU OE2 HE2  sing N N 118 
GLU OXT HXT  sing N N 119 
GLY N   CA   sing N N 120 
GLY N   H    sing N N 121 
GLY N   H2   sing N N 122 
GLY CA  C    sing N N 123 
GLY CA  HA2  sing N N 124 
GLY CA  HA3  sing N N 125 
GLY C   O    doub N N 126 
GLY C   OXT  sing N N 127 
GLY OXT HXT  sing N N 128 
GOL C1  O1   sing N N 129 
GOL C1  C2   sing N N 130 
GOL C1  H11  sing N N 131 
GOL C1  H12  sing N N 132 
GOL O1  HO1  sing N N 133 
GOL C2  O2   sing N N 134 
GOL C2  C3   sing N N 135 
GOL C2  H2   sing N N 136 
GOL O2  HO2  sing N N 137 
GOL C3  O3   sing N N 138 
GOL C3  H31  sing N N 139 
GOL C3  H32  sing N N 140 
GOL O3  HO3  sing N N 141 
HIS N   CA   sing N N 142 
HIS N   H    sing N N 143 
HIS N   H2   sing N N 144 
HIS CA  C    sing N N 145 
HIS CA  CB   sing N N 146 
HIS CA  HA   sing N N 147 
HIS C   O    doub N N 148 
HIS C   OXT  sing N N 149 
HIS CB  CG   sing N N 150 
HIS CB  HB2  sing N N 151 
HIS CB  HB3  sing N N 152 
HIS CG  ND1  sing Y N 153 
HIS CG  CD2  doub Y N 154 
HIS ND1 CE1  doub Y N 155 
HIS ND1 HD1  sing N N 156 
HIS CD2 NE2  sing Y N 157 
HIS CD2 HD2  sing N N 158 
HIS CE1 NE2  sing Y N 159 
HIS CE1 HE1  sing N N 160 
HIS NE2 HE2  sing N N 161 
HIS OXT HXT  sing N N 162 
HOH O   H1   sing N N 163 
HOH O   H2   sing N N 164 
ILE N   CA   sing N N 165 
ILE N   H    sing N N 166 
ILE N   H2   sing N N 167 
ILE CA  C    sing N N 168 
ILE CA  CB   sing N N 169 
ILE CA  HA   sing N N 170 
ILE C   O    doub N N 171 
ILE C   OXT  sing N N 172 
ILE CB  CG1  sing N N 173 
ILE CB  CG2  sing N N 174 
ILE CB  HB   sing N N 175 
ILE CG1 CD1  sing N N 176 
ILE CG1 HG12 sing N N 177 
ILE CG1 HG13 sing N N 178 
ILE CG2 HG21 sing N N 179 
ILE CG2 HG22 sing N N 180 
ILE CG2 HG23 sing N N 181 
ILE CD1 HD11 sing N N 182 
ILE CD1 HD12 sing N N 183 
ILE CD1 HD13 sing N N 184 
ILE OXT HXT  sing N N 185 
LEU N   CA   sing N N 186 
LEU N   H    sing N N 187 
LEU N   H2   sing N N 188 
LEU CA  C    sing N N 189 
LEU CA  CB   sing N N 190 
LEU CA  HA   sing N N 191 
LEU C   O    doub N N 192 
LEU C   OXT  sing N N 193 
LEU CB  CG   sing N N 194 
LEU CB  HB2  sing N N 195 
LEU CB  HB3  sing N N 196 
LEU CG  CD1  sing N N 197 
LEU CG  CD2  sing N N 198 
LEU CG  HG   sing N N 199 
LEU CD1 HD11 sing N N 200 
LEU CD1 HD12 sing N N 201 
LEU CD1 HD13 sing N N 202 
LEU CD2 HD21 sing N N 203 
LEU CD2 HD22 sing N N 204 
LEU CD2 HD23 sing N N 205 
LEU OXT HXT  sing N N 206 
LYS N   CA   sing N N 207 
LYS N   H    sing N N 208 
LYS N   H2   sing N N 209 
LYS CA  C    sing N N 210 
LYS CA  CB   sing N N 211 
LYS CA  HA   sing N N 212 
LYS C   O    doub N N 213 
LYS C   OXT  sing N N 214 
LYS CB  CG   sing N N 215 
LYS CB  HB2  sing N N 216 
LYS CB  HB3  sing N N 217 
LYS CG  CD   sing N N 218 
LYS CG  HG2  sing N N 219 
LYS CG  HG3  sing N N 220 
LYS CD  CE   sing N N 221 
LYS CD  HD2  sing N N 222 
LYS CD  HD3  sing N N 223 
LYS CE  NZ   sing N N 224 
LYS CE  HE2  sing N N 225 
LYS CE  HE3  sing N N 226 
LYS NZ  HZ1  sing N N 227 
LYS NZ  HZ2  sing N N 228 
LYS NZ  HZ3  sing N N 229 
LYS OXT HXT  sing N N 230 
MSE N   CA   sing N N 231 
MSE N   H    sing N N 232 
MSE N   H2   sing N N 233 
MSE CA  C    sing N N 234 
MSE CA  CB   sing N N 235 
MSE CA  HA   sing N N 236 
MSE C   O    doub N N 237 
MSE C   OXT  sing N N 238 
MSE OXT HXT  sing N N 239 
MSE CB  CG   sing N N 240 
MSE CB  HB2  sing N N 241 
MSE CB  HB3  sing N N 242 
MSE CG  SE   sing N N 243 
MSE CG  HG2  sing N N 244 
MSE CG  HG3  sing N N 245 
MSE SE  CE   sing N N 246 
MSE CE  HE1  sing N N 247 
MSE CE  HE2  sing N N 248 
MSE CE  HE3  sing N N 249 
PHE N   CA   sing N N 250 
PHE N   H    sing N N 251 
PHE N   H2   sing N N 252 
PHE CA  C    sing N N 253 
PHE CA  CB   sing N N 254 
PHE CA  HA   sing N N 255 
PHE C   O    doub N N 256 
PHE C   OXT  sing N N 257 
PHE CB  CG   sing N N 258 
PHE CB  HB2  sing N N 259 
PHE CB  HB3  sing N N 260 
PHE CG  CD1  doub Y N 261 
PHE CG  CD2  sing Y N 262 
PHE CD1 CE1  sing Y N 263 
PHE CD1 HD1  sing N N 264 
PHE CD2 CE2  doub Y N 265 
PHE CD2 HD2  sing N N 266 
PHE CE1 CZ   doub Y N 267 
PHE CE1 HE1  sing N N 268 
PHE CE2 CZ   sing Y N 269 
PHE CE2 HE2  sing N N 270 
PHE CZ  HZ   sing N N 271 
PHE OXT HXT  sing N N 272 
PRO N   CA   sing N N 273 
PRO N   CD   sing N N 274 
PRO N   H    sing N N 275 
PRO CA  C    sing N N 276 
PRO CA  CB   sing N N 277 
PRO CA  HA   sing N N 278 
PRO C   O    doub N N 279 
PRO C   OXT  sing N N 280 
PRO CB  CG   sing N N 281 
PRO CB  HB2  sing N N 282 
PRO CB  HB3  sing N N 283 
PRO CG  CD   sing N N 284 
PRO CG  HG2  sing N N 285 
PRO CG  HG3  sing N N 286 
PRO CD  HD2  sing N N 287 
PRO CD  HD3  sing N N 288 
PRO OXT HXT  sing N N 289 
SER N   CA   sing N N 290 
SER N   H    sing N N 291 
SER N   H2   sing N N 292 
SER CA  C    sing N N 293 
SER CA  CB   sing N N 294 
SER CA  HA   sing N N 295 
SER C   O    doub N N 296 
SER C   OXT  sing N N 297 
SER CB  OG   sing N N 298 
SER CB  HB2  sing N N 299 
SER CB  HB3  sing N N 300 
SER OG  HG   sing N N 301 
SER OXT HXT  sing N N 302 
THR N   CA   sing N N 303 
THR N   H    sing N N 304 
THR N   H2   sing N N 305 
THR CA  C    sing N N 306 
THR CA  CB   sing N N 307 
THR CA  HA   sing N N 308 
THR C   O    doub N N 309 
THR C   OXT  sing N N 310 
THR CB  OG1  sing N N 311 
THR CB  CG2  sing N N 312 
THR CB  HB   sing N N 313 
THR OG1 HG1  sing N N 314 
THR CG2 HG21 sing N N 315 
THR CG2 HG22 sing N N 316 
THR CG2 HG23 sing N N 317 
THR OXT HXT  sing N N 318 
TYR N   CA   sing N N 319 
TYR N   H    sing N N 320 
TYR N   H2   sing N N 321 
TYR CA  C    sing N N 322 
TYR CA  CB   sing N N 323 
TYR CA  HA   sing N N 324 
TYR C   O    doub N N 325 
TYR C   OXT  sing N N 326 
TYR CB  CG   sing N N 327 
TYR CB  HB2  sing N N 328 
TYR CB  HB3  sing N N 329 
TYR CG  CD1  doub Y N 330 
TYR CG  CD2  sing Y N 331 
TYR CD1 CE1  sing Y N 332 
TYR CD1 HD1  sing N N 333 
TYR CD2 CE2  doub Y N 334 
TYR CD2 HD2  sing N N 335 
TYR CE1 CZ   doub Y N 336 
TYR CE1 HE1  sing N N 337 
TYR CE2 CZ   sing Y N 338 
TYR CE2 HE2  sing N N 339 
TYR CZ  OH   sing N N 340 
TYR OH  HH   sing N N 341 
TYR OXT HXT  sing N N 342 
VAL N   CA   sing N N 343 
VAL N   H    sing N N 344 
VAL N   H2   sing N N 345 
VAL CA  C    sing N N 346 
VAL CA  CB   sing N N 347 
VAL CA  HA   sing N N 348 
VAL C   O    doub N N 349 
VAL C   OXT  sing N N 350 
VAL CB  CG1  sing N N 351 
VAL CB  CG2  sing N N 352 
VAL CB  HB   sing N N 353 
VAL CG1 HG11 sing N N 354 
VAL CG1 HG12 sing N N 355 
VAL CG1 HG13 sing N N 356 
VAL CG2 HG21 sing N N 357 
VAL CG2 HG22 sing N N 358 
VAL CG2 HG23 sing N N 359 
VAL OXT HXT  sing N N 360 
# 
_atom_sites.entry_id                    2VXZ 
_atom_sites.fract_transf_matrix[1][1]   0.00283669 
_atom_sites.fract_transf_matrix[1][2]   -0.01453624 
_atom_sites.fract_transf_matrix[1][3]   0.02033285 
_atom_sites.fract_transf_matrix[2][1]   -0.01283524 
_atom_sites.fract_transf_matrix[2][2]   0.01306688 
_atom_sites.fract_transf_matrix[2][3]   0.01113237 
_atom_sites.fract_transf_matrix[3][1]   -0.00974553 
_atom_sites.fract_transf_matrix[3][2]   -0.00666913 
_atom_sites.fract_transf_matrix[3][3]   -0.00340823 
_atom_sites.fract_transf_vector[1]      0.560158 
_atom_sites.fract_transf_vector[2]      1.000821 
_atom_sites.fract_transf_vector[3]      0.545433 
# 
loop_
_atom_type.symbol 
C  
CL 
N  
O  
S  
SE 
# 
loop_
_atom_site.group_PDB 
_atom_site.id 
_atom_site.type_symbol 
_atom_site.label_atom_id 
_atom_site.label_alt_id 
_atom_site.label_comp_id 
_atom_site.label_asym_id 
_atom_site.label_entity_id 
_atom_site.label_seq_id 
_atom_site.pdbx_PDB_ins_code 
_atom_site.Cartn_x 
_atom_site.Cartn_y 
_atom_site.Cartn_z 
_atom_site.occupancy 
_atom_site.B_iso_or_equiv 
_atom_site.pdbx_formal_charge 
_atom_site.auth_seq_id 
_atom_site.auth_comp_id 
_atom_site.auth_asym_id 
_atom_site.auth_atom_id 
_atom_site.pdbx_PDB_model_num 
ATOM   1    N  N   . HIS A 1 5   ? 23.093  19.430  -3.258  1.00 34.15 ? 5    HIS A N   1 
ATOM   2    C  CA  . HIS A 1 5   ? 23.446  17.994  -3.067  1.00 33.63 ? 5    HIS A CA  1 
ATOM   3    C  C   . HIS A 1 5   ? 24.443  17.484  -4.107  1.00 33.86 ? 5    HIS A C   1 
ATOM   4    O  O   . HIS A 1 5   ? 24.633  18.095  -5.161  1.00 34.08 ? 5    HIS A O   1 
ATOM   5    C  CB  . HIS A 1 5   ? 22.187  17.138  -3.125  1.00 33.64 ? 5    HIS A CB  1 
ATOM   6    C  CG  . HIS A 1 5   ? 21.193  17.450  -2.054  1.00 33.55 ? 5    HIS A CG  1 
ATOM   7    N  ND1 . HIS A 1 5   ? 21.382  17.101  -0.736  1.00 33.27 ? 5    HIS A ND1 1 
ATOM   8    C  CD2 . HIS A 1 5   ? 19.981  18.052  -2.114  1.00 33.90 ? 5    HIS A CD2 1 
ATOM   9    C  CE1 . HIS A 1 5   ? 20.333  17.480  -0.028  1.00 34.26 ? 5    HIS A CE1 1 
ATOM   10   N  NE2 . HIS A 1 5   ? 19.470  18.064  -0.840  1.00 34.80 ? 5    HIS A NE2 1 
ATOM   11   N  N   . SER A 1 6   ? 25.073  16.354  -3.802  1.00 33.43 ? 6    SER A N   1 
ATOM   12   C  CA  . SER A 1 6   ? 25.916  15.641  -4.761  1.00 33.21 ? 6    SER A CA  1 
ATOM   13   C  C   . SER A 1 6   ? 25.078  15.195  -5.952  1.00 32.99 ? 6    SER A C   1 
ATOM   14   O  O   . SER A 1 6   ? 23.854  15.138  -5.856  1.00 32.40 ? 6    SER A O   1 
ATOM   15   C  CB  . SER A 1 6   ? 26.523  14.399  -4.113  1.00 33.25 ? 6    SER A CB  1 
ATOM   16   O  OG  . SER A 1 6   ? 25.511  13.457  -3.791  1.00 33.94 ? 6    SER A OG  1 
ATOM   17   N  N   . ARG A 1 7   ? 25.740  14.863  -7.063  1.00 32.95 ? 7    ARG A N   1 
ATOM   18   C  CA  . ARG A 1 7   ? 25.038  14.376  -8.256  1.00 32.30 ? 7    ARG A CA  1 
ATOM   19   C  C   . ARG A 1 7   ? 24.158  13.179  -7.967  1.00 31.49 ? 7    ARG A C   1 
ATOM   20   O  O   . ARG A 1 7   ? 23.021  13.116  -8.436  1.00 30.62 ? 7    ARG A O   1 
ATOM   21   C  CB  . ARG A 1 7   ? 26.022  13.969  -9.361  1.00 32.53 ? 7    ARG A CB  1 
ATOM   22   C  CG  . ARG A 1 7   ? 26.528  15.098  -10.230 1.00 32.22 ? 7    ARG A CG  1 
ATOM   23   C  CD  . ARG A 1 7   ? 25.420  15.889  -10.903 1.00 32.60 ? 7    ARG A CD  1 
ATOM   24   N  NE  . ARG A 1 7   ? 24.620  15.100  -11.839 1.00 32.76 ? 7    ARG A NE  1 
ATOM   25   C  CZ  . ARG A 1 7   ? 23.517  15.545  -12.441 1.00 32.55 ? 7    ARG A CZ  1 
ATOM   26   N  NH1 . ARG A 1 7   ? 23.052  16.774  -12.207 1.00 34.62 ? 7    ARG A NH1 1 
ATOM   27   N  NH2 . ARG A 1 7   ? 22.861  14.760  -13.276 1.00 30.89 ? 7    ARG A NH2 1 
ATOM   28   N  N   . GLU A 1 8   ? 24.681  12.204  -7.234  1.00 30.63 ? 8    GLU A N   1 
ATOM   29   C  CA  . GLU A 1 8   ? 23.897  11.008  -6.989  1.00 29.81 ? 8    GLU A CA  1 
ATOM   30   C  C   . GLU A 1 8   ? 22.664  11.355  -6.153  1.00 28.77 ? 8    GLU A C   1 
ATOM   31   O  O   . GLU A 1 8   ? 21.569  10.944  -6.490  1.00 28.75 ? 8    GLU A O   1 
ATOM   32   C  CB  . GLU A 1 8   ? 24.718  9.893   -6.326  1.00 30.33 ? 8    GLU A CB  1 
ATOM   33   C  CG  . GLU A 1 8   ? 24.094  8.486   -6.525  1.00 32.04 ? 8    GLU A CG  1 
ATOM   34   C  CD  . GLU A 1 8   ? 24.065  7.999   -7.987  0.70 35.18 ? 8    GLU A CD  1 
ATOM   35   O  OE1 . GLU A 1 8   ? 24.715  8.655   -8.832  0.70 38.04 ? 8    GLU A OE1 1 
ATOM   36   O  OE2 . GLU A 1 8   ? 23.387  6.968   -8.304  1.00 34.44 ? 8    GLU A OE2 1 
ATOM   37   N  N   . VAL A 1 9   ? 22.836  12.149  -5.099  1.00 27.68 ? 9    VAL A N   1 
ATOM   38   C  CA  . VAL A 1 9   ? 21.710  12.490  -4.217  1.00 26.90 ? 9    VAL A CA  1 
ATOM   39   C  C   . VAL A 1 9   ? 20.660  13.352  -4.925  1.00 26.00 ? 9    VAL A C   1 
ATOM   40   O  O   . VAL A 1 9   ? 19.473  13.088  -4.810  1.00 24.83 ? 9    VAL A O   1 
ATOM   41   C  CB  . VAL A 1 9   ? 22.186  13.176  -2.911  1.00 26.89 ? 9    VAL A CB  1 
ATOM   42   C  CG1 . VAL A 1 9   ? 21.001  13.775  -2.131  1.00 26.84 ? 9    VAL A CG1 1 
ATOM   43   C  CG2 . VAL A 1 9   ? 22.944  12.174  -2.051  1.00 26.50 ? 9    VAL A CG2 1 
ATOM   44   N  N   . LEU A 1 10  ? 21.100  14.365  -5.659  1.00 25.81 ? 10   LEU A N   1 
ATOM   45   C  CA  . LEU A 1 10  ? 20.171  15.235  -6.394  1.00 25.71 ? 10   LEU A CA  1 
ATOM   46   C  C   . LEU A 1 10  ? 19.297  14.447  -7.371  1.00 25.17 ? 10   LEU A C   1 
ATOM   47   O  O   . LEU A 1 10  ? 18.075  14.627  -7.406  1.00 25.19 ? 10   LEU A O   1 
ATOM   48   C  CB  . LEU A 1 10  ? 20.942  16.331  -7.133  1.00 26.46 ? 10   LEU A CB  1 
ATOM   49   C  CG  . LEU A 1 10  ? 20.108  17.307  -7.962  1.00 27.56 ? 10   LEU A CG  1 
ATOM   50   C  CD1 . LEU A 1 10  ? 20.710  18.699  -7.943  1.00 29.77 ? 10   LEU A CD1 1 
ATOM   51   C  CD2 . LEU A 1 10  ? 19.954  16.807  -9.409  1.00 31.81 ? 10   LEU A CD2 1 
ATOM   52   N  N   . VAL A 1 11  ? 19.925  13.578  -8.155  1.00 24.68 ? 11   VAL A N   1 
ATOM   53   C  CA  . VAL A 1 11  ? 19.206  12.771  -9.147  1.00 24.51 ? 11   VAL A CA  1 
ATOM   54   C  C   . VAL A 1 11  ? 18.232  11.820  -8.455  1.00 23.65 ? 11   VAL A C   1 
ATOM   55   O  O   . VAL A 1 11  ? 17.083  11.698  -8.851  1.00 23.62 ? 11   VAL A O   1 
ATOM   56   C  CB  . VAL A 1 11  ? 20.196  11.966  -10.033 1.00 24.66 ? 11   VAL A CB  1 
ATOM   57   C  CG1 . VAL A 1 11  ? 19.479  10.821  -10.746 1.00 25.77 ? 11   VAL A CG1 1 
ATOM   58   C  CG2 . VAL A 1 11  ? 20.856  12.886  -11.032 1.00 26.17 ? 11   VAL A CG2 1 
ATOM   59   N  N   . ARG A 1 12  ? 18.680  11.168  -7.388  1.00 23.10 ? 12   ARG A N   1 
ATOM   60   C  CA  . ARG A 1 12  ? 17.819  10.235  -6.678  1.00 23.60 ? 12   ARG A CA  1 
ATOM   61   C  C   . ARG A 1 12  ? 16.638  10.905  -5.985  1.00 22.67 ? 12   ARG A C   1 
ATOM   62   O  O   . ARG A 1 12  ? 15.554  10.372  -5.992  1.00 22.18 ? 12   ARG A O   1 
ATOM   63   C  CB  . ARG A 1 12  ? 18.630  9.423   -5.658  1.00 23.72 ? 12   ARG A CB  1 
ATOM   64   C  CG  . ARG A 1 12  ? 19.782  8.621   -6.269  1.00 26.97 ? 12   ARG A CG  1 
ATOM   65   C  CD  . ARG A 1 12  ? 19.383  7.816   -7.474  1.00 29.50 ? 12   ARG A CD  1 
ATOM   66   N  NE  . ARG A 1 12  ? 20.063  6.516   -7.509  1.00 30.64 ? 12   ARG A NE  1 
ATOM   67   C  CZ  . ARG A 1 12  ? 19.546  5.415   -8.049  1.00 32.01 ? 12   ARG A CZ  1 
ATOM   68   N  NH1 . ARG A 1 12  ? 18.363  5.453   -8.632  1.00 31.59 ? 12   ARG A NH1 1 
ATOM   69   N  NH2 . ARG A 1 12  ? 20.217  4.276   -8.027  1.00 32.85 ? 12   ARG A NH2 1 
ATOM   70   N  N   . LEU A 1 13  ? 16.847  12.076  -5.390  1.00 22.92 ? 13   LEU A N   1 
ATOM   71   C  CA  . LEU A 1 13  ? 15.742  12.804  -4.758  1.00 23.44 ? 13   LEU A CA  1 
ATOM   72   C  C   . LEU A 1 13  ? 14.691  13.156  -5.796  1.00 23.68 ? 13   LEU A C   1 
ATOM   73   O  O   . LEU A 1 13  ? 13.494  12.989  -5.565  1.00 22.48 ? 13   LEU A O   1 
ATOM   74   C  CB  . LEU A 1 13  ? 16.241  14.080  -4.089  1.00 22.90 ? 13   LEU A CB  1 
ATOM   75   C  CG  . LEU A 1 13  ? 17.109  13.872  -2.849  1.00 23.12 ? 13   LEU A CG  1 
ATOM   76   C  CD1 . LEU A 1 13  ? 17.683  15.200  -2.385  1.00 23.91 ? 13   LEU A CD1 1 
ATOM   77   C  CD2 . LEU A 1 13  ? 16.344  13.194  -1.723  1.00 21.95 ? 13   LEU A CD2 1 
ATOM   78   N  N   . ARG A 1 14  ? 15.163  13.648  -6.941  1.00 24.49 ? 14   ARG A N   1 
ATOM   79   C  CA  . ARG A 1 14  ? 14.321  14.028  -8.082  1.00 25.32 ? 14   ARG A CA  1 
ATOM   80   C  C   . ARG A 1 14  ? 13.511  12.820  -8.576  1.00 24.75 ? 14   ARG A C   1 
ATOM   81   O  O   . ARG A 1 14  ? 12.298  12.908  -8.811  1.00 24.58 ? 14   ARG A O   1 
ATOM   82   C  CB  . ARG A 1 14  ? 15.269  14.553  -9.176  1.00 25.37 ? 14   ARG A CB  1 
ATOM   83   C  CG  . ARG A 1 14  ? 14.683  15.190  -10.387 1.00 27.77 ? 14   ARG A CG  1 
ATOM   84   C  CD  . ARG A 1 14  ? 15.823  15.802  -11.229 1.00 30.09 ? 14   ARG A CD  1 
ATOM   85   N  NE  . ARG A 1 14  ? 16.173  17.173  -10.831 1.00 34.32 ? 14   ARG A NE  1 
ATOM   86   C  CZ  . ARG A 1 14  ? 17.302  17.801  -11.169 0.70 35.13 ? 14   ARG A CZ  1 
ATOM   87   N  NH1 . ARG A 1 14  ? 18.243  17.188  -11.884 1.00 36.83 ? 14   ARG A NH1 1 
ATOM   88   N  NH2 . ARG A 1 14  ? 17.502  19.055  -10.776 1.00 35.84 ? 14   ARG A NH2 1 
ATOM   89   N  N   . ASP A 1 15  ? 14.188  11.691  -8.707  1.00 24.40 ? 15   ASP A N   1 
ATOM   90   C  CA  . ASP A 1 15  ? 13.553  10.460  -9.148  1.00 24.08 ? 15   ASP A CA  1 
ATOM   91   C  C   . ASP A 1 15  ? 12.484  9.945   -8.189  1.00 23.54 ? 15   ASP A C   1 
ATOM   92   O  O   . ASP A 1 15  ? 11.439  9.490   -8.640  1.00 22.87 ? 15   ASP A O   1 
ATOM   93   C  CB  . ASP A 1 15  ? 14.589  9.368   -9.398  1.00 24.97 ? 15   ASP A CB  1 
ATOM   94   C  CG  . ASP A 1 15  ? 15.479  9.667   -10.609 1.00 26.20 ? 15   ASP A CG  1 
ATOM   95   O  OD1 . ASP A 1 15  ? 15.215  10.616  -11.377 1.00 31.28 ? 15   ASP A OD1 1 
ATOM   96   O  OD2 . ASP A 1 15  ? 16.464  8.946   -10.767 1.00 29.19 ? 15   ASP A OD2 1 
ATOM   97   N  N   . ILE A 1 16  ? 12.721  10.045  -6.884  1.00 21.90 ? 16   ILE A N   1 
ATOM   98   C  CA  . ILE A 1 16  ? 11.740  9.570   -5.901  1.00 21.96 ? 16   ILE A CA  1 
ATOM   99   C  C   . ILE A 1 16  ? 10.484  10.442  -5.995  1.00 21.69 ? 16   ILE A C   1 
ATOM   100  O  O   . ILE A 1 16  ? 9.367   9.935   -6.039  1.00 21.40 ? 16   ILE A O   1 
ATOM   101  C  CB  . ILE A 1 16  ? 12.311  9.583   -4.467  1.00 21.29 ? 16   ILE A CB  1 
ATOM   102  C  CG1 . ILE A 1 16  ? 13.408  8.524   -4.316  1.00 22.19 ? 16   ILE A CG1 1 
ATOM   103  C  CG2 . ILE A 1 16  ? 11.206  9.305   -3.431  1.00 21.74 ? 16   ILE A CG2 1 
ATOM   104  C  CD1 . ILE A 1 16  ? 14.212  8.651   -3.007  1.00 21.75 ? 16   ILE A CD1 1 
ATOM   105  N  N   . LEU A 1 17  ? 10.672  11.755  -6.042  1.00 21.95 ? 17   LEU A N   1 
ATOM   106  C  CA  . LEU A 1 17  ? 9.532   12.675  -6.154  1.00 22.50 ? 17   LEU A CA  1 
ATOM   107  C  C   . LEU A 1 17  ? 8.726   12.427  -7.438  1.00 22.91 ? 17   LEU A C   1 
ATOM   108  O  O   . LEU A 1 17  ? 7.491   12.460  -7.428  1.00 22.80 ? 17   LEU A O   1 
ATOM   109  C  CB  . LEU A 1 17  ? 10.006  14.124  -6.071  1.00 22.23 ? 17   LEU A CB  1 
ATOM   110  C  CG  . LEU A 1 17  ? 10.529  14.549  -4.688  1.00 22.85 ? 17   LEU A CG  1 
ATOM   111  C  CD1 . LEU A 1 17  ? 11.051  15.991  -4.733  1.00 22.54 ? 17   LEU A CD1 1 
ATOM   112  C  CD2 . LEU A 1 17  ? 9.471   14.397  -3.591  1.00 22.02 ? 17   LEU A CD2 1 
ATOM   113  N  N   . ALA A 1 18  ? 9.430   12.145  -8.530  1.00 23.84 ? 18   ALA A N   1 
ATOM   114  C  CA  . ALA A 1 18  ? 8.762   11.824  -9.801  1.00 24.08 ? 18   ALA A CA  1 
ATOM   115  C  C   . ALA A 1 18  ? 7.940   10.543  -9.696  1.00 24.76 ? 18   ALA A C   1 
ATOM   116  O  O   . ALA A 1 18  ? 6.799   10.485  -10.160 1.00 24.91 ? 18   ALA A O   1 
ATOM   117  C  CB  . ALA A 1 18  ? 9.773   11.692  -10.892 1.00 24.59 ? 18   ALA A CB  1 
ATOM   118  N  N   . LEU A 1 19  ? 8.531   9.515   -9.096  1.00 24.96 ? 19   LEU A N   1 
ATOM   119  C  CA  . LEU A 1 19  ? 7.858   8.233   -8.897  1.00 25.39 ? 19   LEU A CA  1 
ATOM   120  C  C   . LEU A 1 19  ? 6.577   8.416   -8.074  1.00 25.71 ? 19   LEU A C   1 
ATOM   121  O  O   . LEU A 1 19  ? 5.559   7.802   -8.363  1.00 26.04 ? 19   LEU A O   1 
ATOM   122  C  CB  . LEU A 1 19  ? 8.813   7.249   -8.213  1.00 25.44 ? 19   LEU A CB  1 
ATOM   123  C  CG  . LEU A 1 19  ? 8.550   5.751   -8.193  1.00 26.46 ? 19   LEU A CG  1 
ATOM   124  C  CD1 . LEU A 1 19  ? 8.323   5.214   -9.595  1.00 28.45 ? 19   LEU A CD1 1 
ATOM   125  C  CD2 . LEU A 1 19  ? 9.711   5.002   -7.502  1.00 26.62 ? 19   LEU A CD2 1 
ATOM   126  N  N   . LEU A 1 20  ? 6.635   9.272   -7.055  1.00 25.34 ? 20   LEU A N   1 
ATOM   127  C  CA  . LEU A 1 20  ? 5.468   9.554   -6.213  1.00 25.48 ? 20   LEU A CA  1 
ATOM   128  C  C   . LEU A 1 20  ? 4.392   10.455  -6.827  1.00 25.95 ? 20   LEU A C   1 
ATOM   129  O  O   . LEU A 1 20  ? 3.293   10.546  -6.278  1.00 24.84 ? 20   LEU A O   1 
ATOM   130  C  CB  . LEU A 1 20  ? 5.911   10.168  -4.883  1.00 25.30 ? 20   LEU A CB  1 
ATOM   131  C  CG  . LEU A 1 20  ? 6.777   9.263   -4.013  1.00 24.23 ? 20   LEU A CG  1 
ATOM   132  C  CD1 . LEU A 1 20  ? 7.287   10.047  -2.826  1.00 24.95 ? 20   LEU A CD1 1 
ATOM   133  C  CD2 . LEU A 1 20  ? 6.009   8.006   -3.578  1.00 24.08 ? 20   LEU A CD2 1 
ATOM   134  N  N   . ALA A 1 21  ? 4.689   11.133  -7.933  1.00 26.63 ? 21   ALA A N   1 
ATOM   135  C  CA  . ALA A 1 21  ? 3.716   12.036  -8.556  1.00 27.65 ? 21   ALA A CA  1 
ATOM   136  C  C   . ALA A 1 21  ? 2.411   11.330  -8.896  1.00 28.44 ? 21   ALA A C   1 
ATOM   137  O  O   . ALA A 1 21  ? 1.346   11.929  -8.826  1.00 29.81 ? 21   ALA A O   1 
ATOM   138  C  CB  . ALA A 1 21  ? 4.303   12.686  -9.811  1.00 27.52 ? 21   ALA A CB  1 
ATOM   139  N  N   . ASP A 1 22  ? 2.505   10.053  -9.249  1.00 29.37 ? 22   ASP A N   1 
ATOM   140  C  CA  . ASP A 1 22  ? 1.352   9.255   -9.637  1.00 29.85 ? 22   ASP A CA  1 
ATOM   141  C  C   . ASP A 1 22  ? 0.642   8.588   -8.450  1.00 29.67 ? 22   ASP A C   1 
ATOM   142  O  O   . ASP A 1 22  ? -0.491  8.117   -8.590  1.00 30.77 ? 22   ASP A O   1 
ATOM   143  C  CB  . ASP A 1 22  ? 1.780   8.186   -10.655 1.00 31.57 ? 22   ASP A CB  1 
ATOM   144  C  CG  . ASP A 1 22  ? 3.241   7.790   -10.511 1.00 35.07 ? 22   ASP A CG  1 
ATOM   145  O  OD1 . ASP A 1 22  ? 3.517   6.636   -10.111 1.00 41.72 ? 22   ASP A OD1 1 
ATOM   146  O  OD2 . ASP A 1 22  ? 4.121   8.646   -10.790 1.00 40.48 ? 22   ASP A OD2 1 
ATOM   147  N  N   . GLY A 1 23  ? 1.299   8.524   -7.293  1.00 28.23 ? 23   GLY A N   1 
ATOM   148  C  CA  . GLY A 1 23  ? 0.642   8.050   -6.078  1.00 27.10 ? 23   GLY A CA  1 
ATOM   149  C  C   . GLY A 1 23  ? 1.615   7.593   -5.008  1.00 26.17 ? 23   GLY A C   1 
ATOM   150  O  O   . GLY A 1 23  ? 2.803   7.435   -5.275  1.00 25.99 ? 23   GLY A O   1 
ATOM   151  N  N   . CYS A 1 24  ? 1.097   7.395   -3.794  1.00 25.67 ? 24   CYS A N   1 
ATOM   152  C  CA  A CYS A 1 24  ? 1.918   6.935   -2.675  0.50 25.45 ? 24   CYS A CA  1 
ATOM   153  C  CA  B CYS A 1 24  ? 1.892   6.924   -2.657  0.50 25.59 ? 24   CYS A CA  1 
ATOM   154  C  C   . CYS A 1 24  ? 2.488   5.560   -2.951  1.00 25.17 ? 24   CYS A C   1 
ATOM   155  O  O   . CYS A 1 24  ? 1.867   4.741   -3.611  1.00 25.09 ? 24   CYS A O   1 
ATOM   156  C  CB  A CYS A 1 24  ? 1.111   6.862   -1.387  0.50 25.41 ? 24   CYS A CB  1 
ATOM   157  C  CB  B CYS A 1 24  ? 1.045   6.791   -1.388  0.50 25.57 ? 24   CYS A CB  1 
ATOM   158  S  SG  A CYS A 1 24  ? -0.083  8.154   -1.238  0.50 24.43 ? 24   CYS A SG  1 
ATOM   159  S  SG  B CYS A 1 24  ? 0.266   8.290   -0.766  0.50 25.69 ? 24   CYS A SG  1 
ATOM   160  N  N   . LYS A 1 25  ? 3.675   5.314   -2.416  1.00 24.99 ? 25   LYS A N   1 
ATOM   161  C  CA  . LYS A 1 25  ? 4.343   4.046   -2.605  1.00 24.93 ? 25   LYS A CA  1 
ATOM   162  C  C   . LYS A 1 25  ? 5.055   3.659   -1.342  1.00 24.56 ? 25   LYS A C   1 
ATOM   163  O  O   . LYS A 1 25  ? 5.478   4.524   -0.575  1.00 24.35 ? 25   LYS A O   1 
ATOM   164  C  CB  . LYS A 1 25  ? 5.344   4.159   -3.752  1.00 25.15 ? 25   LYS A CB  1 
ATOM   165  C  CG  . LYS A 1 25  ? 4.673   4.551   -5.054  1.00 26.23 ? 25   LYS A CG  1 
ATOM   166  C  CD  . LYS A 1 25  ? 5.623   4.551   -6.220  1.00 25.91 ? 25   LYS A CD  1 
ATOM   167  C  CE  . LYS A 1 25  ? 4.872   4.496   -7.537  1.00 26.42 ? 25   LYS A CE  1 
ATOM   168  N  NZ  . LYS A 1 25  ? 3.822   5.544   -7.652  1.00 26.34 ? 25   LYS A NZ  1 
ATOM   169  N  N   . THR A 1 26  ? 5.204   2.357   -1.130  1.00 24.32 ? 26   THR A N   1 
ATOM   170  C  CA  . THR A 1 26  ? 6.028   1.871   -0.031  1.00 24.06 ? 26   THR A CA  1 
ATOM   171  C  C   . THR A 1 26  ? 7.504   2.073   -0.367  1.00 23.83 ? 26   THR A C   1 
ATOM   172  O  O   . THR A 1 26  ? 7.878   2.111   -1.535  1.00 23.93 ? 26   THR A O   1 
ATOM   173  C  CB  . THR A 1 26  ? 5.803   0.387   0.245   1.00 24.43 ? 26   THR A CB  1 
ATOM   174  O  OG1 . THR A 1 26  ? 6.298   -0.398  -0.857  1.00 24.08 ? 26   THR A OG1 1 
ATOM   175  C  CG2 . THR A 1 26  ? 4.317   0.113   0.463   1.00 24.18 ? 26   THR A CG2 1 
ATOM   176  N  N   . THR A 1 27  ? 8.330   2.186   0.667   1.00 24.13 ? 27   THR A N   1 
ATOM   177  C  CA  . THR A 1 27  ? 9.772   2.214   0.496   1.00 23.40 ? 27   THR A CA  1 
ATOM   178  C  C   . THR A 1 27  ? 10.255  0.992   -0.292  1.00 22.87 ? 27   THR A C   1 
ATOM   179  O  O   . THR A 1 27  ? 11.147  1.112   -1.134  1.00 22.66 ? 27   THR A O   1 
ATOM   180  C  CB  . THR A 1 27  ? 10.491  2.317   1.865   1.00 24.10 ? 27   THR A CB  1 
ATOM   181  O  OG1 . THR A 1 27  ? 10.010  3.480   2.552   1.00 25.31 ? 27   THR A OG1 1 
ATOM   182  C  CG2 . THR A 1 27  ? 12.000  2.419   1.685   1.00 24.87 ? 27   THR A CG2 1 
ATOM   183  N  N   . SER A 1 28  ? 9.664   -0.182  -0.051  1.00 22.31 ? 28   SER A N   1 
ATOM   184  C  CA  . SER A 1 28  ? 10.061  -1.371  -0.813  1.00 22.14 ? 28   SER A CA  1 
ATOM   185  C  C   . SER A 1 28  ? 9.851   -1.214  -2.317  1.00 21.95 ? 28   SER A C   1 
ATOM   186  O  O   . SER A 1 28  ? 10.690  -1.649  -3.103  1.00 20.49 ? 28   SER A O   1 
ATOM   187  C  CB  . SER A 1 28  ? 9.357   -2.638  -0.317  1.00 22.39 ? 28   SER A CB  1 
ATOM   188  O  OG  . SER A 1 28  ? 7.961   -2.466  -0.319  1.00 21.68 ? 28   SER A OG  1 
ATOM   189  N  N   . LEU A 1 29  ? 8.748   -0.591  -2.719  1.00 21.60 ? 29   LEU A N   1 
ATOM   190  C  CA  . LEU A 1 29  ? 8.500   -0.389  -4.139  1.00 21.99 ? 29   LEU A CA  1 
ATOM   191  C  C   . LEU A 1 29  ? 9.473   0.636   -4.705  1.00 21.36 ? 29   LEU A C   1 
ATOM   192  O  O   . LEU A 1 29  ? 10.028  0.438   -5.794  1.00 20.92 ? 29   LEU A O   1 
ATOM   193  C  CB  . LEU A 1 29  ? 7.063   0.046   -4.397  1.00 22.02 ? 29   LEU A CB  1 
ATOM   194  C  CG  . LEU A 1 29  ? 6.671   0.205   -5.865  1.00 22.28 ? 29   LEU A CG  1 
ATOM   195  C  CD1 . LEU A 1 29  ? 6.960   -1.056  -6.686  1.00 23.22 ? 29   LEU A CD1 1 
ATOM   196  C  CD2 . LEU A 1 29  ? 5.194   0.595   -5.983  1.00 22.97 ? 29   LEU A CD2 1 
ATOM   197  N  N   . ILE A 1 30  ? 9.693   1.723   -3.961  1.00 21.33 ? 30   ILE A N   1 
ATOM   198  C  CA  . ILE A 1 30  ? 10.688  2.739   -4.364  1.00 22.00 ? 30   ILE A CA  1 
ATOM   199  C  C   . ILE A 1 30  ? 12.073  2.124   -4.557  1.00 22.10 ? 30   ILE A C   1 
ATOM   200  O  O   . ILE A 1 30  ? 12.721  2.346   -5.582  1.00 21.46 ? 30   ILE A O   1 
ATOM   201  C  CB  . ILE A 1 30  ? 10.730  3.918   -3.328  1.00 22.21 ? 30   ILE A CB  1 
ATOM   202  C  CG1 . ILE A 1 30  ? 9.394   4.654   -3.343  1.00 21.00 ? 30   ILE A CG1 1 
ATOM   203  C  CG2 . ILE A 1 30  ? 11.881  4.900   -3.645  1.00 21.53 ? 30   ILE A CG2 1 
ATOM   204  C  CD1 . ILE A 1 30  ? 9.117   5.516   -2.119  1.00 22.64 ? 30   ILE A CD1 1 
ATOM   205  N  N   . GLN A 1 31  ? 12.541  1.345   -3.574  1.00 22.77 ? 31   GLN A N   1 
ATOM   206  C  CA  . GLN A 1 31  ? 13.830  0.651   -3.684  1.00 24.07 ? 31   GLN A CA  1 
ATOM   207  C  C   . GLN A 1 31  ? 13.937  -0.175  -4.952  1.00 23.50 ? 31   GLN A C   1 
ATOM   208  O  O   . GLN A 1 31  ? 14.949  -0.123  -5.646  1.00 23.42 ? 31   GLN A O   1 
ATOM   209  C  CB  . GLN A 1 31  ? 14.036  -0.326  -2.537  1.00 24.62 ? 31   GLN A CB  1 
ATOM   210  C  CG  . GLN A 1 31  ? 14.193  0.291   -1.210  1.00 27.88 ? 31   GLN A CG  1 
ATOM   211  C  CD  . GLN A 1 31  ? 14.027  -0.744  -0.117  1.00 26.85 ? 31   GLN A CD  1 
ATOM   212  O  OE1 . GLN A 1 31  ? 13.235  -0.572  0.801   1.00 36.10 ? 31   GLN A OE1 1 
ATOM   213  N  NE2 . GLN A 1 31  ? 14.755  -1.849  -0.241  1.00 34.53 ? 31   GLN A NE2 1 
ATOM   214  N  N   . GLN A 1 32  ? 12.896  -0.957  -5.215  1.00 23.81 ? 32   GLN A N   1 
ATOM   215  C  CA  . GLN A 1 32  ? 12.874  -1.862  -6.357  1.00 23.59 ? 32   GLN A CA  1 
ATOM   216  C  C   . GLN A 1 32  ? 12.898  -1.091  -7.670  1.00 23.58 ? 32   GLN A C   1 
ATOM   217  O  O   . GLN A 1 32  ? 13.723  -1.379  -8.561  1.00 23.84 ? 32   GLN A O   1 
ATOM   218  C  CB  . GLN A 1 32  ? 11.653  -2.787  -6.290  1.00 24.22 ? 32   GLN A CB  1 
ATOM   219  C  CG  . GLN A 1 32  ? 11.607  -3.829  -7.413  1.00 25.78 ? 32   GLN A CG  1 
ATOM   220  C  CD  . GLN A 1 32  ? 10.967  -3.330  -8.693  0.70 29.43 ? 32   GLN A CD  1 
ATOM   221  O  OE1 . GLN A 1 32  ? 9.954   -2.633  -8.668  0.70 33.66 ? 32   GLN A OE1 1 
ATOM   222  N  NE2 . GLN A 1 32  ? 11.555  -3.698  -9.826  1.00 33.18 ? 32   GLN A NE2 1 
ATOM   223  N  N   . ARG A 1 33  ? 12.016  -0.099  -7.773  1.00 22.68 ? 33   ARG A N   1 
ATOM   224  C  CA  . ARG A 1 33  ? 11.841  0.640   -9.010  1.00 22.76 ? 33   ARG A CA  1 
ATOM   225  C  C   . ARG A 1 33  ? 13.092  1.385   -9.397  1.00 22.34 ? 33   ARG A C   1 
ATOM   226  O  O   . ARG A 1 33  ? 13.413  1.471   -10.582 1.00 21.74 ? 33   ARG A O   1 
ATOM   227  C  CB  . ARG A 1 33  ? 10.678  1.625   -8.885  1.00 22.88 ? 33   ARG A CB  1 
ATOM   228  C  CG  . ARG A 1 33  ? 9.318   0.970   -8.948  1.00 25.28 ? 33   ARG A CG  1 
ATOM   229  C  CD  . ARG A 1 33  ? 9.000   0.510   -10.348 1.00 28.39 ? 33   ARG A CD  1 
ATOM   230  N  NE  . ARG A 1 33  ? 7.700   -0.141  -10.432 1.00 30.98 ? 33   ARG A NE  1 
ATOM   231  C  CZ  . ARG A 1 33  ? 6.536   0.484   -10.552 1.00 32.61 ? 33   ARG A CZ  1 
ATOM   232  N  NH1 . ARG A 1 33  ? 6.470   1.810   -10.590 1.00 35.82 ? 33   ARG A NH1 1 
ATOM   233  N  NH2 . ARG A 1 33  ? 5.421   -0.229  -10.614 1.00 34.42 ? 33   ARG A NH2 1 
ATOM   234  N  N   . LEU A 1 34  ? 13.793  1.921   -8.398  1.00 21.61 ? 34   LEU A N   1 
ATOM   235  C  CA  . LEU A 1 34  ? 14.955  2.768   -8.634  1.00 22.09 ? 34   LEU A CA  1 
ATOM   236  C  C   . LEU A 1 34  ? 16.296  2.063   -8.453  1.00 22.49 ? 34   LEU A C   1 
ATOM   237  O  O   . LEU A 1 34  ? 17.340  2.680   -8.642  1.00 23.23 ? 34   LEU A O   1 
ATOM   238  C  CB  . LEU A 1 34  ? 14.874  4.002   -7.733  1.00 21.58 ? 34   LEU A CB  1 
ATOM   239  C  CG  . LEU A 1 34  ? 13.630  4.873   -7.913  1.00 21.05 ? 34   LEU A CG  1 
ATOM   240  C  CD1 . LEU A 1 34  ? 13.727  6.144   -7.089  1.00 19.48 ? 34   LEU A CD1 1 
ATOM   241  C  CD2 . LEU A 1 34  ? 13.425  5.215   -9.373  1.00 19.32 ? 34   LEU A CD2 1 
ATOM   242  N  N   . GLY A 1 35  ? 16.280  0.787   -8.095  1.00 23.07 ? 35   GLY A N   1 
ATOM   243  C  CA  . GLY A 1 35  ? 17.525  0.020   -7.921  1.00 24.02 ? 35   GLY A CA  1 
ATOM   244  C  C   . GLY A 1 35  ? 18.380  0.514   -6.770  1.00 24.51 ? 35   GLY A C   1 
ATOM   245  O  O   . GLY A 1 35  ? 19.617  0.486   -6.851  1.00 24.52 ? 35   GLY A O   1 
ATOM   246  N  N   . LEU A 1 36  ? 17.719  0.939   -5.697  1.00 24.76 ? 36   LEU A N   1 
ATOM   247  C  CA  . LEU A 1 36  ? 18.393  1.447   -4.498  1.00 25.31 ? 36   LEU A CA  1 
ATOM   248  C  C   . LEU A 1 36  ? 18.552  0.364   -3.453  1.00 26.30 ? 36   LEU A C   1 
ATOM   249  O  O   . LEU A 1 36  ? 17.723  -0.530  -3.368  1.00 27.74 ? 36   LEU A O   1 
ATOM   250  C  CB  . LEU A 1 36  ? 17.586  2.582   -3.877  1.00 25.55 ? 36   LEU A CB  1 
ATOM   251  C  CG  . LEU A 1 36  ? 17.597  3.909   -4.639  1.00 25.09 ? 36   LEU A CG  1 
ATOM   252  C  CD1 . LEU A 1 36  ? 16.498  4.851   -4.146  1.00 25.55 ? 36   LEU A CD1 1 
ATOM   253  C  CD2 . LEU A 1 36  ? 18.974  4.570   -4.558  1.00 26.94 ? 36   LEU A CD2 1 
ATOM   254  N  N   . SER A 1 37  ? 19.610  0.444   -2.649  1.00 26.93 ? 37   SER A N   1 
ATOM   255  C  CA  . SER A 1 37  ? 19.670  -0.336  -1.406  1.00 27.25 ? 37   SER A CA  1 
ATOM   256  C  C   . SER A 1 37  ? 18.596  0.132   -0.406  1.00 27.87 ? 37   SER A C   1 
ATOM   257  O  O   . SER A 1 37  ? 18.084  1.243   -0.485  1.00 27.49 ? 37   SER A O   1 
ATOM   258  C  CB  . SER A 1 37  ? 21.024  -0.179  -0.739  1.00 27.00 ? 37   SER A CB  1 
ATOM   259  O  OG  . SER A 1 37  ? 21.355  1.192   -0.626  1.00 26.56 ? 37   SER A OG  1 
ATOM   260  N  N   . HIS A 1 38  ? 18.275  -0.715  0.560   1.00 28.35 ? 38   HIS A N   1 
ATOM   261  C  CA  . HIS A 1 38  ? 17.342  -0.315  1.608   0.70 27.87 ? 38   HIS A CA  1 
ATOM   262  C  C   . HIS A 1 38  ? 17.802  0.978   2.295   1.00 27.50 ? 38   HIS A C   1 
ATOM   263  O  O   . HIS A 1 38  ? 16.999  1.904   2.483   1.00 27.70 ? 38   HIS A O   1 
ATOM   264  C  CB  . HIS A 1 38  ? 17.197  -1.424  2.640   1.00 29.31 ? 38   HIS A CB  1 
ATOM   265  C  CG  . HIS A 1 38  ? 16.104  -1.186  3.630   1.00 30.46 ? 38   HIS A CG  1 
ATOM   266  N  ND1 . HIS A 1 38  ? 14.873  -0.682  3.271   1.00 32.86 ? 38   HIS A ND1 1 
ATOM   267  C  CD2 . HIS A 1 38  ? 16.045  -1.411  4.964   1.00 32.36 ? 38   HIS A CD2 1 
ATOM   268  C  CE1 . HIS A 1 38  ? 14.106  -0.592  4.343   1.00 33.30 ? 38   HIS A CE1 1 
ATOM   269  N  NE2 . HIS A 1 38  ? 14.793  -1.031  5.383   1.00 32.98 ? 38   HIS A NE2 1 
ATOM   270  N  N   . GLY A 1 39  ? 19.087  1.019   2.662   1.00 26.54 ? 39   GLY A N   1 
ATOM   271  C  CA  . GLY A 1 39  ? 19.667  2.144   3.385   1.00 25.18 ? 39   GLY A CA  1 
ATOM   272  C  C   . GLY A 1 39  ? 19.587  3.454   2.629   1.00 24.36 ? 39   GLY A C   1 
ATOM   273  O  O   . GLY A 1 39  ? 19.176  4.459   3.190   1.00 23.76 ? 39   GLY A O   1 
ATOM   274  N  N   . ARG A 1 40  ? 20.002  3.448   1.360   1.00 23.57 ? 40   ARG A N   1 
ATOM   275  C  CA  . ARG A 1 40  ? 19.952  4.661   0.537   1.00 22.99 ? 40   ARG A CA  1 
ATOM   276  C  C   . ARG A 1 40  ? 18.511  5.154   0.389   1.00 21.97 ? 40   ARG A C   1 
ATOM   277  O  O   . ARG A 1 40  ? 18.245  6.351   0.535   1.00 20.99 ? 40   ARG A O   1 
ATOM   278  C  CB  . ARG A 1 40  ? 20.594  4.434   -0.834  1.00 23.11 ? 40   ARG A CB  1 
ATOM   279  C  CG  . ARG A 1 40  ? 22.104  4.296   -0.781  1.00 23.80 ? 40   ARG A CG  1 
ATOM   280  C  CD  . ARG A 1 40  ? 22.713  4.302   -2.177  1.00 25.86 ? 40   ARG A CD  1 
ATOM   281  N  NE  . ARG A 1 40  ? 24.175  4.240   -2.126  1.00 27.68 ? 40   ARG A NE  1 
ATOM   282  C  CZ  . ARG A 1 40  ? 24.892  3.121   -1.988  1.00 30.60 ? 40   ARG A CZ  1 
ATOM   283  N  NH1 . ARG A 1 40  ? 24.313  1.933   -1.850  1.00 32.64 ? 40   ARG A NH1 1 
ATOM   284  N  NH2 . ARG A 1 40  ? 26.218  3.185   -1.976  1.00 32.98 ? 40   ARG A NH2 1 
ATOM   285  N  N   . ALA A 1 41  ? 17.571  4.248   0.116   1.00 21.39 ? 41   ALA A N   1 
ATOM   286  C  CA  . ALA A 1 41  ? 16.178  4.670   -0.053  1.00 21.50 ? 41   ALA A CA  1 
ATOM   287  C  C   . ALA A 1 41  ? 15.655  5.326   1.222   1.00 21.28 ? 41   ALA A C   1 
ATOM   288  O  O   . ALA A 1 41  ? 15.032  6.391   1.184   1.00 20.69 ? 41   ALA A O   1 
ATOM   289  C  CB  . ALA A 1 41  ? 15.277  3.492   -0.475  1.00 21.54 ? 41   ALA A CB  1 
ATOM   290  N  N   . LYS A 1 42  ? 15.910  4.697   2.360   1.00 21.20 ? 42   LYS A N   1 
ATOM   291  C  CA  . LYS A 1 42  ? 15.463  5.264   3.621   1.00 21.47 ? 42   LYS A CA  1 
ATOM   292  C  C   . LYS A 1 42  ? 16.128  6.611   3.910   1.00 20.37 ? 42   LYS A C   1 
ATOM   293  O  O   . LYS A 1 42  ? 15.484  7.517   4.420   1.00 20.34 ? 42   LYS A O   1 
ATOM   294  C  CB  . LYS A 1 42  ? 15.692  4.271   4.763   1.00 21.30 ? 42   LYS A CB  1 
ATOM   295  C  CG  . LYS A 1 42  ? 14.710  3.097   4.710   1.00 22.95 ? 42   LYS A CG  1 
ATOM   296  C  CD  . LYS A 1 42  ? 14.583  2.399   6.037   1.00 25.15 ? 42   LYS A CD  1 
ATOM   297  C  CE  . LYS A 1 42  ? 13.888  3.285   7.075   1.00 28.23 ? 42   LYS A CE  1 
ATOM   298  N  NZ  . LYS A 1 42  ? 12.436  3.445   6.777   1.00 32.04 ? 42   LYS A NZ  1 
ATOM   299  N  N   . ALA A 1 43  ? 17.416  6.752   3.595   1.00 20.09 ? 43   ALA A N   1 
ATOM   300  C  CA  . ALA A 1 43  ? 18.141  7.998   3.874   1.00 19.66 ? 43   ALA A CA  1 
ATOM   301  C  C   . ALA A 1 43  ? 17.587  9.118   3.002   1.00 19.68 ? 43   ALA A C   1 
ATOM   302  O  O   . ALA A 1 43  ? 17.402  10.241  3.464   1.00 19.50 ? 43   ALA A O   1 
ATOM   303  C  CB  . ALA A 1 43  ? 19.663  7.828   3.645   1.00 19.03 ? 43   ALA A CB  1 
ATOM   304  N  N   . LEU A 1 44  ? 17.294  8.799   1.745   1.00 18.89 ? 44   LEU A N   1 
ATOM   305  C  CA  . LEU A 1 44  ? 16.759  9.787   0.803   1.00 19.44 ? 44   LEU A CA  1 
ATOM   306  C  C   . LEU A 1 44  ? 15.352  10.222  1.186   1.00 19.45 ? 44   LEU A C   1 
ATOM   307  O  O   . LEU A 1 44  ? 15.003  11.399  1.064   1.00 20.31 ? 44   LEU A O   1 
ATOM   308  C  CB  . LEU A 1 44  ? 16.749  9.220   -0.600  1.00 18.57 ? 44   LEU A CB  1 
ATOM   309  C  CG  . LEU A 1 44  ? 18.127  9.067   -1.234  1.00 20.03 ? 44   LEU A CG  1 
ATOM   310  C  CD1 . LEU A 1 44  ? 18.091  8.063   -2.386  1.00 21.46 ? 44   LEU A CD1 1 
ATOM   311  C  CD2 . LEU A 1 44  ? 18.677  10.411  -1.688  1.00 20.11 ? 44   LEU A CD2 1 
ATOM   312  N  N   . ILE A 1 45  ? 14.536  9.271   1.633   1.00 20.25 ? 45   ILE A N   1 
ATOM   313  C  CA  . ILE A 1 45  ? 13.176  9.584   2.051   1.00 20.20 ? 45   ILE A CA  1 
ATOM   314  C  C   . ILE A 1 45  ? 13.208  10.472  3.285   1.00 20.17 ? 45   ILE A C   1 
ATOM   315  O  O   . ILE A 1 45  ? 12.435  11.424  3.404   1.00 20.55 ? 45   ILE A O   1 
ATOM   316  C  CB  . ILE A 1 45  ? 12.344  8.316   2.290   1.00 19.95 ? 45   ILE A CB  1 
ATOM   317  C  CG1 . ILE A 1 45  ? 12.044  7.650   0.937   1.00 20.55 ? 45   ILE A CG1 1 
ATOM   318  C  CG2 . ILE A 1 45  ? 11.033  8.670   3.005   1.00 20.60 ? 45   ILE A CG2 1 
ATOM   319  C  CD1 . ILE A 1 45  ? 11.774  6.168   0.992   1.00 22.11 ? 45   ILE A CD1 1 
ATOM   320  N  N   . TYR A 1 46  ? 14.135  10.186  4.193   1.00 19.53 ? 46   TYR A N   1 
ATOM   321  C  CA  . TYR A 1 46  ? 14.367  11.042  5.343   1.00 19.39 ? 46   TYR A CA  1 
ATOM   322  C  C   . TYR A 1 46  ? 14.706  12.492  4.951   1.00 19.28 ? 46   TYR A C   1 
ATOM   323  O  O   . TYR A 1 46  ? 14.167  13.454  5.529   1.00 18.56 ? 46   TYR A O   1 
ATOM   324  C  CB  . TYR A 1 46  ? 15.491  10.449  6.192   1.00 19.86 ? 46   TYR A CB  1 
ATOM   325  C  CG  . TYR A 1 46  ? 15.903  11.313  7.356   1.00 19.36 ? 46   TYR A CG  1 
ATOM   326  C  CD1 . TYR A 1 46  ? 15.087  11.441  8.473   1.00 20.63 ? 46   TYR A CD1 1 
ATOM   327  C  CD2 . TYR A 1 46  ? 17.105  11.998  7.346   1.00 18.98 ? 46   TYR A CD2 1 
ATOM   328  C  CE1 . TYR A 1 46  ? 15.466  12.238  9.547   1.00 20.74 ? 46   TYR A CE1 1 
ATOM   329  C  CE2 . TYR A 1 46  ? 17.490  12.793  8.416   1.00 19.26 ? 46   TYR A CE2 1 
ATOM   330  C  CZ  . TYR A 1 46  ? 16.662  12.908  9.507   1.00 19.84 ? 46   TYR A CZ  1 
ATOM   331  O  OH  . TYR A 1 46  ? 17.059  13.696  10.568  0.70 19.05 ? 46   TYR A OH  1 
ATOM   332  N  N   . VAL A 1 47  ? 15.607  12.651  3.992   1.00 18.90 ? 47   VAL A N   1 
ATOM   333  C  CA  . VAL A 1 47  ? 15.972  13.976  3.522   1.00 19.38 ? 47   VAL A CA  1 
ATOM   334  C  C   . VAL A 1 47  ? 14.743  14.716  2.969   1.00 19.42 ? 47   VAL A C   1 
ATOM   335  O  O   . VAL A 1 47  ? 14.546  15.893  3.268   1.00 20.21 ? 47   VAL A O   1 
ATOM   336  C  CB  . VAL A 1 47  ? 17.093  13.905  2.468   1.00 18.87 ? 47   VAL A CB  1 
ATOM   337  C  CG1 . VAL A 1 47  ? 17.277  15.247  1.773   1.00 20.20 ? 47   VAL A CG1 1 
ATOM   338  C  CG2 . VAL A 1 47  ? 18.403  13.460  3.128   1.00 18.39 ? 47   VAL A CG2 1 
ATOM   339  N  N   . LEU A 1 48  ? 13.939  14.026  2.164   1.00 19.81 ? 48   LEU A N   1 
ATOM   340  C  CA  . LEU A 1 48  ? 12.693  14.607  1.617   1.00 20.54 ? 48   LEU A CA  1 
ATOM   341  C  C   . LEU A 1 48  ? 11.695  15.003  2.714   1.00 21.04 ? 48   LEU A C   1 
ATOM   342  O  O   . LEU A 1 48  ? 11.054  16.065  2.630   1.00 20.99 ? 48   LEU A O   1 
ATOM   343  C  CB  . LEU A 1 48  ? 12.027  13.651  0.625   1.00 20.70 ? 48   LEU A CB  1 
ATOM   344  C  CG  . LEU A 1 48  ? 12.761  13.456  -0.706  1.00 20.29 ? 48   LEU A CG  1 
ATOM   345  C  CD1 . LEU A 1 48  ? 12.102  12.335  -1.521  1.00 20.63 ? 48   LEU A CD1 1 
ATOM   346  C  CD2 . LEU A 1 48  ? 12.830  14.756  -1.530  1.00 20.43 ? 48   LEU A CD2 1 
ATOM   347  N  N   . GLU A 1 49  ? 11.593  14.165  3.740   1.00 21.63 ? 49   GLU A N   1 
ATOM   348  C  CA  . GLU A 1 49  ? 10.701  14.410  4.872   1.00 22.15 ? 49   GLU A CA  1 
ATOM   349  C  C   . GLU A 1 49  ? 11.146  15.659  5.631   1.00 21.64 ? 49   GLU A C   1 
ATOM   350  O  O   . GLU A 1 49  ? 10.325  16.500  5.993   1.00 20.24 ? 49   GLU A O   1 
ATOM   351  C  CB  . GLU A 1 49  ? 10.696  13.179  5.779   1.00 22.35 ? 49   GLU A CB  1 
ATOM   352  C  CG  . GLU A 1 49  ? 9.549   13.056  6.761   1.00 24.05 ? 49   GLU A CG  1 
ATOM   353  C  CD  . GLU A 1 49  ? 9.514   11.665  7.409   1.00 25.87 ? 49   GLU A CD  1 
ATOM   354  O  OE1 . GLU A 1 49  ? 10.590  11.035  7.540   1.00 33.74 ? 49   GLU A OE1 1 
ATOM   355  O  OE2 . GLU A 1 49  ? 8.419   11.203  7.773   1.00 33.63 ? 49   GLU A OE2 1 
ATOM   356  N  N   . LYS A 1 50  ? 12.449  15.786  5.863   1.00 21.35 ? 50   LYS A N   1 
ATOM   357  C  CA  . LYS A 1 50  ? 12.993  16.949  6.561   1.00 22.40 ? 50   LYS A CA  1 
ATOM   358  C  C   . LYS A 1 50  ? 12.779  18.226  5.757   1.00 22.35 ? 50   LYS A C   1 
ATOM   359  O  O   . LYS A 1 50  ? 12.557  19.285  6.328   1.00 22.61 ? 50   LYS A O   1 
ATOM   360  C  CB  . LYS A 1 50  ? 14.484  16.757  6.845   1.00 22.93 ? 50   LYS A CB  1 
ATOM   361  C  CG  . LYS A 1 50  ? 14.768  15.706  7.915   1.00 25.44 ? 50   LYS A CG  1 
ATOM   362  C  CD  . LYS A 1 50  ? 14.549  16.224  9.342   0.70 27.74 ? 50   LYS A CD  1 
ATOM   363  C  CE  . LYS A 1 50  ? 15.502  17.356  9.687   0.50 29.07 ? 50   LYS A CE  1 
ATOM   364  N  NZ  . LYS A 1 50  ? 15.964  17.313  11.105  1.00 31.36 ? 50   LYS A NZ  1 
ATOM   365  N  N   . GLU A 1 51  ? 12.841  18.105  4.433   1.00 22.25 ? 51   GLU A N   1 
ATOM   366  C  CA  . GLU A 1 51  ? 12.568  19.208  3.516   1.00 22.85 ? 51   GLU A CA  1 
ATOM   367  C  C   . GLU A 1 51  ? 11.072  19.500  3.325   1.00 22.64 ? 51   GLU A C   1 
ATOM   368  O  O   . GLU A 1 51  ? 10.714  20.436  2.607   1.00 22.05 ? 51   GLU A O   1 
ATOM   369  C  CB  . GLU A 1 51  ? 13.200  18.911  2.158   1.00 23.05 ? 51   GLU A CB  1 
ATOM   370  C  CG  . GLU A 1 51  ? 14.724  18.984  2.151   1.00 24.97 ? 51   GLU A CG  1 
ATOM   371  C  CD  . GLU A 1 51  ? 15.316  18.656  0.790   0.70 24.99 ? 51   GLU A CD  1 
ATOM   372  O  OE1 . GLU A 1 51  ? 14.538  18.311  -0.132  1.00 29.45 ? 51   GLU A OE1 1 
ATOM   373  O  OE2 . GLU A 1 51  ? 16.556  18.735  0.647   1.00 28.87 ? 51   GLU A OE2 1 
ATOM   374  N  N   . GLY A 1 52  ? 10.210  18.700  3.946   1.00 22.15 ? 52   GLY A N   1 
ATOM   375  C  CA  . GLY A 1 52  ? 8.762   18.890  3.851   1.00 22.47 ? 52   GLY A CA  1 
ATOM   376  C  C   . GLY A 1 52  ? 8.124   18.364  2.565   1.00 22.68 ? 52   GLY A C   1 
ATOM   377  O  O   . GLY A 1 52  ? 6.932   18.589  2.335   1.00 22.08 ? 52   GLY A O   1 
ATOM   378  N  N   . ARG A 1 53  ? 8.892   17.638  1.755   1.00 23.06 ? 53   ARG A N   1 
ATOM   379  C  CA  . ARG A 1 53  ? 8.441   17.194  0.417   1.00 23.64 ? 53   ARG A CA  1 
ATOM   380  C  C   . ARG A 1 53  ? 7.662   15.884  0.415   1.00 24.02 ? 53   ARG A C   1 
ATOM   381  O  O   . ARG A 1 53  ? 6.919   15.608  -0.529  1.00 24.08 ? 53   ARG A O   1 
ATOM   382  C  CB  . ARG A 1 53  ? 9.632   17.033  -0.532  1.00 24.00 ? 53   ARG A CB  1 
ATOM   383  C  CG  . ARG A 1 53  ? 10.460  18.289  -0.771  1.00 26.46 ? 53   ARG A CG  1 
ATOM   384  C  CD  . ARG A 1 53  ? 9.647   19.435  -1.377  1.00 30.95 ? 53   ARG A CD  1 
ATOM   385  N  NE  . ARG A 1 53  ? 9.028   19.122  -2.672  1.00 33.55 ? 53   ARG A NE  1 
ATOM   386  C  CZ  . ARG A 1 53  ? 9.556   19.391  -3.872  1.00 34.54 ? 53   ARG A CZ  1 
ATOM   387  N  NH1 . ARG A 1 53  ? 10.752  19.953  -3.987  1.00 36.49 ? 53   ARG A NH1 1 
ATOM   388  N  NH2 . ARG A 1 53  ? 8.881   19.085  -4.976  1.00 34.04 ? 53   ARG A NH2 1 
ATOM   389  N  N   . VAL A 1 54  ? 7.847   15.065  1.442   1.00 24.16 ? 54   VAL A N   1 
ATOM   390  C  CA  . VAL A 1 54  ? 7.053   13.853  1.590   1.00 24.37 ? 54   VAL A CA  1 
ATOM   391  C  C   . VAL A 1 54  ? 6.610   13.687  3.026   1.00 25.54 ? 54   VAL A C   1 
ATOM   392  O  O   . VAL A 1 54  ? 7.143   14.338  3.938   1.00 24.82 ? 54   VAL A O   1 
ATOM   393  C  CB  . VAL A 1 54  ? 7.820   12.575  1.175   1.00 24.68 ? 54   VAL A CB  1 
ATOM   394  C  CG1 . VAL A 1 54  ? 8.315   12.671  -0.253  1.00 24.80 ? 54   VAL A CG1 1 
ATOM   395  C  CG2 . VAL A 1 54  ? 8.975   12.302  2.152   1.00 22.87 ? 54   VAL A CG2 1 
ATOM   396  N  N   . THR A 1 55  ? 5.629   12.808  3.209   1.00 26.80 ? 55   THR A N   1 
ATOM   397  C  CA  . THR A 1 55  ? 5.165   12.384  4.518   1.00 28.80 ? 55   THR A CA  1 
ATOM   398  C  C   . THR A 1 55  ? 5.224   10.864  4.569   1.00 29.09 ? 55   THR A C   1 
ATOM   399  O  O   . THR A 1 55  ? 4.910   10.202  3.584   1.00 28.90 ? 55   THR A O   1 
ATOM   400  C  CB  . THR A 1 55  ? 3.686   12.798  4.764   1.00 28.81 ? 55   THR A CB  1 
ATOM   401  O  OG1 . THR A 1 55  ? 3.498   14.175  4.417   1.00 31.92 ? 55   THR A OG1 1 
ATOM   402  C  CG2 . THR A 1 55  ? 3.318   12.585  6.216   1.00 29.46 ? 55   THR A CG2 1 
ATOM   403  N  N   . ARG A 1 56  ? 5.613   10.311  5.714   1.00 30.02 ? 56   ARG A N   1 
ATOM   404  C  CA  . ARG A 1 56  ? 5.576   8.864   5.915   1.00 30.68 ? 56   ARG A CA  1 
ATOM   405  C  C   . ARG A 1 56  ? 4.366   8.530   6.748   1.00 31.03 ? 56   ARG A C   1 
ATOM   406  O  O   . ARG A 1 56  ? 4.205   9.060   7.838   1.00 30.69 ? 56   ARG A O   1 
ATOM   407  C  CB  . ARG A 1 56  ? 6.827   8.371   6.641   1.00 30.98 ? 56   ARG A CB  1 
ATOM   408  C  CG  . ARG A 1 56  ? 8.094   8.509   5.845   1.00 31.69 ? 56   ARG A CG  1 
ATOM   409  C  CD  . ARG A 1 56  ? 9.297   8.037   6.653   1.00 32.76 ? 56   ARG A CD  1 
ATOM   410  N  NE  . ARG A 1 56  ? 9.408   6.581   6.659   1.00 32.64 ? 56   ARG A NE  1 
ATOM   411  C  CZ  . ARG A 1 56  ? 9.230   5.788   7.716   1.00 34.84 ? 56   ARG A CZ  1 
ATOM   412  N  NH1 . ARG A 1 56  ? 8.913   6.272   8.908   1.00 35.56 ? 56   ARG A NH1 1 
ATOM   413  N  NH2 . ARG A 1 56  ? 9.370   4.479   7.567   1.00 35.27 ? 56   ARG A NH2 1 
ATOM   414  N  N   . VAL A 1 57  ? 3.513   7.658   6.227   1.00 31.70 ? 57   VAL A N   1 
ATOM   415  C  CA  . VAL A 1 57  ? 2.329   7.226   6.934   1.00 32.45 ? 57   VAL A CA  1 
ATOM   416  C  C   . VAL A 1 57  ? 2.439   5.745   7.237   1.00 32.90 ? 57   VAL A C   1 
ATOM   417  O  O   . VAL A 1 57  ? 2.616   4.923   6.333   1.00 33.25 ? 57   VAL A O   1 
ATOM   418  C  CB  . VAL A 1 57  ? 1.066   7.514   6.111   1.00 32.58 ? 57   VAL A CB  1 
ATOM   419  C  CG1 . VAL A 1 57  ? -0.178  7.059   6.861   1.00 33.02 ? 57   VAL A CG1 1 
ATOM   420  C  CG2 . VAL A 1 57  ? 0.990   8.995   5.798   1.00 32.03 ? 57   VAL A CG2 1 
ATOM   421  N  N   . ALA A 1 58  ? 2.348   5.406   8.520   1.00 33.77 ? 58   ALA A N   1 
ATOM   422  C  CA  . ALA A 1 58  ? 2.381   4.021   8.948   1.00 34.08 ? 58   ALA A CA  1 
ATOM   423  C  C   . ALA A 1 58  ? 1.119   3.329   8.459   1.00 34.45 ? 58   ALA A C   1 
ATOM   424  O  O   . ALA A 1 58  ? 0.017   3.845   8.622   1.00 35.06 ? 58   ALA A O   1 
ATOM   425  C  CB  . ALA A 1 58  ? 2.486   3.930   10.469  1.00 34.59 ? 58   ALA A CB  1 
ATOM   426  N  N   . PHE A 1 59  ? 1.295   2.180   7.826   1.00 34.20 ? 59   PHE A N   1 
ATOM   427  C  CA  . PHE A 1 59  ? 0.179   1.405   7.314   1.00 34.45 ? 59   PHE A CA  1 
ATOM   428  C  C   . PHE A 1 59  ? 0.413   -0.038  7.723   1.00 35.53 ? 59   PHE A C   1 
ATOM   429  O  O   . PHE A 1 59  ? 0.823   -0.881  6.922   1.00 35.79 ? 59   PHE A O   1 
ATOM   430  C  CB  . PHE A 1 59  ? 0.059   1.565   5.802   1.00 33.35 ? 59   PHE A CB  1 
ATOM   431  C  CG  . PHE A 1 59  ? -1.277  1.148   5.255   1.00 31.92 ? 59   PHE A CG  1 
ATOM   432  C  CD1 . PHE A 1 59  ? -2.298  2.082   5.096   1.00 30.90 ? 59   PHE A CD1 1 
ATOM   433  C  CD2 . PHE A 1 59  ? -1.517  -0.174  4.901   1.00 31.22 ? 59   PHE A CD2 1 
ATOM   434  C  CE1 . PHE A 1 59  ? -3.524  1.711   4.591   1.00 31.13 ? 59   PHE A CE1 1 
ATOM   435  C  CE2 . PHE A 1 59  ? -2.752  -0.557  4.396   1.00 30.21 ? 59   PHE A CE2 1 
ATOM   436  C  CZ  . PHE A 1 59  ? -3.757  0.388   4.238   1.00 30.76 ? 59   PHE A CZ  1 
ATOM   437  N  N   . GLY A 1 60  ? 0.145   -0.297  8.997   1.00 36.64 ? 60   GLY A N   1 
ATOM   438  C  CA  . GLY A 1 60  ? 0.494   -1.566  9.617   1.00 37.65 ? 60   GLY A CA  1 
ATOM   439  C  C   . GLY A 1 60  ? 1.992   -1.603  9.821   1.00 37.75 ? 60   GLY A C   1 
ATOM   440  O  O   . GLY A 1 60  ? 2.557   -0.682  10.406  1.00 38.58 ? 60   GLY A O   1 
ATOM   441  N  N   . ASN A 1 61  ? 2.633   -2.642  9.298   1.00 38.30 ? 61   ASN A N   1 
ATOM   442  C  CA  . ASN A 1 61  ? 4.078   -2.819  9.437   1.00 38.34 ? 61   ASN A CA  1 
ATOM   443  C  C   . ASN A 1 61  ? 4.898   -2.233  8.275   1.00 38.26 ? 61   ASN A C   1 
ATOM   444  O  O   . ASN A 1 61  ? 6.125   -2.246  8.333   1.00 39.01 ? 61   ASN A O   1 
ATOM   445  C  CB  . ASN A 1 61  ? 4.406   -4.306  9.611   1.00 38.82 ? 61   ASN A CB  1 
ATOM   446  C  CG  . ASN A 1 61  ? 3.710   -4.934  10.818  0.70 39.60 ? 61   ASN A CG  1 
ATOM   447  O  OD1 . ASN A 1 61  ? 3.383   -6.122  10.805  0.70 41.37 ? 61   ASN A OD1 1 
ATOM   448  N  ND2 . ASN A 1 61  ? 3.485   -4.142  11.864  1.00 41.99 ? 61   ASN A ND2 1 
ATOM   449  N  N   . VAL A 1 62  ? 4.234   -1.731  7.229   1.00 37.76 ? 62   VAL A N   1 
ATOM   450  C  CA  . VAL A 1 62  ? 4.907   -0.994  6.149   1.00 37.09 ? 62   VAL A CA  1 
ATOM   451  C  C   . VAL A 1 62  ? 4.673   0.500   6.346   1.00 35.67 ? 62   VAL A C   1 
ATOM   452  O  O   . VAL A 1 62  ? 3.745   0.909   7.040   1.00 36.26 ? 62   VAL A O   1 
ATOM   453  C  CB  . VAL A 1 62  ? 4.405   -1.379  4.720   1.00 37.30 ? 62   VAL A CB  1 
ATOM   454  C  CG1 . VAL A 1 62  ? 4.167   -2.881  4.585   1.00 37.38 ? 62   VAL A CG1 1 
ATOM   455  C  CG2 . VAL A 1 62  ? 3.144   -0.613  4.356   1.00 37.48 ? 62   VAL A CG2 1 
ATOM   456  N  N   . ALA A 1 63  ? 5.521   1.313   5.733   1.00 34.53 ? 63   ALA A N   1 
ATOM   457  C  CA  . ALA A 1 63  ? 5.332   2.756   5.735   1.00 33.25 ? 63   ALA A CA  1 
ATOM   458  C  C   . ALA A 1 63  ? 4.997   3.190   4.313   1.00 31.41 ? 63   ALA A C   1 
ATOM   459  O  O   . ALA A 1 63  ? 5.636   2.760   3.362   1.00 32.34 ? 63   ALA A O   1 
ATOM   460  C  CB  . ALA A 1 63  ? 6.583   3.456   6.234   1.00 33.57 ? 63   ALA A CB  1 
ATOM   461  N  N   . LEU A 1 64  ? 3.968   4.013   4.164   1.00 29.59 ? 64   LEU A N   1 
ATOM   462  C  CA  . LEU A 1 64  ? 3.669   4.587   2.858   1.00 27.47 ? 64   LEU A CA  1 
ATOM   463  C  C   . LEU A 1 64  ? 4.329   5.946   2.756   1.00 26.54 ? 64   LEU A C   1 
ATOM   464  O  O   . LEU A 1 64  ? 4.215   6.761   3.683   1.00 26.82 ? 64   LEU A O   1 
ATOM   465  C  CB  . LEU A 1 64  ? 2.160   4.715   2.631   1.00 28.05 ? 64   LEU A CB  1 
ATOM   466  C  CG  . LEU A 1 64  ? 1.445   3.412   2.272   1.00 27.54 ? 64   LEU A CG  1 
ATOM   467  C  CD1 . LEU A 1 64  ? -0.044  3.541   2.500   1.00 27.74 ? 64   LEU A CD1 1 
ATOM   468  C  CD2 . LEU A 1 64  ? 1.725   3.002   0.848   1.00 27.33 ? 64   LEU A CD2 1 
ATOM   469  N  N   . VAL A 1 65  ? 5.016   6.181   1.639   1.00 24.45 ? 65   VAL A N   1 
ATOM   470  C  CA  . VAL A 1 65  ? 5.640   7.478   1.349   1.00 24.30 ? 65   VAL A CA  1 
ATOM   471  C  C   . VAL A 1 65  ? 4.711   8.252   0.429   1.00 23.53 ? 65   VAL A C   1 
ATOM   472  O  O   . VAL A 1 65  ? 4.351   7.761   -0.639  1.00 22.35 ? 65   VAL A O   1 
ATOM   473  C  CB  . VAL A 1 65  ? 7.017   7.302   0.698   1.00 23.50 ? 65   VAL A CB  1 
ATOM   474  C  CG1 . VAL A 1 65  ? 7.698   8.663   0.460   1.00 23.48 ? 65   VAL A CG1 1 
ATOM   475  C  CG2 . VAL A 1 65  ? 7.868   6.407   1.556   1.00 23.88 ? 65   VAL A CG2 1 
ATOM   476  N  N   . CYS A 1 66  ? 4.321   9.453   0.865   1.00 23.75 ? 66   CYS A N   1 
ATOM   477  C  CA  A CYS A 1 66  ? 3.303   10.250  0.185   0.50 23.62 ? 66   CYS A CA  1 
ATOM   478  C  CA  B CYS A 1 66  ? 3.329   10.253  0.140   0.50 24.03 ? 66   CYS A CA  1 
ATOM   479  C  C   . CYS A 1 66  ? 3.781   11.697  0.012   1.00 24.02 ? 66   CYS A C   1 
ATOM   480  O  O   . CYS A 1 66  ? 4.487   12.219  0.876   1.00 24.30 ? 66   CYS A O   1 
ATOM   481  C  CB  A CYS A 1 66  ? 2.003   10.236  1.009   0.50 23.63 ? 66   CYS A CB  1 
ATOM   482  C  CB  B CYS A 1 66  ? 1.974   10.237  0.855   0.50 24.26 ? 66   CYS A CB  1 
ATOM   483  S  SG  A CYS A 1 66  ? 1.621   8.679   1.896   0.50 20.31 ? 66   CYS A SG  1 
ATOM   484  S  SG  B CYS A 1 66  ? 1.194   8.627   1.025   0.50 24.20 ? 66   CYS A SG  1 
ATOM   485  N  N   . LEU A 1 67  ? 3.370   12.352  -1.073  1.00 23.97 ? 67   LEU A N   1 
ATOM   486  C  CA  . LEU A 1 67  ? 3.683   13.776  -1.273  1.00 24.32 ? 67   LEU A CA  1 
ATOM   487  C  C   . LEU A 1 67  ? 2.886   14.673  -0.324  1.00 24.21 ? 67   LEU A C   1 
ATOM   488  O  O   . LEU A 1 67  ? 3.280   15.801  -0.044  1.00 24.71 ? 67   LEU A O   1 
ATOM   489  C  CB  . LEU A 1 67  ? 3.386   14.212  -2.711  1.00 24.03 ? 67   LEU A CB  1 
ATOM   490  C  CG  . LEU A 1 67  ? 4.173   13.533  -3.832  1.00 25.25 ? 67   LEU A CG  1 
ATOM   491  C  CD1 . LEU A 1 67  ? 3.688   14.068  -5.177  1.00 24.95 ? 67   LEU A CD1 1 
ATOM   492  C  CD2 . LEU A 1 67  ? 5.683   13.739  -3.651  1.00 24.33 ? 67   LEU A CD2 1 
ATOM   493  N  N   . SER A 1 68  ? 1.751   14.175  0.148   1.00 24.59 ? 68   SER A N   1 
ATOM   494  C  CA  . SER A 1 68  ? 0.890   14.924  1.050   1.00 24.63 ? 68   SER A CA  1 
ATOM   495  C  C   . SER A 1 68  ? -0.104  13.981  1.702   1.00 25.23 ? 68   SER A C   1 
ATOM   496  O  O   . SER A 1 68  ? -0.299  12.856  1.233   1.00 23.76 ? 68   SER A O   1 
ATOM   497  C  CB  . SER A 1 68  ? 0.125   15.994  0.279   1.00 25.09 ? 68   SER A CB  1 
ATOM   498  O  OG  . SER A 1 68  ? -0.802  15.411  -0.615  1.00 24.73 ? 68   SER A OG  1 
HETATM 499  N  N   . MSE A 1 69  ? -0.740  14.444  2.775   1.00 25.99 ? 69   MSE A N   1 
HETATM 500  C  CA  . MSE A 1 69  ? -1.802  13.675  3.395   1.00 26.72 ? 69   MSE A CA  1 
HETATM 501  C  C   . MSE A 1 69  ? -3.025  13.611  2.497   1.00 26.16 ? 69   MSE A C   1 
HETATM 502  O  O   . MSE A 1 69  ? -3.722  12.616  2.515   1.00 25.64 ? 69   MSE A O   1 
HETATM 503  C  CB  . MSE A 1 69  ? -2.150  14.201  4.792   1.00 27.98 ? 69   MSE A CB  1 
HETATM 504  C  CG  . MSE A 1 69  ? -1.060  13.902  5.818   1.00 31.85 ? 69   MSE A CG  1 
HETATM 505  SE SE  . MSE A 1 69  ? -0.636  12.000  5.982   1.00 45.52 ? 69   MSE A SE  1 
HETATM 506  C  CE  . MSE A 1 69  ? -2.274  11.425  6.845   1.00 39.60 ? 69   MSE A CE  1 
ATOM   507  N  N   . ASP A 1 70  ? -3.264  14.639  1.684   1.00 26.08 ? 70   ASP A N   1 
ATOM   508  C  CA  . ASP A 1 70  ? -4.294  14.539  0.644   1.00 25.92 ? 70   ASP A CA  1 
ATOM   509  C  C   . ASP A 1 70  ? -4.023  13.389  -0.320  1.00 25.02 ? 70   ASP A C   1 
ATOM   510  O  O   . ASP A 1 70  ? -4.949  12.685  -0.714  1.00 24.82 ? 70   ASP A O   1 
ATOM   511  C  CB  . ASP A 1 70  ? -4.393  15.821  -0.173  1.00 26.26 ? 70   ASP A CB  1 
ATOM   512  C  CG  . ASP A 1 70  ? -5.252  16.869  0.486   1.00 28.28 ? 70   ASP A CG  1 
ATOM   513  O  OD1 . ASP A 1 70  ? -5.695  16.677  1.644   1.00 32.18 ? 70   ASP A OD1 1 
ATOM   514  O  OD2 . ASP A 1 70  ? -5.504  17.890  -0.180  1.00 31.27 ? 70   ASP A OD2 1 
ATOM   515  N  N   . GLN A 1 71  ? -2.762  13.212  -0.715  1.00 24.58 ? 71   GLN A N   1 
ATOM   516  C  CA  . GLN A 1 71  ? -2.425  12.132  -1.638  1.00 24.93 ? 71   GLN A CA  1 
ATOM   517  C  C   . GLN A 1 71  ? -2.665  10.784  -0.958  1.00 24.83 ? 71   GLN A C   1 
ATOM   518  O  O   . GLN A 1 71  ? -3.108  9.819   -1.603  1.00 25.09 ? 71   GLN A O   1 
ATOM   519  C  CB  . GLN A 1 71  ? -0.976  12.220  -2.122  1.00 24.84 ? 71   GLN A CB  1 
ATOM   520  C  CG  . GLN A 1 71  ? -0.703  11.295  -3.298  1.00 24.98 ? 71   GLN A CG  1 
ATOM   521  C  CD  . GLN A 1 71  ? 0.766   11.195  -3.659  1.00 25.22 ? 71   GLN A CD  1 
ATOM   522  O  OE1 . GLN A 1 71  ? 1.623   11.005  -2.792  1.00 24.21 ? 71   GLN A OE1 1 
ATOM   523  N  NE2 . GLN A 1 71  ? 1.062   11.317  -4.947  1.00 24.16 ? 71   GLN A NE2 1 
ATOM   524  N  N   . TYR A 1 72  ? -2.360  10.722  0.341   1.00 25.17 ? 72   TYR A N   1 
ATOM   525  C  CA  . TYR A 1 72  ? -2.624  9.523   1.134   1.00 25.24 ? 72   TYR A CA  1 
ATOM   526  C  C   . TYR A 1 72  ? -4.105  9.210   1.146   1.00 25.23 ? 72   TYR A C   1 
ATOM   527  O  O   . TYR A 1 72  ? -4.484  8.080   0.899   1.00 24.69 ? 72   TYR A O   1 
ATOM   528  C  CB  . TYR A 1 72  ? -2.097  9.645   2.571   1.00 25.99 ? 72   TYR A CB  1 
ATOM   529  C  CG  . TYR A 1 72  ? -2.532  8.499   3.461   1.00 26.00 ? 72   TYR A CG  1 
ATOM   530  C  CD1 . TYR A 1 72  ? -1.949  7.245   3.337   1.00 27.08 ? 72   TYR A CD1 1 
ATOM   531  C  CD2 . TYR A 1 72  ? -3.547  8.662   4.410   1.00 26.01 ? 72   TYR A CD2 1 
ATOM   532  C  CE1 . TYR A 1 72  ? -2.342  6.182   4.139   1.00 27.43 ? 72   TYR A CE1 1 
ATOM   533  C  CE2 . TYR A 1 72  ? -3.949  7.596   5.222   1.00 27.88 ? 72   TYR A CE2 1 
ATOM   534  C  CZ  . TYR A 1 72  ? -3.333  6.357   5.072   1.00 27.76 ? 72   TYR A CZ  1 
ATOM   535  O  OH  . TYR A 1 72  ? -3.712  5.272   5.843   1.00 28.78 ? 72   TYR A OH  1 
ATOM   536  N  N   . ARG A 1 73  ? -4.937  10.207  1.428   1.00 25.71 ? 73   ARG A N   1 
ATOM   537  C  CA  . ARG A 1 73  ? -6.379  9.988   1.477   1.00 26.24 ? 73   ARG A CA  1 
ATOM   538  C  C   . ARG A 1 73  ? -6.936  9.511   0.137   1.00 25.96 ? 73   ARG A C   1 
ATOM   539  O  O   . ARG A 1 73  ? -7.818  8.657   0.109   1.00 25.55 ? 73   ARG A O   1 
ATOM   540  C  CB  . ARG A 1 73  ? -7.112  11.236  1.961   1.00 26.44 ? 73   ARG A CB  1 
ATOM   541  C  CG  . ARG A 1 73  ? -6.827  11.540  3.416   1.00 27.38 ? 73   ARG A CG  1 
ATOM   542  C  CD  . ARG A 1 73  ? -7.526  12.796  3.886   1.00 28.91 ? 73   ARG A CD  1 
ATOM   543  N  NE  . ARG A 1 73  ? -6.887  13.309  5.102   1.00 32.03 ? 73   ARG A NE  1 
ATOM   544  C  CZ  . ARG A 1 73  ? -6.023  14.321  5.163   1.00 31.68 ? 73   ARG A CZ  1 
ATOM   545  N  NH1 . ARG A 1 73  ? -5.684  15.028  4.089   1.00 32.60 ? 73   ARG A NH1 1 
ATOM   546  N  NH2 . ARG A 1 73  ? -5.517  14.653  6.345   0.70 32.84 ? 73   ARG A NH2 1 
ATOM   547  N  N   . GLN A 1 74  ? -6.406  10.038  -0.963  1.00 25.63 ? 74   GLN A N   1 
ATOM   548  C  CA  . GLN A 1 74  ? -6.775  9.562   -2.298  1.00 26.29 ? 74   GLN A CA  1 
ATOM   549  C  C   . GLN A 1 74  ? -6.400  8.095   -2.489  1.00 25.86 ? 74   GLN A C   1 
ATOM   550  O  O   . GLN A 1 74  ? -7.180  7.332   -3.053  1.00 25.93 ? 74   GLN A O   1 
ATOM   551  C  CB  . GLN A 1 74  ? -6.112  10.417  -3.382  1.00 26.56 ? 74   GLN A CB  1 
ATOM   552  C  CG  . GLN A 1 74  ? -6.713  11.786  -3.478  1.00 28.51 ? 74   GLN A CG  1 
ATOM   553  C  CD  . GLN A 1 74  ? -5.958  12.724  -4.404  1.00 28.39 ? 74   GLN A CD  1 
ATOM   554  O  OE1 . GLN A 1 74  ? -4.773  12.525  -4.700  1.00 33.22 ? 74   GLN A OE1 1 
ATOM   555  N  NE2 . GLN A 1 74  ? -6.645  13.774  -4.857  0.70 30.63 ? 74   GLN A NE2 1 
ATOM   556  N  N   . LEU A 1 75  ? -5.208  7.707   -2.030  1.00 24.97 ? 75   LEU A N   1 
ATOM   557  C  CA  . LEU A 1 75  ? -4.767  6.312   -2.115  1.00 24.90 ? 75   LEU A CA  1 
ATOM   558  C  C   . LEU A 1 75  ? -5.702  5.388   -1.335  1.00 24.39 ? 75   LEU A C   1 
ATOM   559  O  O   . LEU A 1 75  ? -6.151  4.357   -1.846  1.00 23.75 ? 75   LEU A O   1 
ATOM   560  C  CB  . LEU A 1 75  ? -3.339  6.161   -1.586  1.00 24.88 ? 75   LEU A CB  1 
ATOM   561  C  CG  . LEU A 1 75  ? -2.720  4.772   -1.725  1.00 25.51 ? 75   LEU A CG  1 
ATOM   562  C  CD1 . LEU A 1 75  ? -2.043  4.616   -3.072  1.00 27.95 ? 75   LEU A CD1 1 
ATOM   563  C  CD2 . LEU A 1 75  ? -1.748  4.514   -0.592  1.00 25.03 ? 75   LEU A CD2 1 
ATOM   564  N  N   . VAL A 1 76  ? -6.002  5.765   -0.102  1.00 24.08 ? 76   VAL A N   1 
ATOM   565  C  CA  . VAL A 1 76  ? -6.913  4.980   0.749   1.00 24.36 ? 76   VAL A CA  1 
ATOM   566  C  C   . VAL A 1 76  ? -8.293  4.818   0.096   1.00 24.10 ? 76   VAL A C   1 
ATOM   567  O  O   . VAL A 1 76  ? -8.831  3.710   0.029   1.00 24.10 ? 76   VAL A O   1 
ATOM   568  C  CB  . VAL A 1 76  ? -7.062  5.623   2.139   1.00 24.77 ? 76   VAL A CB  1 
ATOM   569  C  CG1 . VAL A 1 76  ? -8.173  4.951   2.914   1.00 25.15 ? 76   VAL A CG1 1 
ATOM   570  C  CG2 . VAL A 1 76  ? -5.737  5.534   2.888   1.00 25.72 ? 76   VAL A CG2 1 
ATOM   571  N  N   . ASP A 1 77  ? -8.838  5.916   -0.414  1.00 23.85 ? 77   ASP A N   1 
ATOM   572  C  CA  . ASP A 1 77  ? -10.123 5.885   -1.117  1.00 24.21 ? 77   ASP A CA  1 
ATOM   573  C  C   . ASP A 1 77  ? -10.058 4.896   -2.283  1.00 23.92 ? 77   ASP A C   1 
ATOM   574  O  O   . ASP A 1 77  ? -10.971 4.093   -2.471  1.00 24.44 ? 77   ASP A O   1 
ATOM   575  C  CB  . ASP A 1 77  ? -10.522 7.276   -1.612  1.00 24.41 ? 77   ASP A CB  1 
ATOM   576  C  CG  . ASP A 1 77  ? -10.943 8.222   -0.483  0.70 26.66 ? 77   ASP A CG  1 
ATOM   577  O  OD1 . ASP A 1 77  ? -11.345 7.756   0.609   0.70 31.09 ? 77   ASP A OD1 1 
ATOM   578  O  OD2 . ASP A 1 77  ? -10.883 9.449   -0.698  0.70 29.01 ? 77   ASP A OD2 1 
ATOM   579  N  N   . GLY A 1 78  ? -8.959  4.925   -3.033  1.00 23.34 ? 78   GLY A N   1 
ATOM   580  C  CA  . GLY A 1 78  ? -8.759  4.008   -4.150  1.00 23.54 ? 78   GLY A CA  1 
ATOM   581  C  C   . GLY A 1 78  ? -8.648  2.560   -3.725  1.00 23.31 ? 78   GLY A C   1 
ATOM   582  O  O   . GLY A 1 78  ? -9.266  1.682   -4.328  1.00 23.27 ? 78   GLY A O   1 
HETATM 583  N  N   . MSE A 1 79  ? -7.861  2.298   -2.681  1.00 23.28 ? 79   MSE A N   1 
HETATM 584  C  CA  . MSE A 1 79  ? -7.698  0.928   -2.182  1.00 24.40 ? 79   MSE A CA  1 
HETATM 585  C  C   . MSE A 1 79  ? -9.025  0.396   -1.677  1.00 23.60 ? 79   MSE A C   1 
HETATM 586  O  O   . MSE A 1 79  ? -9.371  -0.769  -1.904  1.00 22.74 ? 79   MSE A O   1 
HETATM 587  C  CB  . MSE A 1 79  ? -6.650  0.877   -1.074  1.00 24.37 ? 79   MSE A CB  1 
HETATM 588  C  CG  . MSE A 1 79  ? -5.263  1.168   -1.569  1.00 25.37 ? 79   MSE A CG  1 
HETATM 589  SE SE  . MSE A 1 79  ? -3.949  0.756   -0.207  1.00 32.08 ? 79   MSE A SE  1 
HETATM 590  C  CE  . MSE A 1 79  ? -4.395  2.111   1.089   1.00 26.91 ? 79   MSE A CE  1 
ATOM   591  N  N   . ILE A 1 80  ? -9.774  1.251   -1.000  1.00 23.54 ? 80   ILE A N   1 
ATOM   592  C  CA  . ILE A 1 80  ? -11.080 0.854   -0.466  1.00 24.24 ? 80   ILE A CA  1 
ATOM   593  C  C   . ILE A 1 80  ? -12.070 0.527   -1.577  1.00 23.98 ? 80   ILE A C   1 
ATOM   594  O  O   . ILE A 1 80  ? -12.738 -0.498  -1.521  1.00 23.78 ? 80   ILE A O   1 
ATOM   595  C  CB  . ILE A 1 80  ? -11.643 1.912   0.498   1.00 24.03 ? 80   ILE A CB  1 
ATOM   596  C  CG1 . ILE A 1 80  ? -10.759 1.988   1.750   1.00 24.74 ? 80   ILE A CG1 1 
ATOM   597  C  CG2 . ILE A 1 80  ? -13.049 1.544   0.928   1.00 23.80 ? 80   ILE A CG2 1 
ATOM   598  C  CD1 . ILE A 1 80  ? -11.175 3.048   2.729   1.00 24.77 ? 80   ILE A CD1 1 
ATOM   599  N  N   . ARG A 1 81  ? -12.134 1.369   -2.603  1.00 24.25 ? 81   ARG A N   1 
ATOM   600  C  CA  . ARG A 1 81  ? -13.020 1.117   -3.741  1.00 25.13 ? 81   ARG A CA  1 
ATOM   601  C  C   . ARG A 1 81  ? -12.693 -0.198  -4.438  1.00 24.66 ? 81   ARG A C   1 
ATOM   602  O  O   . ARG A 1 81  ? -13.603 -0.925  -4.845  1.00 24.24 ? 81   ARG A O   1 
ATOM   603  C  CB  . ARG A 1 81  ? -12.975 2.270   -4.746  1.00 25.30 ? 81   ARG A CB  1 
ATOM   604  C  CG  . ARG A 1 81  ? -13.605 3.559   -4.235  1.00 27.55 ? 81   ARG A CG  1 
ATOM   605  C  CD  . ARG A 1 81  ? -13.823 4.559   -5.352  1.00 28.94 ? 81   ARG A CD  1 
ATOM   606  N  NE  . ARG A 1 81  ? -12.574 4.906   -6.025  1.00 32.16 ? 81   ARG A NE  1 
ATOM   607  C  CZ  . ARG A 1 81  ? -11.752 5.903   -5.686  1.00 32.77 ? 81   ARG A CZ  1 
ATOM   608  N  NH1 . ARG A 1 81  ? -12.018 6.709   -4.662  0.50 33.50 ? 81   ARG A NH1 1 
ATOM   609  N  NH2 . ARG A 1 81  ? -10.646 6.089   -6.390  1.00 33.49 ? 81   ARG A NH2 1 
ATOM   610  N  N   . GLU A 1 82  ? -11.400 -0.500  -4.576  1.00 24.41 ? 82   GLU A N   1 
ATOM   611  C  CA  . GLU A 1 82  ? -10.976 -1.742  -5.210  1.00 24.54 ? 82   GLU A CA  1 
ATOM   612  C  C   . GLU A 1 82  ? -11.372 -2.945  -4.376  1.00 23.88 ? 82   GLU A C   1 
ATOM   613  O  O   . GLU A 1 82  ? -11.909 -3.892  -4.916  1.00 23.17 ? 82   GLU A O   1 
ATOM   614  C  CB  . GLU A 1 82  ? -9.473  -1.767  -5.484  1.00 24.76 ? 82   GLU A CB  1 
ATOM   615  C  CG  . GLU A 1 82  ? -9.045  -0.842  -6.600  1.00 27.45 ? 82   GLU A CG  1 
ATOM   616  C  CD  . GLU A 1 82  ? -9.504  -1.315  -7.964  1.00 31.03 ? 82   GLU A CD  1 
ATOM   617  O  OE1 . GLU A 1 82  ? -9.055  -2.385  -8.402  1.00 33.97 ? 82   GLU A OE1 1 
ATOM   618  O  OE2 . GLU A 1 82  ? -10.331 -0.632  -8.592  1.00 35.78 ? 82   GLU A OE2 1 
ATOM   619  N  N   . VAL A 1 83  ? -11.114 -2.914  -3.062  1.00 23.13 ? 83   VAL A N   1 
ATOM   620  C  CA  . VAL A 1 83  ? -11.543 -4.015  -2.191  1.00 23.36 ? 83   VAL A CA  1 
ATOM   621  C  C   . VAL A 1 83  ? -13.064 -4.200  -2.291  1.00 23.47 ? 83   VAL A C   1 
ATOM   622  O  O   . VAL A 1 83  ? -13.554 -5.318  -2.458  1.00 23.20 ? 83   VAL A O   1 
ATOM   623  C  CB  . VAL A 1 83  ? -11.119 -3.812  -0.716  1.00 23.12 ? 83   VAL A CB  1 
ATOM   624  C  CG1 . VAL A 1 83  ? -11.738 -4.910  0.193   1.00 22.43 ? 83   VAL A CG1 1 
ATOM   625  C  CG2 . VAL A 1 83  ? -9.593  -3.790  -0.597  1.00 23.36 ? 83   VAL A CG2 1 
ATOM   626  N  N   . GLU A 1 84  ? -13.811 -3.109  -2.213  1.00 23.58 ? 84   GLU A N   1 
ATOM   627  C  CA  . GLU A 1 84  ? -15.268 -3.211  -2.211  1.00 24.55 ? 84   GLU A CA  1 
ATOM   628  C  C   . GLU A 1 84  ? -15.801 -3.679  -3.551  1.00 24.54 ? 84   GLU A C   1 
ATOM   629  O  O   . GLU A 1 84  ? -16.804 -4.399  -3.594  1.00 25.51 ? 84   GLU A O   1 
ATOM   630  C  CB  . GLU A 1 84  ? -15.903 -1.885  -1.795  1.00 23.98 ? 84   GLU A CB  1 
ATOM   631  C  CG  . GLU A 1 84  ? -15.567 -1.527  -0.354  1.00 25.91 ? 84   GLU A CG  1 
ATOM   632  C  CD  . GLU A 1 84  ? -16.549 -0.586  0.240   1.00 27.31 ? 84   GLU A CD  1 
ATOM   633  O  OE1 . GLU A 1 84  ? -16.516 0.603   -0.135  1.00 28.06 ? 84   GLU A OE1 1 
ATOM   634  O  OE2 . GLU A 1 84  ? -17.368 -1.056  1.070   1.00 32.68 ? 84   GLU A OE2 1 
ATOM   635  N  N   . ARG A 1 85  ? -15.129 -3.308  -4.644  1.00 24.69 ? 85   ARG A N   1 
ATOM   636  C  CA  . ARG A 1 85  ? -15.507 -3.831  -5.970  1.00 24.79 ? 85   ARG A CA  1 
ATOM   637  C  C   . ARG A 1 85  ? -15.320 -5.353  -6.040  1.00 24.18 ? 85   ARG A C   1 
ATOM   638  O  O   . ARG A 1 85  ? -16.194 -6.083  -6.545  1.00 24.17 ? 85   ARG A O   1 
ATOM   639  C  CB  . ARG A 1 85  ? -14.716 -3.155  -7.089  1.00 24.79 ? 85   ARG A CB  1 
ATOM   640  C  CG  . ARG A 1 85  ? -15.100 -3.663  -8.480  1.00 25.63 ? 85   ARG A CG  1 
ATOM   641  C  CD  . ARG A 1 85  ? -14.385 -2.945  -9.577  1.00 26.32 ? 85   ARG A CD  1 
ATOM   642  N  NE  . ARG A 1 85  ? -12.949 -3.109  -9.460  1.00 27.54 ? 85   ARG A NE  1 
ATOM   643  C  CZ  . ARG A 1 85  ? -12.261 -4.180  -9.861  1.00 28.89 ? 85   ARG A CZ  1 
ATOM   644  N  NH1 . ARG A 1 85  ? -12.859 -5.217  -10.434 1.00 30.05 ? 85   ARG A NH1 1 
ATOM   645  N  NH2 . ARG A 1 85  ? -10.953 -4.201  -9.696  1.00 28.81 ? 85   ARG A NH2 1 
ATOM   646  N  N   . LEU A 1 86  ? -14.178 -5.826  -5.554  1.00 24.39 ? 86   LEU A N   1 
ATOM   647  C  CA  . LEU A 1 86  ? -13.901 -7.261  -5.548  1.00 24.11 ? 86   LEU A CA  1 
ATOM   648  C  C   . LEU A 1 86  ? -14.885 -8.020  -4.641  1.00 24.39 ? 86   LEU A C   1 
ATOM   649  O  O   . LEU A 1 86  ? -15.304 -9.138  -4.961  1.00 24.54 ? 86   LEU A O   1 
ATOM   650  C  CB  . LEU A 1 86  ? -12.458 -7.535  -5.132  1.00 23.86 ? 86   LEU A CB  1 
ATOM   651  C  CG  . LEU A 1 86  ? -11.364 -6.994  -6.041  1.00 24.76 ? 86   LEU A CG  1 
ATOM   652  C  CD1 . LEU A 1 86  ? -9.974  -7.174  -5.382  1.00 23.53 ? 86   LEU A CD1 1 
ATOM   653  C  CD2 . LEU A 1 86  ? -11.424 -7.623  -7.428  1.00 25.75 ? 86   LEU A CD2 1 
ATOM   654  N  N   . VAL A 1 87  ? -15.250 -7.419  -3.516  1.00 23.98 ? 87   VAL A N   1 
ATOM   655  C  CA  . VAL A 1 87  ? -16.231 -8.027  -2.607  1.00 24.74 ? 87   VAL A CA  1 
ATOM   656  C  C   . VAL A 1 87  ? -17.623 -8.100  -3.249  1.00 25.47 ? 87   VAL A C   1 
ATOM   657  O  O   . VAL A 1 87  ? -18.327 -9.117  -3.141  1.00 25.03 ? 87   VAL A O   1 
ATOM   658  C  CB  . VAL A 1 87  ? -16.304 -7.246  -1.275  1.00 24.52 ? 87   VAL A CB  1 
ATOM   659  C  CG1 . VAL A 1 87  ? -17.586 -7.579  -0.521  1.00 25.15 ? 87   VAL A CG1 1 
ATOM   660  C  CG2 . VAL A 1 87  ? -15.069 -7.539  -0.430  1.00 25.03 ? 87   VAL A CG2 1 
ATOM   661  N  N   . THR A 1 88  ? -18.012 -7.018  -3.912  1.00 26.24 ? 88   THR A N   1 
ATOM   662  C  CA  . THR A 1 88  ? -19.322 -6.937  -4.554  1.00 27.35 ? 88   THR A CA  1 
ATOM   663  C  C   . THR A 1 88  ? -19.409 -7.930  -5.704  1.00 27.78 ? 88   THR A C   1 
ATOM   664  O  O   . THR A 1 88  ? -20.370 -8.693  -5.788  1.00 27.52 ? 88   THR A O   1 
ATOM   665  C  CB  . THR A 1 88  ? -19.605 -5.521  -5.065  1.00 27.31 ? 88   THR A CB  1 
ATOM   666  O  OG1 . THR A 1 88  ? -19.684 -4.629  -3.945  1.00 28.41 ? 88   THR A OG1 1 
ATOM   667  C  CG2 . THR A 1 88  ? -20.923 -5.464  -5.854  1.00 27.58 ? 88   THR A CG2 1 
ATOM   668  N  N   . THR A 1 89  ? -18.397 -7.922  -6.574  1.00 28.49 ? 89   THR A N   1 
ATOM   669  C  CA  A THR A 1 89  ? -18.383 -8.768  -7.767  0.50 28.79 ? 89   THR A CA  1 
ATOM   670  C  CA  B THR A 1 89  ? -18.434 -8.763  -7.766  0.50 28.80 ? 89   THR A CA  1 
ATOM   671  C  C   . THR A 1 89  ? -18.448 -10.246 -7.404  1.00 29.00 ? 89   THR A C   1 
ATOM   672  O  O   . THR A 1 89  ? -19.033 -11.045 -8.126  1.00 29.64 ? 89   THR A O   1 
ATOM   673  C  CB  A THR A 1 89  ? -17.114 -8.513  -8.606  0.50 28.70 ? 89   THR A CB  1 
ATOM   674  C  CB  B THR A 1 89  ? -17.276 -8.457  -8.749  0.50 28.78 ? 89   THR A CB  1 
ATOM   675  O  OG1 A THR A 1 89  ? -17.041 -7.121  -8.932  0.50 29.08 ? 89   THR A OG1 1 
ATOM   676  O  OG1 B THR A 1 89  ? -16.025 -8.451  -8.056  0.50 29.15 ? 89   THR A OG1 1 
ATOM   677  C  CG2 A THR A 1 89  ? -17.125 -9.332  -9.893  0.50 28.98 ? 89   THR A CG2 1 
ATOM   678  C  CG2 B THR A 1 89  ? -17.493 -7.107  -9.408  0.50 28.90 ? 89   THR A CG2 1 
ATOM   679  N  N   . ASN A 1 90  ? -17.835 -10.605 -6.281  1.00 29.24 ? 90   ASN A N   1 
ATOM   680  C  CA  . ASN A 1 90  ? -17.822 -11.989 -5.828  1.00 29.50 ? 90   ASN A CA  1 
ATOM   681  C  C   . ASN A 1 90  ? -18.885 -12.294 -4.768  1.00 29.52 ? 90   ASN A C   1 
ATOM   682  O  O   . ASN A 1 90  ? -18.935 -13.405 -4.256  1.00 30.27 ? 90   ASN A O   1 
ATOM   683  C  CB  . ASN A 1 90  ? -16.424 -12.340 -5.322  1.00 29.81 ? 90   ASN A CB  1 
ATOM   684  C  CG  . ASN A 1 90  ? -15.406 -12.434 -6.449  1.00 31.02 ? 90   ASN A CG  1 
ATOM   685  O  OD1 . ASN A 1 90  ? -15.231 -13.494 -7.040  1.00 34.23 ? 90   ASN A OD1 1 
ATOM   686  N  ND2 . ASN A 1 90  ? -14.727 -11.329 -6.748  1.00 28.93 ? 90   ASN A ND2 1 
ATOM   687  N  N   . LYS A 1 91  ? -19.723 -11.307 -4.453  1.00 29.54 ? 91   LYS A N   1 
ATOM   688  C  CA  . LYS A 1 91  ? -20.836 -11.444 -3.511  1.00 29.54 ? 91   LYS A CA  1 
ATOM   689  C  C   . LYS A 1 91  ? -20.382 -12.032 -2.167  1.00 29.37 ? 91   LYS A C   1 
ATOM   690  O  O   . LYS A 1 91  ? -21.045 -12.897 -1.591  1.00 29.29 ? 91   LYS A O   1 
ATOM   691  C  CB  . LYS A 1 91  ? -21.963 -12.282 -4.132  1.00 30.50 ? 91   LYS A CB  1 
ATOM   692  C  CG  . LYS A 1 91  ? -22.492 -11.717 -5.455  1.00 30.73 ? 91   LYS A CG  1 
ATOM   693  C  CD  . LYS A 1 91  ? -23.732 -12.484 -5.937  1.00 31.63 ? 91   LYS A CD  1 
ATOM   694  C  CE  . LYS A 1 91  ? -24.392 -11.829 -7.153  1.00 33.37 ? 91   LYS A CE  1 
ATOM   695  N  NZ  . LYS A 1 91  ? -24.711 -10.395 -6.924  1.00 35.31 ? 91   LYS A NZ  1 
ATOM   696  N  N   . LEU A 1 92  ? -19.261 -11.526 -1.663  1.00 28.02 ? 92   LEU A N   1 
ATOM   697  C  CA  . LEU A 1 92  ? -18.650 -12.080 -0.458  1.00 27.63 ? 92   LEU A CA  1 
ATOM   698  C  C   . LEU A 1 92  ? -19.300 -11.586 0.829   1.00 26.50 ? 92   LEU A C   1 
ATOM   699  O  O   . LEU A 1 92  ? -19.527 -10.390 1.014   1.00 25.91 ? 92   LEU A O   1 
ATOM   700  C  CB  . LEU A 1 92  ? -17.152 -11.770 -0.434  1.00 27.55 ? 92   LEU A CB  1 
ATOM   701  C  CG  . LEU A 1 92  ? -16.332 -12.284 -1.623  1.00 28.61 ? 92   LEU A CG  1 
ATOM   702  C  CD1 . LEU A 1 92  ? -14.857 -12.028 -1.387  1.00 29.55 ? 92   LEU A CD1 1 
ATOM   703  C  CD2 . LEU A 1 92  ? -16.573 -13.786 -1.891  1.00 29.64 ? 92   LEU A CD2 1 
ATOM   704  N  N   . LYS A 1 93  ? -19.574 -12.537 1.722   1.00 25.60 ? 93   LYS A N   1 
ATOM   705  C  CA  . LYS A 1 93  ? -20.133 -12.251 3.031   1.00 25.16 ? 93   LYS A CA  1 
ATOM   706  C  C   . LYS A 1 93  ? -19.032 -12.209 4.092   1.00 24.43 ? 93   LYS A C   1 
ATOM   707  O  O   . LYS A 1 93  ? -19.246 -11.748 5.215   1.00 23.39 ? 93   LYS A O   1 
ATOM   708  C  CB  . LYS A 1 93  ? -21.185 -13.304 3.381   1.00 26.16 ? 93   LYS A CB  1 
ATOM   709  C  CG  . LYS A 1 93  ? -22.278 -13.456 2.313   1.00 28.06 ? 93   LYS A CG  1 
ATOM   710  C  CD  . LYS A 1 93  ? -22.970 -12.131 2.008   1.00 30.40 ? 93   LYS A CD  1 
ATOM   711  C  CE  . LYS A 1 93  ? -24.054 -12.243 0.927   1.00 31.89 ? 93   LYS A CE  1 
ATOM   712  N  NZ  . LYS A 1 93  ? -23.625 -13.077 -0.239  1.00 34.55 ? 93   LYS A NZ  1 
ATOM   713  N  N   . PHE A 1 94  ? -17.843 -12.670 3.722   1.00 23.97 ? 94   PHE A N   1 
ATOM   714  C  CA  . PHE A 1 94  ? -16.688 -12.593 4.607   1.00 23.60 ? 94   PHE A CA  1 
ATOM   715  C  C   . PHE A 1 94  ? -15.441 -12.496 3.753   1.00 23.13 ? 94   PHE A C   1 
ATOM   716  O  O   . PHE A 1 94  ? -15.467 -12.863 2.575   1.00 22.92 ? 94   PHE A O   1 
ATOM   717  C  CB  . PHE A 1 94  ? -16.606 -13.825 5.516   1.00 23.85 ? 94   PHE A CB  1 
ATOM   718  C  CG  . PHE A 1 94  ? -16.343 -15.106 4.774   1.00 24.08 ? 94   PHE A CG  1 
ATOM   719  C  CD1 . PHE A 1 94  ? -15.054 -15.571 4.595   1.00 25.22 ? 94   PHE A CD1 1 
ATOM   720  C  CD2 . PHE A 1 94  ? -17.391 -15.825 4.220   1.00 25.46 ? 94   PHE A CD2 1 
ATOM   721  C  CE1 . PHE A 1 94  ? -14.810 -16.743 3.898   1.00 25.33 ? 94   PHE A CE1 1 
ATOM   722  C  CE2 . PHE A 1 94  ? -17.163 -16.985 3.515   1.00 24.39 ? 94   PHE A CE2 1 
ATOM   723  C  CZ  . PHE A 1 94  ? -15.868 -17.457 3.359   1.00 25.14 ? 94   PHE A CZ  1 
ATOM   724  N  N   . ILE A 1 95  ? -14.351 -12.023 4.358   1.00 22.36 ? 95   ILE A N   1 
ATOM   725  C  CA  . ILE A 1 95  ? -13.092 -11.857 3.642   1.00 22.89 ? 95   ILE A CA  1 
ATOM   726  C  C   . ILE A 1 95  ? -11.919 -11.946 4.624   1.00 22.15 ? 95   ILE A C   1 
ATOM   727  O  O   . ILE A 1 95  ? -12.042 -11.595 5.796   1.00 22.18 ? 95   ILE A O   1 
ATOM   728  C  CB  . ILE A 1 95  ? -13.073 -10.524 2.847   1.00 22.52 ? 95   ILE A CB  1 
ATOM   729  C  CG1 . ILE A 1 95  ? -11.897 -10.489 1.864   1.00 24.18 ? 95   ILE A CG1 1 
ATOM   730  C  CG2 . ILE A 1 95  ? -13.053 -9.338  3.782   1.00 22.19 ? 95   ILE A CG2 1 
ATOM   731  C  CD1 . ILE A 1 95  ? -12.110 -9.560  0.707   1.00 25.51 ? 95   ILE A CD1 1 
ATOM   732  N  N   . SER A 1 96  ? -10.800 -12.472 4.131   1.00 22.86 ? 96   SER A N   1 
ATOM   733  C  CA  . SER A 1 96  ? -9.584  -12.657 4.895   1.00 22.46 ? 96   SER A CA  1 
ATOM   734  C  C   . SER A 1 96  ? -8.414  -12.119 4.056   1.00 22.12 ? 96   SER A C   1 
ATOM   735  O  O   . SER A 1 96  ? -8.543  -11.960 2.852   1.00 21.50 ? 96   SER A O   1 
ATOM   736  C  CB  . SER A 1 96  ? -9.352  -14.135 5.192   1.00 22.90 ? 96   SER A CB  1 
ATOM   737  O  OG  . SER A 1 96  ? -9.108  -14.889 3.998   1.00 23.50 ? 96   SER A OG  1 
ATOM   738  N  N   . PRO A 1 97  ? -7.275  -11.835 4.693   1.00 21.87 ? 97   PRO A N   1 
ATOM   739  C  CA  . PRO A 1 97  ? -6.146  -11.320 3.903   1.00 22.32 ? 97   PRO A CA  1 
ATOM   740  C  C   . PRO A 1 97  ? -5.699  -12.225 2.742   1.00 22.38 ? 97   PRO A C   1 
ATOM   741  O  O   . PRO A 1 97  ? -5.450  -11.717 1.645   1.00 22.46 ? 97   PRO A O   1 
ATOM   742  C  CB  . PRO A 1 97  ? -5.054  -11.099 4.963   1.00 22.59 ? 97   PRO A CB  1 
ATOM   743  C  CG  . PRO A 1 97  ? -5.823  -10.898 6.246   1.00 22.28 ? 97   PRO A CG  1 
ATOM   744  C  CD  . PRO A 1 97  ? -6.973  -11.855 6.135   1.00 22.45 ? 97   PRO A CD  1 
ATOM   745  N  N   . PRO A 1 98  ? -5.600  -13.556 2.962   1.00 22.76 ? 98   PRO A N   1 
ATOM   746  C  CA  . PRO A 1 98  ? -5.214  -14.407 1.839   1.00 22.93 ? 98   PRO A CA  1 
ATOM   747  C  C   . PRO A 1 98  ? -6.245  -14.414 0.729   1.00 22.97 ? 98   PRO A C   1 
ATOM   748  O  O   . PRO A 1 98  ? -5.893  -14.420 -0.439  1.00 22.65 ? 98   PRO A O   1 
ATOM   749  C  CB  . PRO A 1 98  ? -5.113  -15.797 2.476   1.00 23.59 ? 98   PRO A CB  1 
ATOM   750  C  CG  . PRO A 1 98  ? -4.922  -15.549 3.906   1.00 24.44 ? 98   PRO A CG  1 
ATOM   751  C  CD  . PRO A 1 98  ? -5.713  -14.345 4.205   1.00 22.78 ? 98   PRO A CD  1 
ATOM   752  N  N   . ARG A 1 99  ? -7.521  -14.425 1.088   1.00 23.07 ? 99   ARG A N   1 
ATOM   753  C  CA  . ARG A 1 99  ? -8.568  -14.390 0.057   1.00 23.98 ? 99   ARG A CA  1 
ATOM   754  C  C   . ARG A 1 99  ? -8.537  -13.088 -0.746  1.00 22.47 ? 99   ARG A C   1 
ATOM   755  O  O   . ARG A 1 99  ? -8.721  -13.089 -1.962  1.00 22.30 ? 99   ARG A O   1 
ATOM   756  C  CB  . ARG A 1 99  ? -9.935  -14.633 0.676   1.00 24.02 ? 99   ARG A CB  1 
ATOM   757  C  CG  . ARG A 1 99  ? -10.137 -16.102 0.995   1.00 27.65 ? 99   ARG A CG  1 
ATOM   758  C  CD  . ARG A 1 99  ? -11.458 -16.356 1.678   0.70 28.39 ? 99   ARG A CD  1 
ATOM   759  N  NE  . ARG A 1 99  ? -12.624 -16.091 0.830   0.50 31.96 ? 99   ARG A NE  1 
ATOM   760  C  CZ  . ARG A 1 99  ? -13.392 -17.020 0.257   0.50 33.66 ? 99   ARG A CZ  1 
ATOM   761  N  NH1 . ARG A 1 99  ? -13.130 -18.320 0.382   0.50 35.06 ? 99   ARG A NH1 1 
ATOM   762  N  NH2 . ARG A 1 99  ? -14.439 -16.639 -0.463  1.00 36.09 ? 99   ARG A NH2 1 
ATOM   763  N  N   . LEU A 1 100 ? -8.298  -11.984 -0.058  1.00 21.49 ? 100  LEU A N   1 
ATOM   764  C  CA  . LEU A 1 100 ? -8.195  -10.698 -0.724  1.00 21.52 ? 100  LEU A CA  1 
ATOM   765  C  C   . LEU A 1 100 ? -6.972  -10.676 -1.618  1.00 20.86 ? 100  LEU A C   1 
ATOM   766  O  O   . LEU A 1 100 ? -7.040  -10.213 -2.748  1.00 21.68 ? 100  LEU A O   1 
ATOM   767  C  CB  . LEU A 1 100 ? -8.149  -9.563  0.292   1.00 21.14 ? 100  LEU A CB  1 
ATOM   768  C  CG  . LEU A 1 100 ? -7.970  -8.164  -0.298  1.00 21.39 ? 100  LEU A CG  1 
ATOM   769  C  CD1 . LEU A 1 100 ? -9.113  -7.823  -1.257  1.00 21.21 ? 100  LEU A CD1 1 
ATOM   770  C  CD2 . LEU A 1 100 ? -7.848  -7.113  0.822   1.00 22.54 ? 100  LEU A CD2 1 
ATOM   771  N  N   . HIS A 1 101 ? -5.840  -11.174 -1.115  1.00 20.46 ? 101  HIS A N   1 
ATOM   772  C  CA  . HIS A 1 101 ? -4.654  -11.260 -1.965  1.00 20.49 ? 101  HIS A CA  1 
ATOM   773  C  C   . HIS A 1 101 ? -4.970  -12.023 -3.252  1.00 21.18 ? 101  HIS A C   1 
ATOM   774  O  O   . HIS A 1 101 ? -4.619  -11.579 -4.361  1.00 20.89 ? 101  HIS A O   1 
ATOM   775  C  CB  . HIS A 1 101 ? -3.466  -11.914 -1.264  1.00 20.22 ? 101  HIS A CB  1 
ATOM   776  C  CG  . HIS A 1 101 ? -2.208  -11.878 -2.078  1.00 20.56 ? 101  HIS A CG  1 
ATOM   777  N  ND1 . HIS A 1 101 ? -1.663  -12.996 -2.672  1.00 22.95 ? 101  HIS A ND1 1 
ATOM   778  C  CD2 . HIS A 1 101 ? -1.409  -10.843 -2.424  1.00 23.33 ? 101  HIS A CD2 1 
ATOM   779  C  CE1 . HIS A 1 101 ? -0.572  -12.656 -3.330  1.00 21.16 ? 101  HIS A CE1 1 
ATOM   780  N  NE2 . HIS A 1 101 ? -0.399  -11.353 -3.204  1.00 22.14 ? 101  HIS A NE2 1 
ATOM   781  N  N   . ASP A 1 102 ? -5.642  -13.164 -3.106  1.00 21.80 ? 102  ASP A N   1 
ATOM   782  C  CA  . ASP A 1 102 ? -5.954  -13.987 -4.259  1.00 22.55 ? 102  ASP A CA  1 
ATOM   783  C  C   . ASP A 1 102 ? -6.871  -13.245 -5.228  1.00 22.64 ? 102  ASP A C   1 
ATOM   784  O  O   . ASP A 1 102 ? -6.658  -13.309 -6.443  1.00 23.28 ? 102  ASP A O   1 
ATOM   785  C  CB  . ASP A 1 102 ? -6.603  -15.292 -3.835  1.00 23.09 ? 102  ASP A CB  1 
ATOM   786  C  CG  . ASP A 1 102 ? -6.294  -16.436 -4.788  1.00 24.84 ? 102  ASP A CG  1 
ATOM   787  O  OD1 . ASP A 1 102 ? -5.103  -16.747 -5.009  1.00 27.73 ? 102  ASP A OD1 1 
ATOM   788  O  OD2 . ASP A 1 102 ? -7.246  -17.024 -5.312  1.00 28.16 ? 102  ASP A OD2 1 
ATOM   789  N  N   . LEU A 1 103 ? -7.874  -12.527 -4.714  1.00 22.38 ? 103  LEU A N   1 
ATOM   790  C  CA  . LEU A 1 103 ? -8.767  -11.775 -5.613  1.00 22.38 ? 103  LEU A CA  1 
ATOM   791  C  C   . LEU A 1 103 ? -8.014  -10.652 -6.336  1.00 22.46 ? 103  LEU A C   1 
ATOM   792  O  O   . LEU A 1 103 ? -8.278  -10.372 -7.515  1.00 23.12 ? 103  LEU A O   1 
ATOM   793  C  CB  . LEU A 1 103 ? -9.979  -11.200 -4.878  1.00 23.06 ? 103  LEU A CB  1 
ATOM   794  C  CG  . LEU A 1 103 ? -10.998 -12.223 -4.377  1.00 24.16 ? 103  LEU A CG  1 
ATOM   795  C  CD1 . LEU A 1 103 ? -11.980 -11.543 -3.464  1.00 27.18 ? 103  LEU A CD1 1 
ATOM   796  C  CD2 . LEU A 1 103 ? -11.717 -12.900 -5.565  1.00 26.39 ? 103  LEU A CD2 1 
ATOM   797  N  N   . ILE A 1 104 ? -7.089  -10.011 -5.638  1.00 21.64 ? 104  ILE A N   1 
ATOM   798  C  CA  . ILE A 1 104 ? -6.302  -8.930  -6.234  1.00 21.54 ? 104  ILE A CA  1 
ATOM   799  C  C   . ILE A 1 104 ? -5.419  -9.443  -7.359  1.00 21.94 ? 104  ILE A C   1 
ATOM   800  O  O   . ILE A 1 104 ? -5.470  -8.920  -8.448  1.00 22.13 ? 104  ILE A O   1 
ATOM   801  C  CB  . ILE A 1 104 ? -5.456  -8.206  -5.191  1.00 20.89 ? 104  ILE A CB  1 
ATOM   802  C  CG1 . ILE A 1 104 ? -6.344  -7.382  -4.268  1.00 20.23 ? 104  ILE A CG1 1 
ATOM   803  C  CG2 . ILE A 1 104 ? -4.419  -7.312  -5.838  1.00 20.89 ? 104  ILE A CG2 1 
ATOM   804  C  CD1 . ILE A 1 104 ? -5.598  -6.899  -2.997  1.00 21.50 ? 104  ILE A CD1 1 
ATOM   805  N  N   . ILE A 1 105 ? -4.637  -10.487 -7.119  1.00 22.48 ? 105  ILE A N   1 
ATOM   806  C  CA  . ILE A 1 105 ? -3.670  -10.916 -8.143  1.00 22.81 ? 105  ILE A CA  1 
ATOM   807  C  C   . ILE A 1 105 ? -4.335  -11.545 -9.369  1.00 23.18 ? 105  ILE A C   1 
ATOM   808  O  O   . ILE A 1 105 ? -3.741  -11.541 -10.458 1.00 24.30 ? 105  ILE A O   1 
ATOM   809  C  CB  . ILE A 1 105 ? -2.546  -11.841 -7.588  1.00 22.92 ? 105  ILE A CB  1 
ATOM   810  C  CG1 . ILE A 1 105 ? -3.120  -13.142 -7.033  1.00 24.11 ? 105  ILE A CG1 1 
ATOM   811  C  CG2 . ILE A 1 105 ? -1.678  -11.080 -6.583  1.00 23.01 ? 105  ILE A CG2 1 
ATOM   812  C  CD1 . ILE A 1 105 ? -2.074  -14.097 -6.495  1.00 24.38 ? 105  ILE A CD1 1 
ATOM   813  N  N   . LYS A 1 106 ? -5.557  -12.054 -9.200  1.00 23.47 ? 106  LYS A N   1 
ATOM   814  C  CA  . LYS A 1 106 ? -6.353  -12.625 -10.299 1.00 24.01 ? 106  LYS A CA  1 
ATOM   815  C  C   . LYS A 1 106 ? -7.157  -11.597 -11.110 1.00 23.72 ? 106  LYS A C   1 
ATOM   816  O  O   . LYS A 1 106 ? -7.679  -11.928 -12.181 1.00 24.53 ? 106  LYS A O   1 
ATOM   817  C  CB  . LYS A 1 106 ? -7.319  -13.689 -9.763  1.00 24.04 ? 106  LYS A CB  1 
ATOM   818  C  CG  . LYS A 1 106 ? -6.668  -15.023 -9.439  1.00 25.16 ? 106  LYS A CG  1 
ATOM   819  C  CD  . LYS A 1 106 ? -7.535  -16.218 -9.891  1.00 27.69 ? 106  LYS A CD  1 
ATOM   820  C  CE  . LYS A 1 106 ? -7.547  -16.443 -11.434 0.70 29.83 ? 106  LYS A CE  1 
ATOM   821  N  NZ  . LYS A 1 106 ? -6.315  -17.066 -12.064 1.00 32.53 ? 106  LYS A NZ  1 
ATOM   822  N  N   . ASP A 1 107 ? -7.295  -10.378 -10.603 1.00 22.69 ? 107  ASP A N   1 
ATOM   823  C  CA  . ASP A 1 107 ? -8.032  -9.336  -11.302 1.00 22.76 ? 107  ASP A CA  1 
ATOM   824  C  C   . ASP A 1 107 ? -7.059  -8.317  -11.885 1.00 22.27 ? 107  ASP A C   1 
ATOM   825  O  O   . ASP A 1 107 ? -6.345  -7.646  -11.139 1.00 22.15 ? 107  ASP A O   1 
ATOM   826  C  CB  . ASP A 1 107 ? -9.006  -8.644  -10.355 1.00 22.91 ? 107  ASP A CB  1 
ATOM   827  C  CG  . ASP A 1 107 ? -9.775  -7.532  -11.034 1.00 24.35 ? 107  ASP A CG  1 
ATOM   828  O  OD1 . ASP A 1 107 ? -10.754 -7.830  -11.735 1.00 28.55 ? 107  ASP A OD1 1 
ATOM   829  O  OD2 . ASP A 1 107 ? -9.402  -6.359  -10.891 1.00 23.85 ? 107  ASP A OD2 1 
ATOM   830  N  N   . PRO A 1 108 ? -6.981  -8.225  -13.225 1.00 21.83 ? 108  PRO A N   1 
ATOM   831  C  CA  . PRO A 1 108 ? -5.991  -7.333  -13.824 1.00 22.18 ? 108  PRO A CA  1 
ATOM   832  C  C   . PRO A 1 108 ? -5.996  -5.891  -13.315 1.00 22.11 ? 108  PRO A C   1 
ATOM   833  O  O   . PRO A 1 108 ? -4.928  -5.336  -13.085 1.00 22.54 ? 108  PRO A O   1 
ATOM   834  C  CB  . PRO A 1 108 ? -6.345  -7.386  -15.303 1.00 21.86 ? 108  PRO A CB  1 
ATOM   835  C  CG  . PRO A 1 108 ? -6.917  -8.764  -15.481 1.00 21.88 ? 108  PRO A CG  1 
ATOM   836  C  CD  . PRO A 1 108 ? -7.724  -8.968  -14.263 1.00 21.98 ? 108  PRO A CD  1 
ATOM   837  N  N   . GLN A 1 109 ? -7.179  -5.305  -13.149 1.00 22.56 ? 109  GLN A N   1 
ATOM   838  C  CA  . GLN A 1 109 ? -7.277  -3.908  -12.720 1.00 22.91 ? 109  GLN A CA  1 
ATOM   839  C  C   . GLN A 1 109 ? -6.748  -3.758  -11.297 1.00 22.53 ? 109  GLN A C   1 
ATOM   840  O  O   . GLN A 1 109 ? -5.886  -2.901  -11.033 1.00 22.31 ? 109  GLN A O   1 
ATOM   841  C  CB  . GLN A 1 109 ? -8.715  -3.379  -12.823 1.00 23.44 ? 109  GLN A CB  1 
ATOM   842  C  CG  . GLN A 1 109 ? -8.887  -2.002  -12.180 1.00 24.39 ? 109  GLN A CG  1 
ATOM   843  C  CD  . GLN A 1 109 ? -10.263 -1.419  -12.380 1.00 26.28 ? 109  GLN A CD  1 
ATOM   844  O  OE1 . GLN A 1 109 ? -10.743 -1.303  -13.511 1.00 32.22 ? 109  GLN A OE1 1 
ATOM   845  N  NE2 . GLN A 1 109 ? -10.896 -1.011  -11.284 1.00 30.74 ? 109  GLN A NE2 1 
ATOM   846  N  N   . ALA A 1 110 ? -7.244  -4.601  -10.391 1.00 22.24 ? 110  ALA A N   1 
ATOM   847  C  CA  . ALA A 1 110 ? -6.778  -4.576  -8.991  1.00 21.92 ? 110  ALA A CA  1 
ATOM   848  C  C   . ALA A 1 110 ? -5.284  -4.856  -8.899  1.00 21.96 ? 110  ALA A C   1 
ATOM   849  O  O   . ALA A 1 110 ? -4.564  -4.186  -8.154  1.00 21.39 ? 110  ALA A O   1 
ATOM   850  C  CB  . ALA A 1 110 ? -7.576  -5.577  -8.117  1.00 21.83 ? 110  ALA A CB  1 
ATOM   851  N  N   . ARG A 1 111 ? -4.800  -5.829  -9.662  1.00 22.09 ? 111  ARG A N   1 
ATOM   852  C  CA  . ARG A 1 111 ? -3.383  -6.164  -9.617  1.00 22.81 ? 111  ARG A CA  1 
ATOM   853  C  C   . ARG A 1 111 ? -2.508  -4.988  -10.054 1.00 22.75 ? 111  ARG A C   1 
ATOM   854  O  O   . ARG A 1 111 ? -1.506  -4.684  -9.405  1.00 23.23 ? 111  ARG A O   1 
ATOM   855  C  CB  . ARG A 1 111 ? -3.074  -7.388  -10.493 1.00 23.19 ? 111  ARG A CB  1 
ATOM   856  C  CG  . ARG A 1 111 ? -1.679  -7.956  -10.244 1.00 22.95 ? 111  ARG A CG  1 
ATOM   857  C  CD  . ARG A 1 111 ? -1.293  -9.053  -11.220 1.00 25.94 ? 111  ARG A CD  1 
ATOM   858  N  NE  . ARG A 1 111 ? 0.126   -9.372  -11.032 1.00 29.92 ? 111  ARG A NE  1 
ATOM   859  C  CZ  . ARG A 1 111 ? 0.639   -10.573 -10.758 1.00 32.81 ? 111  ARG A CZ  1 
ATOM   860  N  NH1 . ARG A 1 111 ? -0.117  -11.670 -10.695 1.00 35.69 ? 111  ARG A NH1 1 
ATOM   861  N  NH2 . ARG A 1 111 ? 1.952   -10.680 -10.580 1.00 32.55 ? 111  ARG A NH2 1 
ATOM   862  N  N   . LYS A 1 112 ? -2.875  -4.355  -11.163 1.00 23.20 ? 112  LYS A N   1 
ATOM   863  C  CA  . LYS A 1 112 ? -2.167  -3.173  -11.663 1.00 23.14 ? 112  LYS A CA  1 
ATOM   864  C  C   . LYS A 1 112 ? -2.152  -2.056  -10.625 1.00 23.11 ? 112  LYS A C   1 
ATOM   865  O  O   . LYS A 1 112 ? -1.116  -1.446  -10.387 1.00 23.47 ? 112  LYS A O   1 
ATOM   866  C  CB  . LYS A 1 112 ? -2.800  -2.662  -12.958 1.00 23.66 ? 112  LYS A CB  1 
ATOM   867  C  CG  . LYS A 1 112 ? -2.097  -1.448  -13.560 1.00 24.37 ? 112  LYS A CG  1 
ATOM   868  C  CD  . LYS A 1 112 ? -2.766  -0.984  -14.834 1.00 25.48 ? 112  LYS A CD  1 
ATOM   869  C  CE  . LYS A 1 112 ? -2.380  0.456   -15.203 1.00 27.15 ? 112  LYS A CE  1 
ATOM   870  N  NZ  . LYS A 1 112 ? -0.969  0.561   -15.650 0.70 29.06 ? 112  LYS A NZ  1 
ATOM   871  N  N   . PHE A 1 113 ? -3.303  -1.794  -10.020 1.00 22.64 ? 113  PHE A N   1 
ATOM   872  C  CA  . PHE A 1 113 ? -3.416  -0.743  -9.014  1.00 22.63 ? 113  PHE A CA  1 
ATOM   873  C  C   . PHE A 1 113 ? -2.537  -1.022  -7.800  1.00 22.07 ? 113  PHE A C   1 
ATOM   874  O  O   . PHE A 1 113 ? -1.697  -0.209  -7.424  1.00 22.26 ? 113  PHE A O   1 
ATOM   875  C  CB  . PHE A 1 113 ? -4.866  -0.574  -8.586  1.00 22.65 ? 113  PHE A CB  1 
ATOM   876  C  CG  . PHE A 1 113 ? -5.062  0.469   -7.523  1.00 23.35 ? 113  PHE A CG  1 
ATOM   877  C  CD1 . PHE A 1 113 ? -4.878  1.811   -7.810  1.00 26.81 ? 113  PHE A CD1 1 
ATOM   878  C  CD2 . PHE A 1 113 ? -5.422  0.109   -6.237  1.00 23.45 ? 113  PHE A CD2 1 
ATOM   879  C  CE1 . PHE A 1 113 ? -5.061  2.775   -6.819  1.00 25.60 ? 113  PHE A CE1 1 
ATOM   880  C  CE2 . PHE A 1 113 ? -5.610  1.069   -5.257  1.00 24.01 ? 113  PHE A CE2 1 
ATOM   881  C  CZ  . PHE A 1 113 ? -5.418  2.388   -5.543  1.00 23.74 ? 113  PHE A CZ  1 
ATOM   882  N  N   . PHE A 1 114 ? -2.723  -2.183  -7.187  1.00 21.06 ? 114  PHE A N   1 
ATOM   883  C  CA  . PHE A 1 114 ? -1.967  -2.491  -5.975  1.00 20.97 ? 114  PHE A CA  1 
ATOM   884  C  C   . PHE A 1 114 ? -0.459  -2.631  -6.246  1.00 21.33 ? 114  PHE A C   1 
ATOM   885  O  O   . PHE A 1 114 ? 0.345   -2.247  -5.414  1.00 20.99 ? 114  PHE A O   1 
ATOM   886  C  CB  . PHE A 1 114 ? -2.545  -3.718  -5.243  1.00 20.67 ? 114  PHE A CB  1 
ATOM   887  C  CG  . PHE A 1 114 ? -3.746  -3.400  -4.395  1.00 21.45 ? 114  PHE A CG  1 
ATOM   888  C  CD1 . PHE A 1 114 ? -5.022  -3.572  -4.891  1.00 21.44 ? 114  PHE A CD1 1 
ATOM   889  C  CD2 . PHE A 1 114 ? -3.597  -2.895  -3.114  1.00 20.22 ? 114  PHE A CD2 1 
ATOM   890  C  CE1 . PHE A 1 114 ? -6.133  -3.260  -4.124  1.00 22.35 ? 114  PHE A CE1 1 
ATOM   891  C  CE2 . PHE A 1 114 ? -4.708  -2.593  -2.331  1.00 21.87 ? 114  PHE A CE2 1 
ATOM   892  C  CZ  . PHE A 1 114 ? -5.977  -2.768  -2.842  1.00 21.50 ? 114  PHE A CZ  1 
ATOM   893  N  N   . SER A 1 115 ? -0.065  -3.168  -7.400  1.00 22.37 ? 115  SER A N   1 
ATOM   894  C  CA  . SER A 1 115 ? 1.376   -3.354  -7.666  1.00 22.79 ? 115  SER A CA  1 
ATOM   895  C  C   . SER A 1 115 ? 2.090   -2.018  -7.897  1.00 23.18 ? 115  SER A C   1 
ATOM   896  O  O   . SER A 1 115 ? 3.318   -1.942  -7.793  1.00 23.89 ? 115  SER A O   1 
ATOM   897  C  CB  . SER A 1 115 ? 1.608   -4.282  -8.849  1.00 23.36 ? 115  SER A CB  1 
ATOM   898  O  OG  . SER A 1 115 ? 1.169   -3.678  -10.028 1.00 23.92 ? 115  SER A OG  1 
ATOM   899  N  N   . SER A 1 116 ? 1.324   -0.962  -8.171  1.00 22.31 ? 116  SER A N   1 
ATOM   900  C  CA  . SER A 1 116 ? 1.889   0.389   -8.262  1.00 23.44 ? 116  SER A CA  1 
ATOM   901  C  C   . SER A 1 116 ? 2.062   1.058   -6.888  1.00 22.98 ? 116  SER A C   1 
ATOM   902  O  O   . SER A 1 116 ? 2.574   2.186   -6.807  1.00 23.43 ? 116  SER A O   1 
ATOM   903  C  CB  . SER A 1 116 ? 1.052   1.269   -9.199  1.00 24.03 ? 116  SER A CB  1 
ATOM   904  O  OG  . SER A 1 116 ? -0.225  1.569   -8.657  1.00 27.95 ? 116  SER A OG  1 
ATOM   905  N  N   . ILE A 1 117 ? 1.642   0.379   -5.818  1.00 22.74 ? 117  ILE A N   1 
ATOM   906  C  CA  . ILE A 1 117 ? 1.770   0.869   -4.437  1.00 23.29 ? 117  ILE A CA  1 
ATOM   907  C  C   . ILE A 1 117 ? 2.813   0.069   -3.637  1.00 23.05 ? 117  ILE A C   1 
ATOM   908  O  O   . ILE A 1 117 ? 3.584   0.628   -2.860  1.00 23.11 ? 117  ILE A O   1 
ATOM   909  C  CB  . ILE A 1 117 ? 0.415   0.743   -3.671  1.00 22.97 ? 117  ILE A CB  1 
ATOM   910  C  CG1 . ILE A 1 117 ? -0.714  1.477   -4.402  1.00 23.22 ? 117  ILE A CG1 1 
ATOM   911  C  CG2 . ILE A 1 117 ? 0.547   1.264   -2.214  1.00 23.19 ? 117  ILE A CG2 1 
ATOM   912  C  CD1 . ILE A 1 117 ? -2.128  1.170   -3.863  1.00 24.78 ? 117  ILE A CD1 1 
ATOM   913  N  N   . ILE A 1 118 ? 2.789   -1.248  -3.807  1.00 23.40 ? 118  ILE A N   1 
ATOM   914  C  CA  . ILE A 1 118 ? 3.542   -2.163  -2.965  1.00 24.07 ? 118  ILE A CA  1 
ATOM   915  C  C   . ILE A 1 118 ? 3.795   -3.430  -3.769  1.00 24.08 ? 118  ILE A C   1 
ATOM   916  O  O   . ILE A 1 118 ? 2.982   -3.782  -4.621  1.00 24.11 ? 118  ILE A O   1 
ATOM   917  C  CB  . ILE A 1 118 ? 2.751   -2.497  -1.676  1.00 24.66 ? 118  ILE A CB  1 
ATOM   918  C  CG1 . ILE A 1 118 ? 3.598   -3.327  -0.703  1.00 24.82 ? 118  ILE A CG1 1 
ATOM   919  C  CG2 . ILE A 1 118 ? 1.441   -3.220  -2.022  1.00 25.43 ? 118  ILE A CG2 1 
ATOM   920  C  CD1 . ILE A 1 118 ? 3.055   -3.320  0.721   1.00 24.83 ? 118  ILE A CD1 1 
ATOM   921  N  N   . PRO A 1 119 ? 4.952   -4.080  -3.569  1.00 24.62 ? 119  PRO A N   1 
ATOM   922  C  CA  . PRO A 1 119 ? 5.111   -5.407  -4.167  1.00 25.55 ? 119  PRO A CA  1 
ATOM   923  C  C   . PRO A 1 119 ? 4.008   -6.365  -3.704  1.00 25.92 ? 119  PRO A C   1 
ATOM   924  O  O   . PRO A 1 119 ? 3.784   -6.510  -2.496  1.00 27.27 ? 119  PRO A O   1 
ATOM   925  C  CB  . PRO A 1 119 ? 6.484   -5.845  -3.657  1.00 25.36 ? 119  PRO A CB  1 
ATOM   926  C  CG  . PRO A 1 119 ? 7.227   -4.547  -3.492  1.00 25.73 ? 119  PRO A CG  1 
ATOM   927  C  CD  . PRO A 1 119 ? 6.184   -3.654  -2.881  1.00 25.12 ? 119  PRO A CD  1 
ATOM   928  N  N   . ILE A 1 120 ? 3.281   -6.941  -4.663  1.00 25.97 ? 120  ILE A N   1 
ATOM   929  C  CA  . ILE A 1 120 ? 2.086   -7.739  -4.365  1.00 26.20 ? 120  ILE A CA  1 
ATOM   930  C  C   . ILE A 1 120 ? 2.093   -9.144  -5.005  1.00 25.90 ? 120  ILE A C   1 
ATOM   931  O  O   . ILE A 1 120 ? 1.247   -9.972  -4.666  1.00 26.15 ? 120  ILE A O   1 
ATOM   932  C  CB  . ILE A 1 120 ? 0.807   -6.948  -4.822  1.00 26.84 ? 120  ILE A CB  1 
ATOM   933  C  CG1 . ILE A 1 120 ? -0.467  -7.399  -4.092  1.00 29.54 ? 120  ILE A CG1 1 
ATOM   934  C  CG2 . ILE A 1 120 ? 0.630   -7.035  -6.325  1.00 28.08 ? 120  ILE A CG2 1 
ATOM   935  C  CD1 . ILE A 1 120 ? -0.889  -6.507  -2.963  1.00 30.66 ? 120  ILE A CD1 1 
ATOM   936  N  N   . ALA A 1 121 ? 3.047   -9.427  -5.894  1.00 25.94 ? 121  ALA A N   1 
ATOM   937  C  CA  . ALA A 1 121 ? 2.997   -10.647 -6.717  1.00 25.50 ? 121  ALA A CA  1 
ATOM   938  C  C   . ALA A 1 121 ? 2.906   -11.922 -5.885  1.00 25.75 ? 121  ALA A C   1 
ATOM   939  O  O   . ALA A 1 121 ? 2.179   -12.848 -6.243  1.00 25.41 ? 121  ALA A O   1 
ATOM   940  C  CB  . ALA A 1 121 ? 4.212   -10.725 -7.644  1.00 25.35 ? 121  ALA A CB  1 
ATOM   941  N  N   . HIS A 1 122 ? 3.654   -11.948 -4.783  1.00 25.17 ? 122  HIS A N   1 
ATOM   942  C  CA  . HIS A 1 122 ? 3.805   -13.146 -3.964  1.00 24.99 ? 122  HIS A CA  1 
ATOM   943  C  C   . HIS A 1 122 ? 3.108   -12.965 -2.623  1.00 24.39 ? 122  HIS A C   1 
ATOM   944  O  O   . HIS A 1 122 ? 3.078   -11.866 -2.070  1.00 23.23 ? 122  HIS A O   1 
ATOM   945  C  CB  . HIS A 1 122 ? 5.296   -13.445 -3.773  1.00 25.48 ? 122  HIS A CB  1 
ATOM   946  C  CG  . HIS A 1 122 ? 6.018   -13.703 -5.059  1.00 26.86 ? 122  HIS A CG  1 
ATOM   947  N  ND1 . HIS A 1 122 ? 5.735   -14.785 -5.858  1.00 26.97 ? 122  HIS A ND1 1 
ATOM   948  C  CD2 . HIS A 1 122 ? 6.984   -13.006 -5.699  1.00 28.90 ? 122  HIS A CD2 1 
ATOM   949  C  CE1 . HIS A 1 122 ? 6.506   -14.753 -6.928  1.00 27.80 ? 122  HIS A CE1 1 
ATOM   950  N  NE2 . HIS A 1 122 ? 7.272   -13.683 -6.859  1.00 28.10 ? 122  HIS A NE2 1 
ATOM   951  N  N   . ARG A 1 123 ? 2.515   -14.047 -2.122  1.00 23.77 ? 123  ARG A N   1 
ATOM   952  C  CA  . ARG A 1 123 ? 1.802   -14.005 -0.843  1.00 23.85 ? 123  ARG A CA  1 
ATOM   953  C  C   . ARG A 1 123 ? 2.804   -14.135 0.296   1.00 23.02 ? 123  ARG A C   1 
ATOM   954  O  O   . ARG A 1 123 ? 3.153   -15.230 0.740   1.00 24.02 ? 123  ARG A O   1 
ATOM   955  C  CB  . ARG A 1 123 ? 0.751   -15.109 -0.769  1.00 24.03 ? 123  ARG A CB  1 
ATOM   956  C  CG  . ARG A 1 123 ? -0.150  -15.015 0.453   1.00 24.33 ? 123  ARG A CG  1 
ATOM   957  C  CD  . ARG A 1 123 ? -1.381  -15.885 0.266   1.00 25.28 ? 123  ARG A CD  1 
ATOM   958  N  NE  . ARG A 1 123 ? -2.011  -15.514 -0.988  1.00 26.48 ? 123  ARG A NE  1 
ATOM   959  C  CZ  . ARG A 1 123 ? -2.850  -16.264 -1.683  1.00 27.82 ? 123  ARG A CZ  1 
ATOM   960  N  NH1 . ARG A 1 123 ? -3.234  -17.441 -1.227  1.00 28.73 ? 123  ARG A NH1 1 
ATOM   961  N  NH2 . ARG A 1 123 ? -3.311  -15.825 -2.837  1.00 27.91 ? 123  ARG A NH2 1 
ATOM   962  N  N   . THR A 1 124 ? 3.296   -12.990 0.737   1.00 22.51 ? 124  THR A N   1 
ATOM   963  C  CA  . THR A 1 124 ? 4.271   -12.937 1.800   1.00 21.31 ? 124  THR A CA  1 
ATOM   964  C  C   . THR A 1 124 ? 3.609   -12.502 3.093   1.00 21.30 ? 124  THR A C   1 
ATOM   965  O  O   . THR A 1 124 ? 2.490   -11.964 3.097   1.00 20.95 ? 124  THR A O   1 
ATOM   966  C  CB  . THR A 1 124 ? 5.380   -11.946 1.466   1.00 21.30 ? 124  THR A CB  1 
ATOM   967  O  OG1 . THR A 1 124 ? 4.809   -10.637 1.367   1.00 21.34 ? 124  THR A OG1 1 
ATOM   968  C  CG2 . THR A 1 124 ? 6.081   -12.330 0.155   1.00 20.80 ? 124  THR A CG2 1 
ATOM   969  N  N   . ALA A 1 125 ? 4.315   -12.710 4.196   1.00 21.06 ? 125  ALA A N   1 
ATOM   970  C  CA  . ALA A 1 125 ? 3.857   -12.225 5.502   1.00 21.20 ? 125  ALA A CA  1 
ATOM   971  C  C   . ALA A 1 125 ? 3.608   -10.720 5.448   1.00 21.62 ? 125  ALA A C   1 
ATOM   972  O  O   . ALA A 1 125 ? 2.630   -10.225 5.996   1.00 21.69 ? 125  ALA A O   1 
ATOM   973  C  CB  . ALA A 1 125 ? 4.887   -12.537 6.579   1.00 21.60 ? 125  ALA A CB  1 
ATOM   974  N  N   . ILE A 1 126 ? 4.512   -10.004 4.784   1.00 21.87 ? 126  ILE A N   1 
ATOM   975  C  CA  . ILE A 1 126 ? 4.417   -8.555  4.660   1.00 22.55 ? 126  ILE A CA  1 
ATOM   976  C  C   . ILE A 1 126 ? 3.151   -8.117  3.954   1.00 22.83 ? 126  ILE A C   1 
ATOM   977  O  O   . ILE A 1 126 ? 2.436   -7.254  4.464   1.00 23.53 ? 126  ILE A O   1 
ATOM   978  C  CB  . ILE A 1 126 ? 5.640   -7.970  3.928   1.00 22.72 ? 126  ILE A CB  1 
ATOM   979  C  CG1 . ILE A 1 126 ? 6.874   -8.090  4.822   1.00 23.81 ? 126  ILE A CG1 1 
ATOM   980  C  CG2 . ILE A 1 126 ? 5.394   -6.495  3.538   1.00 22.65 ? 126  ILE A CG2 1 
ATOM   981  C  CD1 . ILE A 1 126 ? 8.178   -7.778  4.103   1.00 24.71 ? 126  ILE A CD1 1 
ATOM   982  N  N   . ILE A 1 127 ? 2.862   -8.695  2.791   1.00 23.47 ? 127  ILE A N   1 
ATOM   983  C  CA  . ILE A 1 127 ? 1.671   -8.278  2.062   1.00 23.77 ? 127  ILE A CA  1 
ATOM   984  C  C   . ILE A 1 127 ? 0.394   -8.706  2.793   1.00 23.99 ? 127  ILE A C   1 
ATOM   985  O  O   . ILE A 1 127 ? -0.604  -7.989  2.760   1.00 23.69 ? 127  ILE A O   1 
ATOM   986  C  CB  . ILE A 1 127 ? 1.664   -8.753  0.588   1.00 24.24 ? 127  ILE A CB  1 
ATOM   987  C  CG1 . ILE A 1 127 ? 0.614   -7.977  -0.232  1.00 25.93 ? 127  ILE A CG1 1 
ATOM   988  C  CG2 . ILE A 1 127 ? 1.356   -10.216 0.512   1.00 25.61 ? 127  ILE A CG2 1 
ATOM   989  C  CD1 . ILE A 1 127 ? 0.779   -6.456  -0.234  1.00 27.11 ? 127  ILE A CD1 1 
ATOM   990  N  N   . LEU A 1 128 ? 0.417   -9.848  3.471   1.00 23.65 ? 128  LEU A N   1 
ATOM   991  C  CA  . LEU A 1 128 ? -0.752  -10.244 4.256   1.00 23.82 ? 128  LEU A CA  1 
ATOM   992  C  C   . LEU A 1 128 ? -1.045  -9.255  5.398   1.00 23.01 ? 128  LEU A C   1 
ATOM   993  O  O   . LEU A 1 128 ? -2.196  -8.917  5.660   1.00 23.04 ? 128  LEU A O   1 
ATOM   994  C  CB  . LEU A 1 128 ? -0.592  -11.663 4.793   1.00 23.77 ? 128  LEU A CB  1 
ATOM   995  C  CG  . LEU A 1 128 ? -0.658  -12.755 3.718   1.00 24.25 ? 128  LEU A CG  1 
ATOM   996  C  CD1 . LEU A 1 128 ? -0.339  -14.111 4.290   1.00 25.23 ? 128  LEU A CD1 1 
ATOM   997  C  CD2 . LEU A 1 128 ? -2.048  -12.757 3.060   1.00 25.19 ? 128  LEU A CD2 1 
ATOM   998  N  N   . SER A 1 129 ? 0.005   -8.785  6.063   1.00 23.68 ? 129  SER A N   1 
ATOM   999  C  CA  . SER A 1 129 ? -0.137  -7.797  7.128   1.00 23.79 ? 129  SER A CA  1 
ATOM   1000 C  C   . SER A 1 129 ? -0.684  -6.473  6.578   1.00 23.99 ? 129  SER A C   1 
ATOM   1001 O  O   . SER A 1 129 ? -1.531  -5.827  7.202   1.00 23.45 ? 129  SER A O   1 
ATOM   1002 C  CB  . SER A 1 129 ? 1.221   -7.591  7.811   1.00 24.63 ? 129  SER A CB  1 
ATOM   1003 O  OG  . SER A 1 129 ? 1.129   -6.702  8.908   1.00 27.97 ? 129  SER A OG  1 
ATOM   1004 N  N   . PHE A 1 130 ? -0.197  -6.078  5.402   1.00 23.20 ? 130  PHE A N   1 
ATOM   1005 C  CA  . PHE A 1 130 ? -0.655  -4.866  4.727   1.00 22.65 ? 130  PHE A CA  1 
ATOM   1006 C  C   . PHE A 1 130 ? -2.147  -4.981  4.397   1.00 21.87 ? 130  PHE A C   1 
ATOM   1007 O  O   . PHE A 1 130 ? -2.935  -4.089  4.695   1.00 21.37 ? 130  PHE A O   1 
ATOM   1008 C  CB  . PHE A 1 130 ? 0.157   -4.650  3.445   1.00 23.45 ? 130  PHE A CB  1 
ATOM   1009 C  CG  . PHE A 1 130 ? -0.293  -3.483  2.612   1.00 23.14 ? 130  PHE A CG  1 
ATOM   1010 C  CD1 . PHE A 1 130 ? 0.218   -2.213  2.843   1.00 24.53 ? 130  PHE A CD1 1 
ATOM   1011 C  CD2 . PHE A 1 130 ? -1.203  -3.651  1.581   1.00 24.31 ? 130  PHE A CD2 1 
ATOM   1012 C  CE1 . PHE A 1 130 ? -0.178  -1.132  2.065   1.00 23.96 ? 130  PHE A CE1 1 
ATOM   1013 C  CE2 . PHE A 1 130 ? -1.592  -2.589  0.804   1.00 24.12 ? 130  PHE A CE2 1 
ATOM   1014 C  CZ  . PHE A 1 130 ? -1.084  -1.320  1.044   1.00 24.00 ? 130  PHE A CZ  1 
ATOM   1015 N  N   . LEU A 1 131 ? -2.528  -6.076  3.754   1.00 21.46 ? 131  LEU A N   1 
ATOM   1016 C  CA  . LEU A 1 131 ? -3.939  -6.290  3.381   1.00 21.78 ? 131  LEU A CA  1 
ATOM   1017 C  C   . LEU A 1 131 ? -4.854  -6.470  4.617   1.00 21.76 ? 131  LEU A C   1 
ATOM   1018 O  O   . LEU A 1 131 ? -6.028  -6.071  4.602   1.00 21.20 ? 131  LEU A O   1 
ATOM   1019 C  CB  . LEU A 1 131 ? -4.049  -7.492  2.447   1.00 21.66 ? 131  LEU A CB  1 
ATOM   1020 C  CG  . LEU A 1 131 ? -3.431  -7.286  1.058   1.00 21.69 ? 131  LEU A CG  1 
ATOM   1021 C  CD1 . LEU A 1 131 ? -3.481  -8.577  0.283   1.00 23.21 ? 131  LEU A CD1 1 
ATOM   1022 C  CD2 . LEU A 1 131 ? -4.124  -6.179  0.285   1.00 21.66 ? 131  LEU A CD2 1 
ATOM   1023 N  N   . ASN A 1 132 ? -4.316  -7.066  5.682   1.00 21.84 ? 132  ASN A N   1 
ATOM   1024 C  CA  . ASN A 1 132 ? -5.042  -7.177  6.944   1.00 21.88 ? 132  ASN A CA  1 
ATOM   1025 C  C   . ASN A 1 132 ? -5.350  -5.792  7.503   1.00 21.78 ? 132  ASN A C   1 
ATOM   1026 O  O   . ASN A 1 132 ? -6.448  -5.533  7.971   1.00 21.95 ? 132  ASN A O   1 
ATOM   1027 C  CB  . ASN A 1 132 ? -4.228  -7.957  7.976   1.00 22.04 ? 132  ASN A CB  1 
ATOM   1028 C  CG  . ASN A 1 132 ? -5.010  -8.247  9.229   1.00 22.56 ? 132  ASN A CG  1 
ATOM   1029 O  OD1 . ASN A 1 132 ? -6.055  -8.879  9.172   1.00 21.97 ? 132  ASN A OD1 1 
ATOM   1030 N  ND2 . ASN A 1 132 ? -4.496  -7.795  10.390  1.00 25.31 ? 132  ASN A ND2 1 
ATOM   1031 N  N   . HIS A 1 133 ? -4.364  -4.898  7.443   1.00 21.78 ? 133  HIS A N   1 
ATOM   1032 C  CA  . HIS A 1 133 ? -4.553  -3.540  7.931   1.00 21.86 ? 133  HIS A CA  1 
ATOM   1033 C  C   . HIS A 1 133 ? -5.653  -2.824  7.141   1.00 21.64 ? 133  HIS A C   1 
ATOM   1034 O  O   . HIS A 1 133 ? -6.500  -2.131  7.718   1.00 22.51 ? 133  HIS A O   1 
ATOM   1035 C  CB  . HIS A 1 133 ? -3.240  -2.766  7.846   1.00 22.18 ? 133  HIS A CB  1 
ATOM   1036 C  CG  . HIS A 1 133 ? -3.312  -1.421  8.488   1.00 22.91 ? 133  HIS A CG  1 
ATOM   1037 N  ND1 . HIS A 1 133 ? -3.215  -1.242  9.852   1.00 26.05 ? 133  HIS A ND1 1 
ATOM   1038 C  CD2 . HIS A 1 133 ? -3.502  -0.195  7.956   1.00 23.93 ? 133  HIS A CD2 1 
ATOM   1039 C  CE1 . HIS A 1 133 ? -3.325  0.043   10.125  1.00 25.25 ? 133  HIS A CE1 1 
ATOM   1040 N  NE2 . HIS A 1 133 ? -3.509  0.700   8.994   1.00 24.45 ? 133  HIS A NE2 1 
ATOM   1041 N  N   . LEU A 1 134 ? -5.643  -3.020  5.826   1.00 21.19 ? 134  LEU A N   1 
ATOM   1042 C  CA  . LEU A 1 134 ? -6.646  -2.441  4.933   1.00 21.33 ? 134  LEU A CA  1 
ATOM   1043 C  C   . LEU A 1 134 ? -8.029  -2.988  5.272   1.00 21.25 ? 134  LEU A C   1 
ATOM   1044 O  O   . LEU A 1 134 ? -9.017  -2.236  5.349   1.00 21.10 ? 134  LEU A O   1 
ATOM   1045 C  CB  . LEU A 1 134 ? -6.285  -2.749  3.470   1.00 21.43 ? 134  LEU A CB  1 
ATOM   1046 C  CG  . LEU A 1 134 ? -7.177  -2.182  2.353   1.00 21.66 ? 134  LEU A CG  1 
ATOM   1047 C  CD1 . LEU A 1 134 ? -7.367  -0.663  2.471   1.00 21.11 ? 134  LEU A CD1 1 
ATOM   1048 C  CD2 . LEU A 1 134 ? -6.634  -2.551  0.966   1.00 21.02 ? 134  LEU A CD2 1 
ATOM   1049 N  N   . LEU A 1 135 ? -8.119  -4.300  5.458   1.00 21.32 ? 135  LEU A N   1 
ATOM   1050 C  CA  . LEU A 1 135 ? -9.417  -4.908  5.766   1.00 21.47 ? 135  LEU A CA  1 
ATOM   1051 C  C   . LEU A 1 135 ? -9.955  -4.386  7.096   1.00 22.08 ? 135  LEU A C   1 
ATOM   1052 O  O   . LEU A 1 135 ? -11.151 -4.125  7.245   1.00 21.45 ? 135  LEU A O   1 
ATOM   1053 C  CB  . LEU A 1 135 ? -9.339  -6.436  5.778   1.00 21.40 ? 135  LEU A CB  1 
ATOM   1054 C  CG  . LEU A 1 135 ? -9.208  -7.129  4.432   1.00 21.10 ? 135  LEU A CG  1 
ATOM   1055 C  CD1 . LEU A 1 135 ? -8.940  -8.612  4.598   1.00 21.23 ? 135  LEU A CD1 1 
ATOM   1056 C  CD2 . LEU A 1 135 ? -10.446 -6.927  3.565   1.00 20.56 ? 135  LEU A CD2 1 
ATOM   1057 N  N   . LYS A 1 136 ? -9.079  -4.218  8.065   1.00 22.75 ? 136  LYS A N   1 
ATOM   1058 C  CA  . LYS A 1 136 ? -9.508  -3.733  9.373   1.00 24.61 ? 136  LYS A CA  1 
ATOM   1059 C  C   . LYS A 1 136 ? -10.013 -2.290  9.289   1.00 24.12 ? 136  LYS A C   1 
ATOM   1060 O  O   . LYS A 1 136 ? -10.931 -1.885  10.025  1.00 23.66 ? 136  LYS A O   1 
ATOM   1061 C  CB  . LYS A 1 136 ? -8.341  -3.865  10.349  1.00 24.23 ? 136  LYS A CB  1 
ATOM   1062 C  CG  . LYS A 1 136 ? -8.711  -4.055  11.782  1.00 27.56 ? 136  LYS A CG  1 
ATOM   1063 C  CD  . LYS A 1 136 ? -7.465  -4.404  12.576  1.00 27.38 ? 136  LYS A CD  1 
ATOM   1064 C  CE  . LYS A 1 136 ? -7.685  -5.627  13.435  1.00 30.02 ? 136  LYS A CE  1 
ATOM   1065 N  NZ  . LYS A 1 136 ? -6.511  -5.898  14.318  0.50 30.06 ? 136  LYS A NZ  1 
HETATM 1066 N  N   . MSE A 1 137 ? -9.416  -1.501  8.397   1.00 24.76 ? 137  MSE A N   1 
HETATM 1067 C  CA  . MSE A 1 137 ? -9.856  -0.114  8.182   1.00 25.77 ? 137  MSE A CA  1 
HETATM 1068 C  C   . MSE A 1 137 ? -11.257 -0.041  7.587   1.00 24.43 ? 137  MSE A C   1 
HETATM 1069 O  O   . MSE A 1 137 ? -12.006 0.891   7.875   1.00 24.11 ? 137  MSE A O   1 
HETATM 1070 C  CB  . MSE A 1 137 ? -8.902  0.629   7.260   1.00 25.77 ? 137  MSE A CB  1 
HETATM 1071 C  CG  . MSE A 1 137 ? -7.584  0.912   7.893   1.00 27.53 ? 137  MSE A CG  1 
HETATM 1072 SE SE  . MSE A 1 137 ? -6.401  1.768   6.604   1.00 38.25 ? 137  MSE A SE  1 
HETATM 1073 C  CE  . MSE A 1 137 ? -7.685  2.819   5.684   1.00 21.30 ? 137  MSE A CE  1 
ATOM   1074 N  N   . ILE A 1 138 ? -11.602 -1.031  6.759   1.00 23.02 ? 138  ILE A N   1 
ATOM   1075 C  CA  . ILE A 1 138 ? -12.871 -1.056  6.056   1.00 23.13 ? 138  ILE A CA  1 
ATOM   1076 C  C   . ILE A 1 138 ? -14.002 -1.679  6.892   1.00 22.80 ? 138  ILE A C   1 
ATOM   1077 O  O   . ILE A 1 138 ? -15.127 -1.155  6.913   1.00 21.89 ? 138  ILE A O   1 
ATOM   1078 C  CB  . ILE A 1 138 ? -12.758 -1.821  4.721   1.00 22.79 ? 138  ILE A CB  1 
ATOM   1079 C  CG1 . ILE A 1 138 ? -11.699 -1.186  3.811   1.00 23.08 ? 138  ILE A CG1 1 
ATOM   1080 C  CG2 . ILE A 1 138 ? -14.110 -1.864  4.025   1.00 21.97 ? 138  ILE A CG2 1 
ATOM   1081 C  CD1 . ILE A 1 138 ? -11.315 -2.042  2.619   1.00 23.70 ? 138  ILE A CD1 1 
ATOM   1082 N  N   . TYR A 1 139 ? -13.696 -2.790  7.564   1.00 22.94 ? 139  TYR A N   1 
ATOM   1083 C  CA  . TYR A 1 139 ? -14.700 -3.667  8.180   1.00 22.68 ? 139  TYR A CA  1 
ATOM   1084 C  C   . TYR A 1 139 ? -14.604 -3.714  9.709   1.00 22.98 ? 139  TYR A C   1 
ATOM   1085 O  O   . TYR A 1 139 ? -15.422 -4.373  10.367  1.00 23.64 ? 139  TYR A O   1 
ATOM   1086 C  CB  . TYR A 1 139 ? -14.580 -5.099  7.595   1.00 22.72 ? 139  TYR A CB  1 
ATOM   1087 C  CG  . TYR A 1 139 ? -14.792 -5.145  6.087   1.00 21.77 ? 139  TYR A CG  1 
ATOM   1088 C  CD1 . TYR A 1 139 ? -16.038 -4.883  5.539   1.00 21.05 ? 139  TYR A CD1 1 
ATOM   1089 C  CD2 . TYR A 1 139 ? -13.742 -5.419  5.219   1.00 22.25 ? 139  TYR A CD2 1 
ATOM   1090 C  CE1 . TYR A 1 139 ? -16.236 -4.906  4.170   1.00 22.39 ? 139  TYR A CE1 1 
ATOM   1091 C  CE2 . TYR A 1 139 ? -13.934 -5.430  3.843   1.00 22.03 ? 139  TYR A CE2 1 
ATOM   1092 C  CZ  . TYR A 1 139 ? -15.180 -5.168  3.326   1.00 22.45 ? 139  TYR A CZ  1 
ATOM   1093 O  OH  . TYR A 1 139 ? -15.394 -5.146  1.959   1.00 23.60 ? 139  TYR A OH  1 
ATOM   1094 N  N   . GLY A 1 140 ? -13.621 -3.031  10.287  1.00 22.05 ? 140  GLY A N   1 
ATOM   1095 C  CA  . GLY A 1 140 ? -13.426 -3.059  11.735  1.00 22.49 ? 140  GLY A CA  1 
ATOM   1096 C  C   . GLY A 1 140 ? -12.739 -4.330  12.192  1.00 22.01 ? 140  GLY A C   1 
ATOM   1097 O  O   . GLY A 1 140 ? -12.220 -5.091  11.377  1.00 22.22 ? 140  GLY A O   1 
ATOM   1098 N  N   . GLU A 1 141 ? -12.755 -4.570  13.501  1.00 21.74 ? 141  GLU A N   1 
ATOM   1099 C  CA  . GLU A 1 141 ? -12.059 -5.723  14.070  1.00 21.76 ? 141  GLU A CA  1 
ATOM   1100 C  C   . GLU A 1 141 ? -12.632 -7.031  13.546  1.00 21.07 ? 141  GLU A C   1 
ATOM   1101 O  O   . GLU A 1 141 ? -13.841 -7.159  13.387  1.00 21.31 ? 141  GLU A O   1 
ATOM   1102 C  CB  . GLU A 1 141 ? -12.142 -5.715  15.588  1.00 22.00 ? 141  GLU A CB  1 
ATOM   1103 C  CG  . GLU A 1 141 ? -11.493 -4.523  16.231  1.00 24.65 ? 141  GLU A CG  1 
ATOM   1104 C  CD  . GLU A 1 141 ? -10.012 -4.481  16.012  1.00 27.82 ? 141  GLU A CD  1 
ATOM   1105 O  OE1 . GLU A 1 141 ? -9.364  -5.545  16.091  1.00 31.70 ? 141  GLU A OE1 1 
ATOM   1106 O  OE2 . GLU A 1 141 ? -9.492  -3.384  15.747  1.00 30.67 ? 141  GLU A OE2 1 
ATOM   1107 N  N   . PRO A 1 142 ? -11.763 -8.013  13.293  1.00 20.53 ? 142  PRO A N   1 
ATOM   1108 C  CA  . PRO A 1 142 ? -12.233 -9.249  12.683  1.00 20.46 ? 142  PRO A CA  1 
ATOM   1109 C  C   . PRO A 1 142 ? -13.095 -10.115 13.595  1.00 20.52 ? 142  PRO A C   1 
ATOM   1110 O  O   . PRO A 1 142 ? -12.973 -10.053 14.824  1.00 20.40 ? 142  PRO A O   1 
ATOM   1111 C  CB  . PRO A 1 142 ? -10.937 -9.990  12.353  1.00 20.20 ? 142  PRO A CB  1 
ATOM   1112 C  CG  . PRO A 1 142 ? -9.963  -9.495  13.316  1.00 20.46 ? 142  PRO A CG  1 
ATOM   1113 C  CD  . PRO A 1 142 ? -10.311 -8.051  13.550  1.00 20.71 ? 142  PRO A CD  1 
ATOM   1114 N  N   . TYR A 1 143 ? -13.959 -10.912 12.971  1.00 20.45 ? 143  TYR A N   1 
ATOM   1115 C  CA  . TYR A 1 143 ? -14.777 -11.891 13.679  1.00 21.38 ? 143  TYR A CA  1 
ATOM   1116 C  C   . TYR A 1 143 ? -13.932 -13.086 14.155  1.00 21.75 ? 143  TYR A C   1 
ATOM   1117 O  O   . TYR A 1 143 ? -14.089 -13.551 15.290  1.00 21.74 ? 143  TYR A O   1 
ATOM   1118 C  CB  . TYR A 1 143 ? -15.899 -12.358 12.758  1.00 21.67 ? 143  TYR A CB  1 
ATOM   1119 C  CG  . TYR A 1 143 ? -16.816 -13.381 13.357  1.00 22.05 ? 143  TYR A CG  1 
ATOM   1120 C  CD1 . TYR A 1 143 ? -17.489 -13.127 14.553  1.00 21.99 ? 143  TYR A CD1 1 
ATOM   1121 C  CD2 . TYR A 1 143 ? -17.055 -14.585 12.703  1.00 22.46 ? 143  TYR A CD2 1 
ATOM   1122 C  CE1 . TYR A 1 143 ? -18.340 -14.072 15.100  1.00 22.88 ? 143  TYR A CE1 1 
ATOM   1123 C  CE2 . TYR A 1 143 ? -17.900 -15.528 13.234  1.00 24.05 ? 143  TYR A CE2 1 
ATOM   1124 C  CZ  . TYR A 1 143 ? -18.546 -15.275 14.432  1.00 23.10 ? 143  TYR A CZ  1 
ATOM   1125 O  OH  . TYR A 1 143 ? -19.407 -16.215 14.967  1.00 23.65 ? 143  TYR A OH  1 
ATOM   1126 N  N   . VAL A 1 144 ? -13.054 -13.568 13.279  1.00 22.42 ? 144  VAL A N   1 
ATOM   1127 C  CA  . VAL A 1 144 ? -12.128 -14.645 13.600  1.00 23.41 ? 144  VAL A CA  1 
ATOM   1128 C  C   . VAL A 1 144 ? -10.744 -14.016 13.663  1.00 25.62 ? 144  VAL A C   1 
ATOM   1129 O  O   . VAL A 1 144 ? -10.297 -13.372 12.713  1.00 24.87 ? 144  VAL A O   1 
ATOM   1130 C  CB  . VAL A 1 144 ? -12.172 -15.795 12.541  1.00 23.37 ? 144  VAL A CB  1 
ATOM   1131 C  CG1 . VAL A 1 144 ? -11.224 -16.933 12.907  1.00 24.37 ? 144  VAL A CG1 1 
ATOM   1132 C  CG2 . VAL A 1 144 ? -13.608 -16.323 12.376  1.00 22.28 ? 144  VAL A CG2 1 
ATOM   1133 N  N   . LYS A 1 145 ? -10.071 -14.198 14.797  1.00 28.91 ? 145  LYS A N   1 
ATOM   1134 C  CA  . LYS A 1 145 ? -8.842  -13.468 15.096  1.00 32.02 ? 145  LYS A CA  1 
ATOM   1135 C  C   . LYS A 1 145 ? -7.564  -14.301 14.977  1.00 32.99 ? 145  LYS A C   1 
ATOM   1136 O  O   . LYS A 1 145 ? -6.496  -13.747 14.692  0.70 33.64 ? 145  LYS A O   1 
ATOM   1137 C  CB  . LYS A 1 145 ? -8.938  -12.854 16.502  1.00 32.20 ? 145  LYS A CB  1 
ATOM   1138 C  CG  . LYS A 1 145 ? -9.868  -11.626 16.600  1.00 33.45 ? 145  LYS A CG  1 
ATOM   1139 C  CD  . LYS A 1 145 ? -10.644 -11.579 17.930  1.00 33.90 ? 145  LYS A CD  1 
ATOM   1140 C  CE  . LYS A 1 145 ? -11.146 -10.176 18.264  1.00 35.14 ? 145  LYS A CE  1 
ATOM   1141 N  NZ  . LYS A 1 145 ? -11.789 -9.455  17.115  1.00 35.67 ? 145  LYS A NZ  1 
ATOM   1142 N  N   . THR A 1 146 ? -7.656  -15.614 15.187  1.00 34.24 ? 146  THR A N   1 
ATOM   1143 C  CA  . THR A 1 146 ? -6.459  -16.461 15.269  1.00 34.94 ? 146  THR A CA  1 
ATOM   1144 C  C   . THR A 1 146 ? -6.221  -17.255 13.999  1.00 35.48 ? 146  THR A C   1 
ATOM   1145 O  O   . THR A 1 146 ? -7.166  -17.741 13.374  1.00 36.72 ? 146  THR A O   1 
ATOM   1146 C  CB  . THR A 1 146 ? -6.540  -17.451 16.424  1.00 35.24 ? 146  THR A CB  1 
ATOM   1147 O  OG1 . THR A 1 146 ? -7.570  -18.411 16.157  1.00 36.81 ? 146  THR A OG1 1 
ATOM   1148 C  CG2 . THR A 1 146 ? -6.833  -16.722 17.721  1.00 36.30 ? 146  THR A CG2 1 
ATOM   1149 N  N   . ASP A 1 147 ? -4.940  -17.407 13.666  1.00 35.46 ? 147  ASP A N   1 
ATOM   1150 C  CA  . ASP A 1 147 ? -4.479  -17.969 12.412  0.70 34.87 ? 147  ASP A CA  1 
ATOM   1151 C  C   . ASP A 1 147 ? -4.834  -16.963 11.307  1.00 34.51 ? 147  ASP A C   1 
ATOM   1152 O  O   . ASP A 1 147 ? -4.252  -15.867 11.244  0.70 34.92 ? 147  ASP A O   1 
ATOM   1153 C  CB  . ASP A 1 147 ? -5.066  -19.377 12.165  1.00 35.67 ? 147  ASP A CB  1 
ATOM   1154 C  CG  . ASP A 1 147 ? -4.684  -20.389 13.245  0.70 37.22 ? 147  ASP A CG  1 
ATOM   1155 O  OD1 . ASP A 1 147 ? -3.799  -20.115 14.088  0.70 38.99 ? 147  ASP A OD1 1 
ATOM   1156 O  OD2 . ASP A 1 147 ? -5.283  -21.485 13.234  1.00 41.37 ? 147  ASP A OD2 1 
ATOM   1157 N  N   . GLU A 1 148 ? -5.792  -17.321 10.462  1.00 33.19 ? 148  GLU A N   1 
ATOM   1158 C  CA  . GLU A 1 148 ? -6.271  -16.453 9.406   1.00 31.88 ? 148  GLU A CA  1 
ATOM   1159 C  C   . GLU A 1 148 ? -7.393  -15.573 9.969   1.00 29.90 ? 148  GLU A C   1 
ATOM   1160 O  O   . GLU A 1 148 ? -8.331  -16.072 10.593  1.00 29.96 ? 148  GLU A O   1 
ATOM   1161 C  CB  . GLU A 1 148 ? -6.773  -17.323 8.256   1.00 32.50 ? 148  GLU A CB  1 
ATOM   1162 C  CG  . GLU A 1 148 ? -7.161  -16.591 6.993   1.00 32.95 ? 148  GLU A CG  1 
ATOM   1163 C  CD  . GLU A 1 148 ? -7.643  -17.554 5.925   1.00 33.59 ? 148  GLU A CD  1 
ATOM   1164 O  OE1 . GLU A 1 148 ? -7.588  -18.778 6.157   1.00 38.20 ? 148  GLU A OE1 1 
ATOM   1165 O  OE2 . GLU A 1 148 ? -8.076  -17.113 4.853   1.00 33.39 ? 148  GLU A OE2 1 
ATOM   1166 N  N   . THR A 1 149 ? -7.258  -14.266 9.789   1.00 28.02 ? 149  THR A N   1 
ATOM   1167 C  CA  . THR A 1 149 ? -8.275  -13.324 10.230  1.00 26.83 ? 149  THR A CA  1 
ATOM   1168 C  C   . THR A 1 149 ? -9.429  -13.366 9.248   1.00 24.37 ? 149  THR A C   1 
ATOM   1169 O  O   . THR A 1 149 ? -9.211  -13.422 8.055   1.00 24.19 ? 149  THR A O   1 
ATOM   1170 C  CB  . THR A 1 149 ? -7.763  -11.861 10.305  1.00 26.13 ? 149  THR A CB  1 
ATOM   1171 O  OG1 . THR A 1 149 ? -6.924  -11.572 9.175   0.70 26.61 ? 149  THR A OG1 1 
ATOM   1172 C  CG2 . THR A 1 149 ? -6.995  -11.621 11.585  1.00 28.34 ? 149  THR A CG2 1 
ATOM   1173 N  N   . VAL A 1 150 ? -10.646 -13.355 9.761   1.00 22.01 ? 150  VAL A N   1 
ATOM   1174 C  CA  . VAL A 1 150 ? -11.830 -13.321 8.925   1.00 21.27 ? 150  VAL A CA  1 
ATOM   1175 C  C   . VAL A 1 150 ? -12.728 -12.145 9.335   1.00 21.04 ? 150  VAL A C   1 
ATOM   1176 O  O   . VAL A 1 150 ? -13.082 -11.997 10.501  1.00 20.87 ? 150  VAL A O   1 
ATOM   1177 C  CB  . VAL A 1 150 ? -12.617 -14.653 8.982   1.00 21.28 ? 150  VAL A CB  1 
ATOM   1178 C  CG1 . VAL A 1 150 ? -13.799 -14.594 8.038   1.00 20.92 ? 150  VAL A CG1 1 
ATOM   1179 C  CG2 . VAL A 1 150 ? -11.691 -15.821 8.605   1.00 20.71 ? 150  VAL A CG2 1 
ATOM   1180 N  N   . TYR A 1 151 ? -13.065 -11.321 8.346   1.00 20.96 ? 151  TYR A N   1 
ATOM   1181 C  CA  . TYR A 1 151 ? -13.855 -10.093 8.511   1.00 20.49 ? 151  TYR A CA  1 
ATOM   1182 C  C   . TYR A 1 151 ? -15.230 -10.316 7.912   1.00 20.52 ? 151  TYR A C   1 
ATOM   1183 O  O   . TYR A 1 151 ? -15.340 -10.898 6.845   1.00 20.63 ? 151  TYR A O   1 
ATOM   1184 C  CB  . TYR A 1 151 ? -13.164 -8.926  7.771   1.00 19.85 ? 151  TYR A CB  1 
ATOM   1185 C  CG  . TYR A 1 151 ? -11.840 -8.563  8.395   1.00 19.45 ? 151  TYR A CG  1 
ATOM   1186 C  CD1 . TYR A 1 151 ? -11.771 -7.604  9.395   1.00 20.11 ? 151  TYR A CD1 1 
ATOM   1187 C  CD2 . TYR A 1 151 ? -10.667 -9.234  8.052   1.00 20.81 ? 151  TYR A CD2 1 
ATOM   1188 C  CE1 . TYR A 1 151 ? -10.553 -7.299  10.021  1.00 19.71 ? 151  TYR A CE1 1 
ATOM   1189 C  CE2 . TYR A 1 151 ? -9.449  -8.935  8.676   1.00 19.23 ? 151  TYR A CE2 1 
ATOM   1190 C  CZ  . TYR A 1 151 ? -9.403  -7.958  9.652   1.00 18.39 ? 151  TYR A CZ  1 
ATOM   1191 O  OH  . TYR A 1 151 ? -8.207  -7.668  10.289  1.00 18.82 ? 151  TYR A OH  1 
ATOM   1192 N  N   . LEU A 1 152 ? -16.263 -9.828  8.592   1.00 20.69 ? 152  LEU A N   1 
ATOM   1193 C  CA  . LEU A 1 152 ? -17.629 -9.895  8.089   1.00 20.33 ? 152  LEU A CA  1 
ATOM   1194 C  C   . LEU A 1 152 ? -17.870 -8.660  7.247   1.00 21.10 ? 152  LEU A C   1 
ATOM   1195 O  O   . LEU A 1 152 ? -17.725 -7.537  7.739   1.00 20.11 ? 152  LEU A O   1 
ATOM   1196 C  CB  . LEU A 1 152 ? -18.630 -9.943  9.246   1.00 20.70 ? 152  LEU A CB  1 
ATOM   1197 C  CG  . LEU A 1 152 ? -18.502 -11.127 10.195  1.00 20.33 ? 152  LEU A CG  1 
ATOM   1198 C  CD1 . LEU A 1 152 ? -19.457 -10.970 11.381  1.00 20.16 ? 152  LEU A CD1 1 
ATOM   1199 C  CD2 . LEU A 1 152 ? -18.762 -12.439 9.445   1.00 20.83 ? 152  LEU A CD2 1 
ATOM   1200 N  N   . THR A 1 153 ? -18.236 -8.857  5.986   1.00 21.45 ? 153  THR A N   1 
ATOM   1201 C  CA  . THR A 1 153 ? -18.444 -7.708  5.091   1.00 21.78 ? 153  THR A CA  1 
ATOM   1202 C  C   . THR A 1 153 ? -19.669 -6.886  5.517   1.00 21.58 ? 153  THR A C   1 
ATOM   1203 O  O   . THR A 1 153 ? -19.717 -5.673  5.293   1.00 21.52 ? 153  THR A O   1 
ATOM   1204 C  CB  . THR A 1 153 ? -18.480 -8.119  3.598   1.00 22.34 ? 153  THR A CB  1 
ATOM   1205 O  OG1 . THR A 1 153 ? -19.509 -9.092  3.374   1.00 23.58 ? 153  THR A OG1 1 
ATOM   1206 C  CG2 . THR A 1 153 ? -17.104 -8.668  3.153   1.00 21.81 ? 153  THR A CG2 1 
ATOM   1207 N  N   . ALA A 1 154 ? -20.626 -7.517  6.212   1.00 21.77 ? 154  ALA A N   1 
ATOM   1208 C  CA  . ALA A 1 154 ? -21.750 -6.771  6.820   1.00 22.29 ? 154  ALA A CA  1 
ATOM   1209 C  C   . ALA A 1 154 ? -21.335 -5.677  7.819   1.00 22.45 ? 154  ALA A C   1 
ATOM   1210 O  O   . ALA A 1 154 ? -22.135 -4.796  8.147   1.00 22.21 ? 154  ALA A O   1 
ATOM   1211 C  CB  . ALA A 1 154 ? -22.703 -7.749  7.509   1.00 21.64 ? 154  ALA A CB  1 
ATOM   1212 N  N   . ASN A 1 155 ? -20.112 -5.752  8.342   1.00 23.24 ? 155  ASN A N   1 
ATOM   1213 C  CA  . ASN A 1 155 ? -19.614 -4.776  9.312   1.00 24.09 ? 155  ASN A CA  1 
ATOM   1214 C  C   . ASN A 1 155 ? -18.904 -3.568  8.670   1.00 25.18 ? 155  ASN A C   1 
ATOM   1215 O  O   . ASN A 1 155 ? -18.243 -2.797  9.377   1.00 24.79 ? 155  ASN A O   1 
ATOM   1216 C  CB  . ASN A 1 155 ? -18.664 -5.454  10.315  1.00 23.94 ? 155  ASN A CB  1 
ATOM   1217 C  CG  . ASN A 1 155 ? -19.379 -6.315  11.322  1.00 24.39 ? 155  ASN A CG  1 
ATOM   1218 O  OD1 . ASN A 1 155 ? -20.611 -6.422  11.312  1.00 26.53 ? 155  ASN A OD1 1 
ATOM   1219 N  ND2 . ASN A 1 155 ? -18.611 -6.930  12.229  1.00 23.96 ? 155  ASN A ND2 1 
ATOM   1220 N  N   . ARG A 1 156 ? -19.040 -3.412  7.349   1.00 26.45 ? 156  ARG A N   1 
ATOM   1221 C  CA  . ARG A 1 156 ? -18.496 -2.256  6.622   1.00 27.91 ? 156  ARG A CA  1 
ATOM   1222 C  C   . ARG A 1 156 ? -18.693 -0.942  7.386   1.00 28.71 ? 156  ARG A C   1 
ATOM   1223 O  O   . ARG A 1 156 ? -19.816 -0.610  7.777   1.00 28.74 ? 156  ARG A O   1 
ATOM   1224 C  CB  . ARG A 1 156 ? -19.136 -2.146  5.230   1.00 27.93 ? 156  ARG A CB  1 
ATOM   1225 C  CG  . ARG A 1 156 ? -18.611 -0.987  4.376   1.00 28.40 ? 156  ARG A CG  1 
ATOM   1226 C  CD  . ARG A 1 156 ? -19.586 -0.618  3.262   1.00 30.24 ? 156  ARG A CD  1 
ATOM   1227 N  NE  . ARG A 1 156 ? -19.072 0.468   2.418   1.00 31.75 ? 156  ARG A NE  1 
ATOM   1228 C  CZ  . ARG A 1 156 ? -19.660 1.644   2.197   1.00 33.86 ? 156  ARG A CZ  1 
ATOM   1229 N  NH1 . ARG A 1 156 ? -20.826 1.977   2.752   1.00 35.76 ? 156  ARG A NH1 1 
ATOM   1230 N  NH2 . ARG A 1 156 ? -19.057 2.515   1.394   1.00 34.49 ? 156  ARG A NH2 1 
ATOM   1231 N  N   . LYS A 1 157 ? -17.575 -0.231  7.578   1.00 30.13 ? 157  LYS A N   1 
ATOM   1232 C  CA  . LYS A 1 157 ? -17.447 1.045   8.296   1.00 31.15 ? 157  LYS A CA  1 
ATOM   1233 C  C   . LYS A 1 157 ? -16.918 0.851   9.722   1.00 31.98 ? 157  LYS A C   1 
ATOM   1234 O  O   . LYS A 1 157 ? -15.700 0.718   9.930   1.00 33.19 ? 157  LYS A O   1 
ATOM   1235 C  CB  . LYS A 1 157 ? -18.734 1.862   8.295   1.00 31.79 ? 157  LYS A CB  1 
ATOM   1236 C  CG  . LYS A 1 157 ? -18.532 3.251   8.850   1.00 31.88 ? 157  LYS A CG  1 
ATOM   1237 C  CD  . LYS A 1 157 ? -19.573 4.240   8.341   1.00 33.06 ? 157  LYS A CD  1 
ATOM   1238 C  CE  . LYS A 1 157 ? -19.036 5.646   8.374   1.00 35.48 ? 157  LYS A CE  1 
ATOM   1239 N  NZ  . LYS A 1 157 ? -17.803 5.799   7.555   1.00 36.63 ? 157  LYS A NZ  1 
HETATM 1240 CL CL  . CL  B 2 .   ? 24.552  15.673  -0.595  1.00 24.21 ? 1158 CL  A CL  1 
HETATM 1241 C  C1  . GOL C 3 .   ? 9.459   20.947  7.473   1.00 27.16 ? 1159 GOL A C1  1 
HETATM 1242 O  O1  . GOL C 3 .   ? 10.359  21.989  7.822   1.00 29.31 ? 1159 GOL A O1  1 
HETATM 1243 C  C2  . GOL C 3 .   ? 9.882   19.568  7.971   1.00 28.14 ? 1159 GOL A C2  1 
HETATM 1244 O  O2  . GOL C 3 .   ? 10.999  19.642  8.830   1.00 26.34 ? 1159 GOL A O2  1 
HETATM 1245 C  C3  . GOL C 3 .   ? 8.715   18.876  8.663   1.00 27.93 ? 1159 GOL A C3  1 
HETATM 1246 O  O3  . GOL C 3 .   ? 9.006   17.517  8.907   1.00 28.32 ? 1159 GOL A O3  1 
HETATM 1247 O  O   . HOH D 4 .   ? 20.892  20.671  -4.927  1.00 28.29 ? 2001 HOH A O   1 
HETATM 1248 O  O   . HOH D 4 .   ? 25.295  20.142  -2.569  1.00 35.27 ? 2002 HOH A O   1 
HETATM 1249 O  O   . HOH D 4 .   ? 27.162  17.803  -1.511  1.00 41.16 ? 2003 HOH A O   1 
HETATM 1250 O  O   . HOH D 4 .   ? 22.896  20.969  -7.580  1.00 37.55 ? 2004 HOH A O   1 
HETATM 1251 O  O   . HOH D 4 .   ? 25.333  22.535  -4.676  1.00 59.66 ? 2005 HOH A O   1 
HETATM 1252 O  O   . HOH D 4 .   ? 24.528  -0.421  -11.647 1.00 22.21 ? 2006 HOH A O   1 
HETATM 1253 O  O   . HOH D 4 .   ? 28.554  15.797  -7.087  1.00 33.68 ? 2007 HOH A O   1 
HETATM 1254 O  O   . HOH D 4 .   ? 24.830  19.044  -10.513 1.00 29.49 ? 2008 HOH A O   1 
HETATM 1255 O  O   . HOH D 4 .   ? 20.347  16.162  -14.440 1.00 24.50 ? 2009 HOH A O   1 
HETATM 1256 O  O   . HOH D 4 .   ? 20.813  19.331  -12.601 1.00 23.30 ? 2010 HOH A O   1 
HETATM 1257 O  O   . HOH D 4 .   ? 14.518  17.868  -4.532  1.00 48.13 ? 2011 HOH A O   1 
HETATM 1258 O  O   . HOH D 4 .   ? 23.740  0.977   -9.407  1.00 27.06 ? 2012 HOH A O   1 
HETATM 1259 O  O   . HOH D 4 .   ? 9.665   3.456   -12.283 1.00 19.02 ? 2013 HOH A O   1 
HETATM 1260 O  O   . HOH D 4 .   ? 26.645  7.847   -10.041 1.00 34.67 ? 2014 HOH A O   1 
HETATM 1261 O  O   . HOH D 4 .   ? 27.657  11.866  -6.704  1.00 33.10 ? 2015 HOH A O   1 
HETATM 1262 O  O   . HOH D 4 .   ? 26.488  10.298  -10.271 1.00 45.25 ? 2016 HOH A O   1 
HETATM 1263 O  O   . HOH D 4 .   ? 12.684  17.470  -7.917  1.00 52.53 ? 2017 HOH A O   1 
HETATM 1264 O  O   . HOH D 4 .   ? 11.554  15.100  -12.328 1.00 31.57 ? 2018 HOH A O   1 
HETATM 1265 O  O   . HOH D 4 .   ? 8.302   15.512  -9.556  1.00 29.68 ? 2019 HOH A O   1 
HETATM 1266 O  O   . HOH D 4 .   ? 10.392  6.180   -12.485 1.00 25.39 ? 2020 HOH A O   1 
HETATM 1267 O  O   . HOH D 4 .   ? 3.913   15.828  -8.425  1.00 36.59 ? 2021 HOH A O   1 
HETATM 1268 O  O   . HOH D 4 .   ? 7.412   14.578  -12.260 1.00 46.19 ? 2022 HOH A O   1 
HETATM 1269 O  O   . HOH D 4 .   ? 17.115  16.945  -6.408  1.00 28.92 ? 2023 HOH A O   1 
HETATM 1270 O  O   . HOH D 4 .   ? 22.821  3.946   -8.822  1.00 34.75 ? 2024 HOH A O   1 
HETATM 1271 O  O   . HOH D 4 .   ? 22.724  4.168   -5.648  1.00 34.54 ? 2025 HOH A O   1 
HETATM 1272 O  O   . HOH D 4 .   ? -1.644  5.025   -6.571  1.00 42.37 ? 2026 HOH A O   1 
HETATM 1273 O  O   . HOH D 4 .   ? 14.422  -4.365  -3.974  1.00 32.23 ? 2027 HOH A O   1 
HETATM 1274 O  O   . HOH D 4 .   ? 10.452  -5.911  -2.143  1.00 29.64 ? 2028 HOH A O   1 
HETATM 1275 O  O   . HOH D 4 .   ? 9.076   -6.393  -0.109  1.00 30.19 ? 2029 HOH A O   1 
HETATM 1276 O  O   . HOH D 4 .   ? 8.025   -3.747  3.129   1.00 26.83 ? 2030 HOH A O   1 
HETATM 1277 O  O   . HOH D 4 .   ? 17.884  14.445  -13.276 1.00 28.08 ? 2031 HOH A O   1 
HETATM 1278 O  O   . HOH D 4 .   ? 13.589  18.626  -10.537 1.00 46.96 ? 2032 HOH A O   1 
HETATM 1279 O  O   . HOH D 4 .   ? 13.344  17.458  -12.924 1.00 50.30 ? 2033 HOH A O   1 
HETATM 1280 O  O   . HOH D 4 .   ? 11.144  15.177  -9.620  1.00 20.10 ? 2034 HOH A O   1 
HETATM 1281 O  O   . HOH D 4 .   ? 18.008  -3.231  -9.351  1.00 33.63 ? 2035 HOH A O   1 
HETATM 1282 O  O   . HOH D 4 .   ? 13.924  -6.154  -6.879  1.00 54.40 ? 2036 HOH A O   1 
HETATM 1283 O  O   . HOH D 4 .   ? 8.541   -2.066  -13.586 1.00 40.34 ? 2037 HOH A O   1 
HETATM 1284 O  O   . HOH D 4 .   ? 10.487  1.772   -13.964 1.00 21.99 ? 2038 HOH A O   1 
HETATM 1285 O  O   . HOH D 4 .   ? 11.490  8.273   -11.154 1.00 26.15 ? 2039 HOH A O   1 
HETATM 1286 O  O   . HOH D 4 .   ? 16.504  7.038   -9.270  1.00 25.65 ? 2040 HOH A O   1 
HETATM 1287 O  O   . HOH D 4 .   ? 19.375  -1.574  -10.508 1.00 25.78 ? 2041 HOH A O   1 
HETATM 1288 O  O   . HOH D 4 .   ? 6.427   14.999  -7.539  1.00 23.51 ? 2042 HOH A O   1 
HETATM 1289 O  O   . HOH D 4 .   ? 6.451   11.643  -12.818 1.00 27.82 ? 2043 HOH A O   1 
HETATM 1290 O  O   . HOH D 4 .   ? 8.487   8.669   -12.552 1.00 33.56 ? 2044 HOH A O   1 
HETATM 1291 O  O   . HOH D 4 .   ? 1.133   4.639   -6.087  1.00 20.32 ? 2045 HOH A O   1 
HETATM 1292 O  O   . HOH D 4 .   ? 7.911   -4.264  5.761   1.00 24.26 ? 2046 HOH A O   1 
HETATM 1293 O  O   . HOH D 4 .   ? 11.058  5.149   4.689   1.00 14.54 ? 2047 HOH A O   1 
HETATM 1294 O  O   . HOH D 4 .   ? 12.342  -3.787  -2.468  1.00 23.22 ? 2048 HOH A O   1 
HETATM 1295 O  O   . HOH D 4 .   ? 8.308   -0.760  2.801   1.00 14.03 ? 2049 HOH A O   1 
HETATM 1296 O  O   . HOH D 4 .   ? 6.994   -4.747  0.742   1.00 21.01 ? 2050 HOH A O   1 
HETATM 1297 O  O   . HOH D 4 .   ? -0.969  19.380  -0.385  1.00 43.42 ? 2051 HOH A O   1 
HETATM 1298 O  O   . HOH D 4 .   ? -3.392  6.713   -5.728  1.00 52.85 ? 2052 HOH A O   1 
HETATM 1299 O  O   . HOH D 4 .   ? -7.630  6.179   7.031   1.00 39.31 ? 2053 HOH A O   1 
HETATM 1300 O  O   . HOH D 4 .   ? 11.487  -1.320  2.855   1.00 39.16 ? 2054 HOH A O   1 
HETATM 1301 O  O   . HOH D 4 .   ? 8.322   -4.166  -6.985  1.00 36.02 ? 2055 HOH A O   1 
HETATM 1302 O  O   . HOH D 4 .   ? 14.053  -4.734  -10.145 1.00 47.50 ? 2056 HOH A O   1 
HETATM 1303 O  O   . HOH D 4 .   ? 15.547  -3.366  -8.409  1.00 26.55 ? 2057 HOH A O   1 
HETATM 1304 O  O   . HOH D 4 .   ? 11.470  -2.249  -12.347 1.00 25.38 ? 2058 HOH A O   1 
HETATM 1305 O  O   . HOH D 4 .   ? 12.517  0.096   -12.815 1.00 13.96 ? 2059 HOH A O   1 
HETATM 1306 O  O   . HOH D 4 .   ? 21.251  -0.631  -8.868  1.00 42.45 ? 2060 HOH A O   1 
HETATM 1307 O  O   . HOH D 4 .   ? -10.805 -14.395 -8.743  1.00 33.29 ? 2061 HOH A O   1 
HETATM 1308 O  O   . HOH D 4 .   ? 17.103  -2.718  -5.374  1.00 41.11 ? 2062 HOH A O   1 
HETATM 1309 O  O   . HOH D 4 .   ? -23.871 -10.953 5.255   1.00 47.12 ? 2063 HOH A O   1 
HETATM 1310 O  O   . HOH D 4 .   ? 21.981  1.500   -4.266  1.00 26.55 ? 2064 HOH A O   1 
HETATM 1311 O  O   . HOH D 4 .   ? 19.396  -3.444  0.223   1.00 32.22 ? 2065 HOH A O   1 
HETATM 1312 O  O   . HOH D 4 .   ? 22.506  1.207   2.631   1.00 15.79 ? 2066 HOH A O   1 
HETATM 1313 O  O   . HOH D 4 .   ? 26.509  5.981   -2.851  1.00 41.37 ? 2067 HOH A O   1 
HETATM 1314 O  O   . HOH D 4 .   ? -2.697  -9.124  -14.529 1.00 25.04 ? 2068 HOH A O   1 
HETATM 1315 O  O   . HOH D 4 .   ? -3.186  -4.522  -16.924 1.00 48.05 ? 2069 HOH A O   1 
HETATM 1316 O  O   . HOH D 4 .   ? -0.052  -5.771  -13.065 1.00 26.24 ? 2070 HOH A O   1 
HETATM 1317 O  O   . HOH D 4 .   ? -3.669  1.507   -11.854 1.00 26.76 ? 2071 HOH A O   1 
HETATM 1318 O  O   . HOH D 4 .   ? -6.538  -1.098  -15.126 1.00 33.56 ? 2072 HOH A O   1 
HETATM 1319 O  O   . HOH D 4 .   ? 10.497  2.121   5.673   1.00 35.12 ? 2073 HOH A O   1 
HETATM 1320 O  O   . HOH D 4 .   ? 13.189  6.880   5.746   1.00 19.48 ? 2074 HOH A O   1 
HETATM 1321 O  O   . HOH D 4 .   ? 6.880   -8.373  -6.611  1.00 23.93 ? 2075 HOH A O   1 
HETATM 1322 O  O   . HOH D 4 .   ? 8.003   -10.595 -2.769  1.00 31.07 ? 2076 HOH A O   1 
HETATM 1323 O  O   . HOH D 4 .   ? 8.228   -9.022  -0.190  1.00 23.78 ? 2077 HOH A O   1 
HETATM 1324 O  O   . HOH D 4 .   ? 12.398  9.028   7.566   1.00 37.80 ? 2078 HOH A O   1 
HETATM 1325 O  O   . HOH D 4 .   ? 7.653   16.272  5.803   1.00 15.71 ? 2079 HOH A O   1 
HETATM 1326 O  O   . HOH D 4 .   ? 12.674  13.294  8.461   1.00 38.47 ? 2080 HOH A O   1 
HETATM 1327 O  O   . HOH D 4 .   ? 6.378   12.282  7.826   1.00 31.81 ? 2081 HOH A O   1 
HETATM 1328 O  O   . HOH D 4 .   ? 8.683   9.523   9.860   1.00 37.02 ? 2082 HOH A O   1 
HETATM 1329 O  O   . HOH D 4 .   ? 11.309  21.811  0.355   1.00 45.12 ? 2083 HOH A O   1 
HETATM 1330 O  O   . HOH D 4 .   ? 18.066  18.760  2.752   1.00 51.80 ? 2084 HOH A O   1 
HETATM 1331 O  O   . HOH D 4 .   ? 8.876   21.363  0.999   1.00 25.63 ? 2085 HOH A O   1 
HETATM 1332 O  O   . HOH D 4 .   ? 4.864   18.404  0.501   1.00 30.18 ? 2086 HOH A O   1 
HETATM 1333 O  O   . HOH D 4 .   ? 6.010   17.276  -2.273  1.00 27.09 ? 2087 HOH A O   1 
HETATM 1334 O  O   . HOH D 4 .   ? 6.716   16.952  -5.379  1.00 25.83 ? 2088 HOH A O   1 
HETATM 1335 O  O   . HOH D 4 .   ? -26.519 -6.331  7.691   1.00 33.14 ? 2089 HOH A O   1 
HETATM 1336 O  O   . HOH D 4 .   ? 1.496   7.969   10.577  1.00 38.65 ? 2090 HOH A O   1 
HETATM 1337 O  O   . HOH D 4 .   ? 8.142   -2.061  10.502  1.00 63.88 ? 2091 HOH A O   1 
HETATM 1338 O  O   . HOH D 4 .   ? 1.204   -3.848  7.308   1.00 32.61 ? 2092 HOH A O   1 
HETATM 1339 O  O   . HOH D 4 .   ? 8.820   -2.037  6.904   1.00 41.09 ? 2093 HOH A O   1 
HETATM 1340 O  O   . HOH D 4 .   ? 8.019   1.715   3.591   1.00 34.03 ? 2094 HOH A O   1 
HETATM 1341 O  O   . HOH D 4 .   ? -0.052  16.034  -3.158  1.00 34.95 ? 2095 HOH A O   1 
HETATM 1342 O  O   . HOH D 4 .   ? -4.277  18.193  4.160   1.00 44.64 ? 2096 HOH A O   1 
HETATM 1343 O  O   . HOH D 4 .   ? -7.477  13.591  -0.699  1.00 39.14 ? 2097 HOH A O   1 
HETATM 1344 O  O   . HOH D 4 .   ? -2.438  17.587  2.001   1.00 23.67 ? 2098 HOH A O   1 
HETATM 1345 O  O   . HOH D 4 .   ? -8.263  14.902  1.218   1.00 43.14 ? 2099 HOH A O   1 
HETATM 1346 O  O   . HOH D 4 .   ? -1.104  11.273  -7.041  1.00 36.13 ? 2100 HOH A O   1 
HETATM 1347 O  O   . HOH D 4 .   ? -2.107  8.370   -4.319  1.00 35.06 ? 2101 HOH A O   1 
HETATM 1348 O  O   . HOH D 4 .   ? -4.775  5.509   7.982   1.00 43.42 ? 2102 HOH A O   1 
HETATM 1349 O  O   . HOH D 4 .   ? -9.510  8.831   1.949   1.00 36.91 ? 2103 HOH A O   1 
HETATM 1350 O  O   . HOH D 4 .   ? -6.648  11.171  7.233   1.00 45.78 ? 2104 HOH A O   1 
HETATM 1351 O  O   . HOH D 4 .   ? -9.081  8.066   -4.721  1.00 38.86 ? 2105 HOH A O   1 
HETATM 1352 O  O   . HOH D 4 .   ? -6.445  6.052   -5.886  1.00 35.37 ? 2106 HOH A O   1 
HETATM 1353 O  O   . HOH D 4 .   ? -13.736 4.533   -1.060  1.00 38.21 ? 2107 HOH A O   1 
HETATM 1354 O  O   . HOH D 4 .   ? -9.259  2.557   -7.643  1.00 43.08 ? 2108 HOH A O   1 
HETATM 1355 O  O   . HOH D 4 .   ? -15.916 -0.017  -5.862  1.00 30.28 ? 2109 HOH A O   1 
HETATM 1356 O  O   . HOH D 4 .   ? -18.567 -4.114  -1.378  1.00 23.24 ? 2110 HOH A O   1 
HETATM 1357 O  O   . HOH D 4 .   ? -21.025 -5.735  -1.233  1.00 36.10 ? 2111 HOH A O   1 
HETATM 1358 O  O   . HOH D 4 .   ? -12.799 -10.934 -8.879  1.00 29.15 ? 2112 HOH A O   1 
HETATM 1359 O  O   . HOH D 4 .   ? -13.263 -14.889 -8.169  1.00 45.42 ? 2113 HOH A O   1 
HETATM 1360 O  O   . HOH D 4 .   ? -21.317 -8.580  -0.336  1.00 26.90 ? 2114 HOH A O   1 
HETATM 1361 O  O   . HOH D 4 .   ? -19.258 -15.478 1.016   1.00 19.38 ? 2115 HOH A O   1 
HETATM 1362 O  O   . HOH D 4 .   ? -21.241 -10.304 6.344   1.00 12.95 ? 2116 HOH A O   1 
HETATM 1363 O  O   . HOH D 4 .   ? -10.324 -15.350 -3.007  1.00 36.95 ? 2117 HOH A O   1 
HETATM 1364 O  O   . HOH D 4 .   ? -17.653 -17.033 -0.102  1.00 42.99 ? 2118 HOH A O   1 
HETATM 1365 O  O   . HOH D 4 .   ? -13.923 -16.066 -3.334  1.00 37.46 ? 2119 HOH A O   1 
HETATM 1366 O  O   . HOH D 4 .   ? -8.871  -17.714 -3.213  1.00 49.57 ? 2120 HOH A O   1 
HETATM 1367 O  O   . HOH D 4 .   ? -9.697  -15.999 -5.756  1.00 41.62 ? 2121 HOH A O   1 
HETATM 1368 O  O   . HOH D 4 .   ? -4.802  -18.921 -3.397  1.00 34.87 ? 2122 HOH A O   1 
HETATM 1369 O  O   . HOH D 4 .   ? -10.408 -11.742 -8.822  1.00 17.73 ? 2123 HOH A O   1 
HETATM 1370 O  O   . HOH D 4 .   ? -2.551  -13.804 -11.297 1.00 39.19 ? 2124 HOH A O   1 
HETATM 1371 O  O   . HOH D 4 .   ? -4.333  -10.389 -12.942 1.00 27.60 ? 2125 HOH A O   1 
HETATM 1372 O  O   . HOH D 4 .   ? -5.509  -12.279 -14.297 1.00 29.96 ? 2126 HOH A O   1 
HETATM 1373 O  O   . HOH D 4 .   ? -10.817 -10.270 -13.587 1.00 35.80 ? 2127 HOH A O   1 
HETATM 1374 O  O   . HOH D 4 .   ? -10.001 -6.275  -14.114 1.00 18.47 ? 2128 HOH A O   1 
HETATM 1375 O  O   . HOH D 4 .   ? -2.760  -6.343  -14.298 1.00 20.35 ? 2129 HOH A O   1 
HETATM 1376 O  O   . HOH D 4 .   ? -11.682 -4.189  -14.369 1.00 37.00 ? 2130 HOH A O   1 
HETATM 1377 O  O   . HOH D 4 .   ? -5.662  -0.646  -12.508 1.00 20.50 ? 2131 HOH A O   1 
HETATM 1378 O  O   . HOH D 4 .   ? 2.238   -7.930  -9.555  1.00 29.33 ? 2132 HOH A O   1 
HETATM 1379 O  O   . HOH D 4 .   ? 1.194   -1.281  -11.731 1.00 35.53 ? 2133 HOH A O   1 
HETATM 1380 O  O   . HOH D 4 .   ? 5.242   -3.981  -7.700  1.00 18.38 ? 2134 HOH A O   1 
HETATM 1381 O  O   . HOH D 4 .   ? -1.082  2.055   -11.693 1.00 42.04 ? 2135 HOH A O   1 
HETATM 1382 O  O   . HOH D 4 .   ? 4.962   -6.248  0.051   1.00 27.93 ? 2136 HOH A O   1 
HETATM 1383 O  O   . HOH D 4 .   ? 4.281   -6.849  -7.688  1.00 8.99  ? 2137 HOH A O   1 
HETATM 1384 O  O   . HOH D 4 .   ? 1.796   -15.594 -6.282  1.00 36.54 ? 2138 HOH A O   1 
HETATM 1385 O  O   . HOH D 4 .   ? 1.387   -12.830 -8.588  1.00 35.06 ? 2139 HOH A O   1 
HETATM 1386 O  O   . HOH D 4 .   ? 6.176   -10.009 -4.398  1.00 23.86 ? 2140 HOH A O   1 
HETATM 1387 O  O   . HOH D 4 .   ? 4.363   -9.597  -2.505  1.00 22.28 ? 2141 HOH A O   1 
HETATM 1388 O  O   . HOH D 4 .   ? 5.813   -8.883  -0.164  1.00 25.48 ? 2142 HOH A O   1 
HETATM 1389 O  O   . HOH D 4 .   ? 1.367   -11.388 8.228   1.00 24.10 ? 2143 HOH A O   1 
HETATM 1390 O  O   . HOH D 4 .   ? 3.293   -5.337  6.382   1.00 25.80 ? 2144 HOH A O   1 
HETATM 1391 O  O   . HOH D 4 .   ? -2.548  -11.318 8.515   1.00 53.97 ? 2145 HOH A O   1 
HETATM 1392 O  O   . HOH D 4 .   ? -2.017  -5.878  9.887   1.00 25.76 ? 2146 HOH A O   1 
HETATM 1393 O  O   . HOH D 4 .   ? -0.892  -8.549  10.993  1.00 37.68 ? 2147 HOH A O   1 
HETATM 1394 O  O   . HOH D 4 .   ? -6.278  -1.163  10.373  1.00 27.15 ? 2148 HOH A O   1 
HETATM 1395 O  O   . HOH D 4 .   ? -3.499  3.311   8.939   1.00 37.84 ? 2149 HOH A O   1 
HETATM 1396 O  O   . HOH D 4 .   ? -3.111  -3.690  11.216  1.00 30.38 ? 2150 HOH A O   1 
HETATM 1397 O  O   . HOH D 4 .   ? -10.122 -0.280  12.237  1.00 30.37 ? 2151 HOH A O   1 
HETATM 1398 O  O   . HOH D 4 .   ? -5.905  -8.396  13.251  1.00 34.31 ? 2152 HOH A O   1 
HETATM 1399 O  O   . HOH D 4 .   ? -3.843  -4.801  15.723  1.00 56.61 ? 2153 HOH A O   1 
HETATM 1400 O  O   . HOH D 4 .   ? -11.240 2.945   10.043  1.00 30.99 ? 2154 HOH A O   1 
HETATM 1401 O  O   . HOH D 4 .   ? -15.590 1.794   4.808   1.00 49.02 ? 2155 HOH A O   1 
HETATM 1402 O  O   . HOH D 4 .   ? -17.725 -4.160  1.154   1.00 19.30 ? 2156 HOH A O   1 
HETATM 1403 O  O   . HOH D 4 .   ? -15.872 -6.177  12.063  1.00 16.18 ? 2157 HOH A O   1 
HETATM 1404 O  O   . HOH D 4 .   ? -7.180  -2.604  15.593  1.00 22.83 ? 2158 HOH A O   1 
HETATM 1405 O  O   . HOH D 4 .   ? -8.961  -8.079  17.053  1.00 36.56 ? 2159 HOH A O   1 
HETATM 1406 O  O   . HOH D 4 .   ? -10.322 -1.638  14.283  1.00 34.46 ? 2160 HOH A O   1 
HETATM 1407 O  O   . HOH D 4 .   ? -21.096 -15.465 17.073  1.00 27.77 ? 2161 HOH A O   1 
HETATM 1408 O  O   . HOH D 4 .   ? -15.271 -13.164 17.727  1.00 26.27 ? 2162 HOH A O   1 
HETATM 1409 O  O   . HOH D 4 .   ? -12.733 -14.126 17.401  1.00 48.34 ? 2163 HOH A O   1 
HETATM 1410 O  O   . HOH D 4 .   ? -8.681  -19.290 12.840  1.00 45.98 ? 2164 HOH A O   1 
HETATM 1411 O  O   . HOH D 4 .   ? -1.972  -15.444 13.889  1.00 57.37 ? 2165 HOH A O   1 
HETATM 1412 O  O   . HOH D 4 .   ? -9.194  -18.499 10.441  1.00 29.90 ? 2166 HOH A O   1 
HETATM 1413 O  O   . HOH D 4 .   ? -5.981  -20.804 7.709   1.00 49.65 ? 2167 HOH A O   1 
HETATM 1414 O  O   . HOH D 4 .   ? -15.811 -8.843  11.173  1.00 18.54 ? 2168 HOH A O   1 
HETATM 1415 O  O   . HOH D 4 .   ? -19.921 -4.681  2.679   1.00 19.77 ? 2169 HOH A O   1 
HETATM 1416 O  O   . HOH D 4 .   ? -22.468 -8.826  3.547   1.00 33.31 ? 2170 HOH A O   1 
HETATM 1417 O  O   . HOH D 4 .   ? -24.713 -4.699  9.099   1.00 25.49 ? 2171 HOH A O   1 
HETATM 1418 O  O   . HOH D 4 .   ? -22.151 -7.840  12.803  1.00 41.11 ? 2172 HOH A O   1 
HETATM 1419 O  O   . HOH D 4 .   ? -22.140 -1.923  8.318   1.00 19.35 ? 2173 HOH A O   1 
HETATM 1420 O  O   . HOH D 4 .   ? -18.438 4.393   5.169   1.00 47.16 ? 2174 HOH A O   1 
HETATM 1421 O  O   . HOH D 4 .   ? -14.835 5.538   8.357   1.00 41.98 ? 2175 HOH A O   1 
HETATM 1422 O  O   . HOH D 4 .   ? -18.663 8.790   7.800   1.00 51.62 ? 2176 HOH A O   1 
HETATM 1423 O  O   . HOH D 4 .   ? 12.765  21.748  7.009   1.00 29.86 ? 2177 HOH A O   1 
HETATM 1424 O  O   . HOH D 4 .   ? 6.447   15.811  8.145   1.00 34.86 ? 2178 HOH A O   1 
HETATM 1425 O  O   . HOH D 4 .   ? 11.670  19.043  11.558  1.00 42.12 ? 2179 HOH A O   1 
# 
